data_7X5Q
#
_entry.id   7X5Q
#
_cell.length_a   85.085
_cell.length_b   182.602
_cell.length_c   196.808
_cell.angle_alpha   90.000
_cell.angle_beta   90.000
_cell.angle_gamma   90.000
#
_symmetry.space_group_name_H-M   'P 21 21 21'
#
loop_
_entity.id
_entity.type
_entity.pdbx_description
1 polymer Chitoporin
2 polymer ASP-GLY-ALA-ASN-SER-ASP
3 non-polymer (HYDROXYETHYLOXY)TRI(ETHYLOXY)OCTANE
4 non-polymer 'SODIUM ION'
5 water water
#
loop_
_entity_poly.entity_id
_entity_poly.type
_entity_poly.pdbx_seq_one_letter_code
_entity_poly.pdbx_strand_id
1 'polypeptide(L)'
;EVYGIIAMQAAYRDYDSGDAKQDDNLGGMQLNNESRIGFRGKKQFANFEPTFIWQIEGGYVDPSFGGEGAGLGERDTFVG
FESASWGQVRLGRVLTPMYELVDWPASNPGLGDVYDWGGAIGGAKYQDRQSNTIRWDSPMYADKFSIDAAVGAGDKAGLG
AGDDYWGGIAAHYKLGPLQLDAAYEGNRNIEAEGQTWENNTYLVGVQGWFENGISFFAQYKYMEADASNGVNEKQDAMSA
GLMYTTGDWQYKLGYAANFDLERDGKTLSNTSDDVVSAQIMYFVDPSAVLYARARMNDFNEGLDGLDDAARWTSGTNGDY
NEYSVGVEYYF
;
A,B,C,D,E,F
2 'polypeptide(L)' DGANSD H
#
loop_
_chem_comp.id
_chem_comp.type
_chem_comp.name
_chem_comp.formula
C8E non-polymer (HYDROXYETHYLOXY)TRI(ETHYLOXY)OCTANE 'C16 H34 O5'
NA non-polymer 'SODIUM ION' 'Na 1'
#
# COMPACT_ATOMS: atom_id res chain seq x y z
N GLU A 1 -4.91 -4.16 64.34
CA GLU A 1 -6.25 -4.23 63.79
C GLU A 1 -6.31 -5.15 62.56
N VAL A 2 -7.43 -5.86 62.39
CA VAL A 2 -7.70 -6.67 61.19
C VAL A 2 -8.60 -5.90 60.24
N TYR A 3 -8.29 -5.97 58.97
CA TYR A 3 -9.11 -5.35 57.95
C TYR A 3 -9.13 -6.29 56.76
N GLY A 4 -10.14 -6.11 55.93
CA GLY A 4 -10.27 -6.95 54.77
C GLY A 4 -11.06 -6.25 53.68
N ILE A 5 -10.89 -6.74 52.48
CA ILE A 5 -11.73 -6.42 51.35
C ILE A 5 -12.24 -7.75 50.82
N ILE A 6 -13.55 -7.96 50.88
CA ILE A 6 -14.14 -9.17 50.33
C ILE A 6 -14.65 -8.80 48.95
N ALA A 7 -14.04 -9.40 47.91
CA ALA A 7 -14.26 -8.97 46.54
C ALA A 7 -14.37 -10.19 45.63
N MET A 8 -15.53 -10.34 45.00
CA MET A 8 -15.84 -11.45 44.12
C MET A 8 -16.33 -10.90 42.79
N GLN A 9 -15.82 -11.42 41.69
CA GLN A 9 -16.26 -10.97 40.39
C GLN A 9 -16.49 -12.19 39.52
N ALA A 10 -17.69 -12.33 38.99
CA ALA A 10 -18.01 -13.39 38.06
C ALA A 10 -17.85 -12.82 36.66
N ALA A 11 -16.88 -13.33 35.90
CA ALA A 11 -16.49 -12.74 34.62
C ALA A 11 -16.49 -13.78 33.50
N TYR A 12 -17.17 -13.46 32.40
CA TYR A 12 -17.12 -14.25 31.17
C TYR A 12 -16.23 -13.58 30.12
N ARG A 13 -15.27 -14.33 29.59
CA ARG A 13 -14.39 -13.81 28.56
C ARG A 13 -14.61 -14.55 27.24
N ASP A 14 -14.81 -13.78 26.17
CA ASP A 14 -14.87 -14.29 24.80
C ASP A 14 -13.61 -13.82 24.08
N TYR A 15 -12.73 -14.76 23.72
CA TYR A 15 -11.47 -14.42 23.07
C TYR A 15 -11.53 -14.57 21.57
N ASP A 16 -10.61 -13.85 20.90
CA ASP A 16 -10.40 -13.91 19.46
C ASP A 16 -8.90 -13.72 19.23
N SER A 17 -8.17 -14.82 19.39
CA SER A 17 -6.71 -14.81 19.34
C SER A 17 -6.16 -15.30 18.00
N GLY A 18 -7.02 -15.83 17.13
CA GLY A 18 -6.62 -16.49 15.91
C GLY A 18 -6.47 -18.00 16.00
N ASP A 19 -6.65 -18.60 17.18
CA ASP A 19 -6.65 -20.05 17.35
C ASP A 19 -7.89 -20.43 18.15
N ALA A 20 -8.74 -21.28 17.58
CA ALA A 20 -9.97 -21.67 18.27
C ALA A 20 -9.71 -22.39 19.60
N LYS A 21 -8.70 -23.26 19.66
CA LYS A 21 -8.45 -23.97 20.92
C LYS A 21 -8.04 -23.01 22.03
N GLN A 22 -7.09 -22.13 21.73
CA GLN A 22 -6.71 -21.13 22.72
C GLN A 22 -7.90 -20.27 23.12
N ASP A 23 -8.70 -19.83 22.14
CA ASP A 23 -9.93 -19.09 22.43
C ASP A 23 -10.80 -19.85 23.40
N ASP A 24 -10.86 -21.17 23.24
CA ASP A 24 -11.65 -21.98 24.14
C ASP A 24 -10.99 -22.07 25.52
N ASN A 25 -9.66 -22.17 25.56
CA ASN A 25 -8.97 -22.36 26.83
C ASN A 25 -9.07 -21.09 27.69
N LEU A 26 -8.61 -19.96 27.14
CA LEU A 26 -8.56 -18.70 27.89
C LEU A 26 -9.96 -18.18 28.20
N GLY A 27 -10.92 -18.42 27.33
CA GLY A 27 -12.27 -17.94 27.53
C GLY A 27 -13.09 -18.89 28.38
N GLY A 28 -14.30 -18.45 28.67
CA GLY A 28 -15.22 -19.16 29.53
C GLY A 28 -15.53 -18.36 30.79
N MET A 29 -16.35 -18.96 31.64
CA MET A 29 -16.71 -18.35 32.90
C MET A 29 -15.65 -18.66 33.95
N GLN A 30 -15.23 -17.64 34.70
CA GLN A 30 -14.32 -17.82 35.83
C GLN A 30 -14.77 -16.94 36.98
N LEU A 31 -14.37 -17.33 38.18
CA LEU A 31 -14.54 -16.48 39.35
C LEU A 31 -13.21 -15.87 39.72
N ASN A 32 -13.19 -14.55 39.84
CA ASN A 32 -12.00 -13.79 40.21
C ASN A 32 -12.14 -13.30 41.65
N ASN A 33 -11.56 -14.05 42.57
CA ASN A 33 -11.69 -13.77 44.00
C ASN A 33 -10.53 -12.91 44.45
N GLU A 34 -10.75 -11.61 44.53
CA GLU A 34 -9.70 -10.67 44.93
C GLU A 34 -9.79 -10.33 46.41
N SER A 35 -10.42 -11.18 47.21
CA SER A 35 -10.46 -10.97 48.66
C SER A 35 -9.05 -11.02 49.26
N ARG A 36 -8.85 -10.20 50.30
CA ARG A 36 -7.59 -10.17 51.03
C ARG A 36 -7.89 -9.74 52.46
N ILE A 37 -7.09 -10.22 53.39
CA ILE A 37 -7.15 -9.89 54.81
C ILE A 37 -5.86 -9.15 55.11
N GLY A 38 -5.91 -8.21 56.04
CA GLY A 38 -4.70 -7.50 56.42
C GLY A 38 -4.66 -7.15 57.90
N PHE A 39 -3.46 -6.86 58.37
CA PHE A 39 -3.27 -6.32 59.71
C PHE A 39 -2.46 -5.04 59.63
N ARG A 40 -2.82 -4.08 60.48
CA ARG A 40 -2.12 -2.81 60.57
C ARG A 40 -2.31 -2.24 61.97
N GLY A 41 -1.42 -1.31 62.33
CA GLY A 41 -1.51 -0.70 63.64
C GLY A 41 -0.63 0.53 63.70
N LYS A 42 -0.90 1.37 64.69
CA LYS A 42 -0.06 2.50 65.02
C LYS A 42 0.52 2.30 66.42
N LYS A 43 1.58 3.04 66.75
CA LYS A 43 2.19 2.95 68.07
C LYS A 43 3.04 4.18 68.32
N GLN A 44 2.81 4.84 69.46
CA GLN A 44 3.58 6.00 69.87
C GLN A 44 4.76 5.54 70.72
N PHE A 45 5.96 5.58 70.16
CA PHE A 45 7.13 5.21 70.94
C PHE A 45 7.38 6.26 72.03
N ALA A 46 7.84 5.80 73.20
CA ALA A 46 8.12 6.75 74.28
C ALA A 46 9.24 7.71 73.93
N ASN A 47 10.20 7.28 73.13
CA ASN A 47 11.39 8.07 72.84
C ASN A 47 11.47 8.44 71.37
N PHE A 48 10.32 8.63 70.72
CA PHE A 48 10.33 9.08 69.32
C PHE A 48 9.00 9.75 69.02
N GLU A 49 9.04 11.04 68.70
CA GLU A 49 7.83 11.83 68.51
C GLU A 49 6.97 11.32 67.35
N PRO A 50 7.49 11.09 66.14
CA PRO A 50 6.62 10.62 65.06
C PRO A 50 6.03 9.25 65.40
N THR A 51 4.75 9.09 65.04
CA THR A 51 4.02 7.87 65.38
C THR A 51 4.46 6.71 64.50
N PHE A 52 4.71 5.56 65.13
CA PHE A 52 5.08 4.37 64.38
C PHE A 52 3.83 3.79 63.72
N ILE A 53 3.97 3.40 62.45
CA ILE A 53 2.88 2.77 61.72
C ILE A 53 3.43 1.53 61.01
N TRP A 54 2.54 0.56 60.77
CA TRP A 54 2.88 -0.68 60.07
C TRP A 54 1.63 -1.31 59.50
N GLN A 55 1.81 -2.06 58.41
CA GLN A 55 0.72 -2.79 57.79
C GLN A 55 1.29 -4.02 57.11
N ILE A 56 0.51 -5.10 57.12
CA ILE A 56 0.83 -6.36 56.46
C ILE A 56 -0.41 -6.84 55.74
N GLU A 57 -0.41 -6.78 54.41
CA GLU A 57 -1.59 -7.15 53.65
C GLU A 57 -1.36 -8.43 52.87
N GLY A 58 -2.36 -9.32 52.88
CA GLY A 58 -2.29 -10.53 52.09
C GLY A 58 -2.70 -10.28 50.64
N GLY A 59 -2.41 -11.27 49.78
CA GLY A 59 -2.76 -11.18 48.38
C GLY A 59 -4.17 -11.64 48.09
N TYR A 60 -4.55 -11.55 46.82
CA TYR A 60 -5.85 -12.07 46.40
C TYR A 60 -5.91 -13.56 46.73
N VAL A 61 -6.94 -13.97 47.45
CA VAL A 61 -7.00 -15.36 47.92
C VAL A 61 -7.34 -16.35 46.79
N ASP A 62 -7.95 -15.90 45.69
CA ASP A 62 -8.22 -16.82 44.57
C ASP A 62 -8.53 -16.09 43.25
N PRO A 63 -7.54 -15.44 42.65
CA PRO A 63 -7.79 -14.68 41.41
C PRO A 63 -8.06 -15.60 40.24
N SER A 64 -8.77 -15.07 39.25
CA SER A 64 -8.96 -15.84 38.04
C SER A 64 -7.61 -16.08 37.36
N PHE A 65 -7.50 -17.21 36.64
CA PHE A 65 -6.29 -17.66 35.95
C PHE A 65 -5.14 -17.99 36.90
N GLY A 66 -5.40 -18.15 38.18
CA GLY A 66 -4.35 -18.53 39.10
C GLY A 66 -4.87 -19.58 40.06
N GLY A 67 -3.94 -20.25 40.73
CA GLY A 67 -4.32 -21.18 41.77
C GLY A 67 -4.78 -20.46 43.03
N GLU A 68 -5.29 -21.24 43.97
CA GLU A 68 -5.84 -20.65 45.20
C GLU A 68 -4.74 -20.37 46.21
N GLY A 69 -5.02 -19.42 47.09
CA GLY A 69 -4.11 -19.20 48.21
C GLY A 69 -3.13 -18.06 48.03
N ALA A 70 -3.00 -17.26 49.07
CA ALA A 70 -2.12 -16.11 49.10
C ALA A 70 -1.43 -15.99 50.45
N GLY A 71 -0.23 -15.43 50.46
CA GLY A 71 0.54 -15.22 51.67
C GLY A 71 0.37 -13.85 52.28
N LEU A 72 0.71 -13.74 53.56
CA LEU A 72 0.75 -12.43 54.19
C LEU A 72 1.97 -11.71 53.70
N GLY A 73 1.77 -10.48 53.19
CA GLY A 73 2.86 -9.66 52.67
C GLY A 73 2.85 -9.48 51.17
N GLU A 74 1.95 -10.11 50.43
CA GLU A 74 1.98 -10.01 48.98
C GLU A 74 1.54 -8.62 48.51
N ARG A 75 0.72 -7.91 49.31
CA ARG A 75 0.30 -6.56 48.95
C ARG A 75 0.98 -5.55 49.89
N ASP A 76 0.40 -4.35 49.99
CA ASP A 76 1.04 -3.26 50.73
C ASP A 76 1.43 -3.67 52.13
N THR A 77 2.74 -3.78 52.36
CA THR A 77 3.30 -4.26 53.62
C THR A 77 4.50 -3.41 53.96
N PHE A 78 4.50 -2.78 55.12
CA PHE A 78 5.49 -1.73 55.36
C PHE A 78 5.60 -1.39 56.85
N VAL A 79 6.67 -0.66 57.18
CA VAL A 79 6.74 0.13 58.40
C VAL A 79 6.89 1.58 57.99
N GLY A 80 6.71 2.47 58.96
CA GLY A 80 6.87 3.88 58.67
C GLY A 80 6.62 4.71 59.90
N PHE A 81 6.73 6.01 59.71
CA PHE A 81 6.46 6.97 60.77
C PHE A 81 5.59 8.09 60.20
N GLU A 82 4.80 8.68 61.07
CA GLU A 82 3.92 9.78 60.70
C GLU A 82 4.12 10.94 61.65
N SER A 83 4.00 12.14 61.11
CA SER A 83 3.91 13.37 61.88
C SER A 83 2.87 14.23 61.19
N ALA A 84 2.15 15.02 61.96
CA ALA A 84 1.21 15.93 61.34
C ALA A 84 1.95 16.97 60.49
N SER A 85 3.18 17.31 60.88
CA SER A 85 3.90 18.42 60.24
C SER A 85 4.54 18.04 58.89
N TRP A 86 5.24 16.89 58.81
CA TRP A 86 5.97 16.56 57.60
C TRP A 86 5.41 15.36 56.84
N GLY A 87 4.18 14.93 57.16
CA GLY A 87 3.55 13.87 56.39
C GLY A 87 3.83 12.47 56.91
N GLN A 88 4.07 11.51 56.02
CA GLN A 88 4.38 10.16 56.46
C GLN A 88 5.45 9.55 55.58
N VAL A 89 6.37 8.81 56.20
CA VAL A 89 7.41 8.06 55.49
C VAL A 89 7.13 6.57 55.67
N ARG A 90 7.27 5.81 54.59
CA ARG A 90 7.00 4.39 54.61
C ARG A 90 8.18 3.67 54.00
N LEU A 91 8.61 2.61 54.67
CA LEU A 91 9.67 1.75 54.18
C LEU A 91 9.06 0.39 53.92
N GLY A 92 9.32 -0.17 52.75
CA GLY A 92 8.86 -1.51 52.48
C GLY A 92 8.27 -1.74 51.10
N ARG A 93 7.05 -2.26 51.06
CA ARG A 93 6.41 -2.62 49.81
C ARG A 93 5.15 -1.77 49.63
N VAL A 94 5.20 -0.82 48.70
CA VAL A 94 4.13 0.15 48.50
C VAL A 94 3.93 0.37 47.00
N LEU A 95 2.87 1.08 46.65
CA LEU A 95 2.66 1.51 45.27
C LEU A 95 3.58 2.69 44.97
N THR A 96 4.16 2.70 43.77
CA THR A 96 4.97 3.83 43.36
C THR A 96 4.08 5.03 43.09
N PRO A 97 4.59 6.24 43.37
CA PRO A 97 3.79 7.46 43.16
C PRO A 97 3.11 7.55 41.82
N MET A 98 3.77 7.08 40.75
CA MET A 98 3.13 7.08 39.45
C MET A 98 2.10 5.98 39.33
N TYR A 99 2.49 4.75 39.67
CA TYR A 99 1.58 3.62 39.48
C TYR A 99 0.26 3.85 40.20
N GLU A 100 0.32 4.45 41.40
CA GLU A 100 -0.89 4.71 42.17
C GLU A 100 -1.90 5.53 41.38
N LEU A 101 -1.41 6.47 40.54
CA LEU A 101 -2.28 7.28 39.68
C LEU A 101 -2.72 6.51 38.44
N VAL A 102 -1.82 5.67 37.91
CA VAL A 102 -2.17 4.80 36.79
C VAL A 102 -3.32 3.89 37.18
N ASP A 103 -3.27 3.34 38.39
CA ASP A 103 -4.26 2.37 38.83
C ASP A 103 -5.59 3.05 39.15
N TRP A 104 -5.55 4.09 39.97
CA TRP A 104 -6.71 4.89 40.32
C TRP A 104 -6.47 6.35 40.01
N PRO A 105 -7.35 6.98 39.24
CA PRO A 105 -8.58 6.35 38.74
C PRO A 105 -8.43 5.66 37.37
N ALA A 106 -7.24 5.72 36.79
CA ALA A 106 -7.11 5.56 35.34
C ALA A 106 -7.26 4.12 34.87
N SER A 107 -7.26 3.13 35.76
CA SER A 107 -7.43 1.75 35.33
C SER A 107 -8.84 1.25 35.53
N ASN A 108 -9.70 2.05 36.09
CA ASN A 108 -11.07 1.64 36.36
C ASN A 108 -12.01 2.27 35.34
N PRO A 109 -12.96 1.52 34.74
CA PRO A 109 -13.26 0.11 35.04
C PRO A 109 -12.73 -0.89 34.02
N GLY A 110 -11.80 -1.75 34.44
CA GLY A 110 -11.29 -2.78 33.57
C GLY A 110 -10.49 -2.27 32.38
N LEU A 111 -9.89 -1.09 32.51
CA LEU A 111 -8.99 -0.53 31.54
C LEU A 111 -7.57 -0.96 31.80
N GLY A 112 -7.39 -1.86 32.77
CA GLY A 112 -6.04 -2.17 33.23
C GLY A 112 -5.22 -2.92 32.21
N ASP A 113 -5.85 -3.83 31.46
CA ASP A 113 -5.15 -4.58 30.43
C ASP A 113 -4.45 -3.66 29.46
N VAL A 114 -5.03 -2.49 29.20
CA VAL A 114 -4.43 -1.55 28.28
C VAL A 114 -3.54 -0.58 28.99
N TYR A 115 -4.08 0.07 30.05
CA TYR A 115 -3.41 1.22 30.61
C TYR A 115 -2.49 0.90 31.78
N ASP A 116 -2.69 -0.24 32.45
CA ASP A 116 -1.90 -0.57 33.62
C ASP A 116 -0.60 -1.28 33.22
N TRP A 117 -0.68 -2.56 32.86
CA TRP A 117 0.48 -3.34 32.43
C TRP A 117 0.51 -3.56 30.92
N GLY A 118 -0.44 -2.99 30.17
CA GLY A 118 -0.37 -3.03 28.73
C GLY A 118 0.69 -2.09 28.18
N GLY A 119 0.92 -2.17 26.87
CA GLY A 119 1.99 -1.37 26.28
C GLY A 119 3.08 -2.26 25.70
N ALA A 120 3.91 -1.72 24.79
CA ALA A 120 4.91 -2.55 24.15
C ALA A 120 6.33 -2.15 24.48
N ILE A 121 6.54 -1.06 25.23
CA ILE A 121 7.90 -0.55 25.39
C ILE A 121 8.77 -1.56 26.14
N GLY A 122 10.07 -1.51 25.87
CA GLY A 122 11.03 -2.36 26.54
C GLY A 122 11.48 -1.79 27.86
N GLY A 123 12.24 -2.59 28.61
CA GLY A 123 12.61 -2.17 29.95
C GLY A 123 11.40 -2.28 30.86
N ALA A 124 11.18 -1.26 31.69
CA ALA A 124 10.08 -1.23 32.66
C ALA A 124 9.46 0.16 32.68
N LYS A 125 8.31 0.33 32.02
CA LYS A 125 7.68 1.64 31.97
C LYS A 125 7.56 2.24 33.37
N TYR A 126 7.15 1.43 34.34
CA TYR A 126 7.17 1.81 35.75
C TYR A 126 7.00 0.53 36.55
N GLN A 127 7.34 0.61 37.82
CA GLN A 127 6.96 -0.44 38.74
C GLN A 127 5.53 -0.18 39.20
N ASP A 128 4.89 -1.19 39.80
CA ASP A 128 3.52 -1.02 40.29
C ASP A 128 3.58 -1.08 41.80
N ARG A 129 3.32 -2.23 42.41
CA ARG A 129 3.62 -2.41 43.83
C ARG A 129 5.04 -2.93 43.89
N GLN A 130 5.90 -2.25 44.65
CA GLN A 130 7.31 -2.58 44.65
C GLN A 130 7.82 -2.75 46.07
N SER A 131 8.51 -3.87 46.30
CA SER A 131 9.21 -4.12 47.56
C SER A 131 10.51 -3.32 47.62
N ASN A 132 11.12 -3.33 48.81
CA ASN A 132 12.42 -2.70 49.00
C ASN A 132 12.35 -1.23 48.57
N THR A 133 11.32 -0.54 49.04
CA THR A 133 10.96 0.83 48.64
C THR A 133 10.84 1.72 49.87
N ILE A 134 11.24 2.98 49.71
CA ILE A 134 10.95 4.04 50.68
C ILE A 134 10.08 5.10 49.98
N ARG A 135 8.98 5.48 50.63
CA ARG A 135 8.05 6.44 50.03
C ARG A 135 7.61 7.50 51.03
N TRP A 136 7.70 8.77 50.62
CA TRP A 136 7.26 9.90 51.42
C TRP A 136 5.95 10.43 50.86
N ASP A 137 4.97 10.64 51.74
CA ASP A 137 3.71 11.29 51.38
C ASP A 137 3.63 12.60 52.17
N SER A 138 3.71 13.72 51.45
CA SER A 138 3.56 15.04 52.05
C SER A 138 2.14 15.22 52.56
N PRO A 139 1.92 16.15 53.48
CA PRO A 139 0.55 16.53 53.84
C PRO A 139 -0.05 17.35 52.71
N MET A 140 -1.35 17.63 52.84
CA MET A 140 -2.02 18.49 51.86
C MET A 140 -1.72 19.95 52.23
N TYR A 141 -0.56 20.44 51.77
CA TYR A 141 -0.19 21.81 52.05
C TYR A 141 -1.29 22.77 51.62
N ALA A 142 -1.71 23.65 52.55
CA ALA A 142 -2.76 24.65 52.30
C ALA A 142 -4.07 24.00 51.86
N ASP A 143 -4.29 22.74 52.25
CA ASP A 143 -5.44 21.94 51.81
C ASP A 143 -5.65 21.98 50.30
N LYS A 144 -4.55 22.07 49.55
CA LYS A 144 -4.64 22.20 48.10
C LYS A 144 -3.66 21.31 47.34
N PHE A 145 -2.47 21.06 47.86
CA PHE A 145 -1.38 20.52 47.05
C PHE A 145 -0.53 19.56 47.87
N SER A 146 -0.25 18.40 47.28
CA SER A 146 0.47 17.35 47.98
C SER A 146 1.49 16.73 47.03
N ILE A 147 2.51 16.13 47.62
CA ILE A 147 3.60 15.48 46.89
C ILE A 147 3.68 14.02 47.36
N ASP A 148 3.87 13.11 46.41
CA ASP A 148 4.19 11.72 46.68
C ASP A 148 5.57 11.48 46.07
N ALA A 149 6.51 10.96 46.85
CA ALA A 149 7.89 10.82 46.40
C ALA A 149 8.48 9.51 46.89
N ALA A 150 9.17 8.78 46.02
CA ALA A 150 9.67 7.47 46.41
C ALA A 150 10.92 7.10 45.62
N VAL A 151 11.79 6.36 46.28
CA VAL A 151 12.95 5.76 45.65
C VAL A 151 13.01 4.30 46.08
N GLY A 152 13.51 3.43 45.20
CA GLY A 152 13.51 2.03 45.60
C GLY A 152 14.37 1.14 44.73
N ALA A 153 14.56 -0.09 45.22
CA ALA A 153 15.25 -1.14 44.49
C ALA A 153 14.37 -1.76 43.42
N GLY A 154 15.04 -2.34 42.41
CA GLY A 154 14.35 -2.93 41.29
C GLY A 154 13.97 -4.38 41.53
N ASP A 155 13.28 -4.95 40.54
CA ASP A 155 12.79 -6.32 40.65
C ASP A 155 13.96 -7.30 40.84
N LYS A 156 15.00 -7.19 40.00
CA LYS A 156 16.12 -8.12 40.11
C LYS A 156 16.98 -7.84 41.35
N ALA A 157 17.14 -6.56 41.70
CA ALA A 157 17.97 -6.24 42.85
C ALA A 157 17.39 -6.80 44.15
N GLY A 158 16.05 -6.88 44.24
CA GLY A 158 15.43 -7.46 45.41
C GLY A 158 15.60 -8.97 45.53
N LEU A 159 16.15 -9.62 44.51
CA LEU A 159 16.55 -11.01 44.60
C LEU A 159 18.06 -11.17 44.60
N GLY A 160 18.81 -10.08 44.66
CA GLY A 160 20.25 -10.11 44.53
C GLY A 160 20.75 -10.49 43.16
N ALA A 161 19.95 -10.27 42.11
CA ALA A 161 20.27 -10.71 40.76
C ALA A 161 20.42 -9.55 39.80
N GLY A 162 20.65 -8.36 40.32
CA GLY A 162 20.77 -7.19 39.48
C GLY A 162 21.08 -5.97 40.32
N ASP A 163 21.14 -4.83 39.65
CA ASP A 163 21.33 -3.55 40.34
C ASP A 163 20.37 -2.50 39.79
N ASP A 164 19.19 -2.93 39.36
CA ASP A 164 18.15 -2.00 38.92
C ASP A 164 17.64 -1.18 40.11
N TYR A 165 17.19 0.03 39.82
CA TYR A 165 16.67 0.92 40.85
C TYR A 165 15.75 1.90 40.15
N TRP A 166 15.07 2.70 40.95
CA TRP A 166 14.04 3.56 40.38
C TRP A 166 13.76 4.69 41.33
N GLY A 167 13.27 5.80 40.78
CA GLY A 167 12.76 6.88 41.57
C GLY A 167 11.51 7.43 40.92
N GLY A 168 10.68 8.04 41.73
CA GLY A 168 9.41 8.51 41.21
C GLY A 168 8.88 9.59 42.11
N ILE A 169 8.00 10.41 41.53
CA ILE A 169 7.41 11.55 42.21
C ILE A 169 6.08 11.85 41.55
N ALA A 170 5.15 12.34 42.36
CA ALA A 170 3.84 12.73 41.86
C ALA A 170 3.36 13.91 42.67
N ALA A 171 2.50 14.69 42.07
CA ALA A 171 1.96 15.87 42.73
C ALA A 171 0.50 16.03 42.34
N HIS A 172 -0.27 16.56 43.26
CA HIS A 172 -1.69 16.79 43.03
C HIS A 172 -2.02 18.22 43.46
N TYR A 173 -2.85 18.88 42.67
CA TYR A 173 -3.28 20.24 42.93
C TYR A 173 -4.79 20.28 42.81
N LYS A 174 -5.46 20.77 43.86
CA LYS A 174 -6.91 20.96 43.86
C LYS A 174 -7.25 22.33 43.27
N LEU A 175 -8.13 22.33 42.27
CA LEU A 175 -8.59 23.54 41.60
C LEU A 175 -10.11 23.45 41.61
N GLY A 176 -10.71 23.95 42.69
CA GLY A 176 -12.14 23.86 42.88
C GLY A 176 -12.59 22.42 42.85
N PRO A 177 -13.44 22.09 41.89
CA PRO A 177 -13.90 20.71 41.74
C PRO A 177 -12.92 19.82 40.96
N LEU A 178 -11.75 20.34 40.60
CA LEU A 178 -10.76 19.61 39.83
C LEU A 178 -9.54 19.28 40.69
N GLN A 179 -8.87 18.19 40.32
CA GLN A 179 -7.58 17.82 40.89
C GLN A 179 -6.61 17.64 39.73
N LEU A 180 -5.52 18.39 39.75
CA LEU A 180 -4.52 18.25 38.71
C LEU A 180 -3.43 17.27 39.15
N ASP A 181 -3.04 16.37 38.25
CA ASP A 181 -2.11 15.29 38.55
C ASP A 181 -0.91 15.34 37.64
N ALA A 182 0.28 15.30 38.23
CA ALA A 182 1.49 15.13 37.45
C ALA A 182 2.42 14.17 38.17
N ALA A 183 2.98 13.24 37.42
CA ALA A 183 3.81 12.21 38.00
C ALA A 183 4.94 11.89 37.05
N TYR A 184 6.01 11.35 37.61
CA TYR A 184 7.18 10.93 36.86
C TYR A 184 7.78 9.67 37.48
N GLU A 185 8.35 8.81 36.63
CA GLU A 185 9.11 7.68 37.17
C GLU A 185 10.28 7.38 36.26
N GLY A 186 11.43 7.14 36.89
CA GLY A 186 12.61 6.72 36.16
C GLY A 186 13.19 5.43 36.70
N ASN A 187 13.33 4.42 35.83
CA ASN A 187 13.94 3.13 36.16
C ASN A 187 15.30 3.02 35.48
N ARG A 188 16.26 2.45 36.19
CA ARG A 188 17.63 2.42 35.70
C ARG A 188 18.21 1.04 35.94
N ASN A 189 19.20 0.69 35.11
CA ASN A 189 19.96 -0.58 35.18
C ASN A 189 19.06 -1.79 34.97
N ILE A 190 18.00 -1.62 34.18
CA ILE A 190 17.03 -2.68 33.95
C ILE A 190 17.52 -3.60 32.85
N GLU A 191 17.69 -4.88 33.19
CA GLU A 191 18.18 -5.89 32.26
C GLU A 191 17.01 -6.60 31.56
N ALA A 192 16.98 -6.53 30.24
CA ALA A 192 16.01 -7.28 29.44
C ALA A 192 16.51 -7.39 28.01
N GLU A 193 16.10 -8.48 27.34
CA GLU A 193 16.32 -8.68 25.90
C GLU A 193 17.79 -8.57 25.51
N GLY A 194 18.68 -8.99 26.42
CA GLY A 194 20.09 -8.87 26.21
C GLY A 194 20.64 -7.47 26.33
N GLN A 195 19.83 -6.49 26.71
CA GLN A 195 20.29 -5.12 26.85
C GLN A 195 20.13 -4.67 28.29
N THR A 196 20.54 -3.42 28.55
CA THR A 196 20.34 -2.76 29.84
C THR A 196 19.63 -1.46 29.55
N TRP A 197 18.48 -1.26 30.17
CA TRP A 197 17.58 -0.18 29.78
C TRP A 197 17.55 0.92 30.82
N GLU A 198 17.14 2.09 30.36
CA GLU A 198 16.69 3.17 31.21
C GLU A 198 15.29 3.55 30.72
N ASN A 199 14.36 3.65 31.64
CA ASN A 199 13.01 4.11 31.28
C ASN A 199 12.75 5.44 31.96
N ASN A 200 11.96 6.28 31.29
CA ASN A 200 11.48 7.53 31.84
C ASN A 200 10.04 7.67 31.42
N THR A 201 9.14 7.72 32.39
CA THR A 201 7.72 7.87 32.12
C THR A 201 7.19 9.13 32.79
N TYR A 202 6.30 9.81 32.09
CA TYR A 202 5.67 11.03 32.54
C TYR A 202 4.17 10.89 32.36
N LEU A 203 3.42 11.49 33.28
CA LEU A 203 1.97 11.43 33.28
C LEU A 203 1.41 12.77 33.73
N VAL A 204 0.39 13.23 33.03
CA VAL A 204 -0.42 14.37 33.46
C VAL A 204 -1.86 13.93 33.36
N GLY A 205 -2.68 14.46 34.25
CA GLY A 205 -4.07 14.08 34.24
C GLY A 205 -4.87 14.97 35.16
N VAL A 206 -6.17 14.95 34.94
CA VAL A 206 -7.09 15.76 35.71
C VAL A 206 -8.27 14.86 36.08
N GLN A 207 -8.79 15.04 37.29
CA GLN A 207 -10.02 14.43 37.75
C GLN A 207 -10.94 15.53 38.26
N GLY A 208 -12.23 15.39 37.96
CA GLY A 208 -13.20 16.35 38.43
C GLY A 208 -14.45 15.70 39.00
N TRP A 209 -14.97 16.26 40.09
CA TRP A 209 -16.23 15.85 40.67
C TRP A 209 -17.14 17.06 40.79
N PHE A 210 -18.34 16.97 40.22
CA PHE A 210 -19.25 18.11 40.15
C PHE A 210 -20.53 17.84 40.95
N GLU A 211 -21.09 18.92 41.53
CA GLU A 211 -22.24 18.80 42.42
C GLU A 211 -23.46 18.20 41.74
N ASN A 212 -23.58 18.31 40.43
CA ASN A 212 -24.76 17.74 39.79
C ASN A 212 -24.63 16.24 39.55
N GLY A 213 -23.52 15.61 39.93
CA GLY A 213 -23.38 14.17 39.82
C GLY A 213 -22.51 13.67 38.68
N ILE A 214 -22.05 14.55 37.81
CA ILE A 214 -21.08 14.13 36.80
C ILE A 214 -19.69 14.15 37.42
N SER A 215 -18.91 13.12 37.13
CA SER A 215 -17.48 13.09 37.46
C SER A 215 -16.73 12.43 36.30
N PHE A 216 -15.44 12.76 36.21
CA PHE A 216 -14.61 12.25 35.13
C PHE A 216 -13.15 12.26 35.58
N PHE A 217 -12.34 11.52 34.83
CA PHE A 217 -10.90 11.61 34.92
C PHE A 217 -10.35 11.52 33.51
N ALA A 218 -9.15 12.07 33.33
CA ALA A 218 -8.48 11.98 32.05
C ALA A 218 -6.99 12.00 32.30
N GLN A 219 -6.26 11.10 31.65
CA GLN A 219 -4.82 10.96 31.86
C GLN A 219 -4.10 10.81 30.52
N TYR A 220 -2.90 11.36 30.45
CA TYR A 220 -2.04 11.16 29.31
C TYR A 220 -0.68 10.67 29.79
N LYS A 221 -0.18 9.60 29.17
CA LYS A 221 1.02 8.90 29.61
C LYS A 221 2.05 8.89 28.49
N TYR A 222 3.31 9.22 28.82
CA TYR A 222 4.38 9.25 27.83
C TYR A 222 5.55 8.41 28.33
N MET A 223 5.87 7.32 27.63
CA MET A 223 6.93 6.43 28.05
C MET A 223 8.03 6.40 27.01
N GLU A 224 9.23 6.78 27.39
CA GLU A 224 10.39 6.59 26.54
C GLU A 224 11.36 5.65 27.25
N ALA A 225 12.17 4.96 26.45
CA ALA A 225 13.14 4.02 26.98
C ALA A 225 14.37 4.00 26.08
N ASP A 226 15.52 3.79 26.70
CA ASP A 226 16.80 3.81 26.00
C ASP A 226 17.57 2.55 26.38
N ALA A 227 17.88 1.75 25.37
CA ALA A 227 18.66 0.54 25.56
C ALA A 227 20.14 0.85 25.46
N SER A 228 20.95 -0.05 26.02
CA SER A 228 22.39 0.20 26.10
C SER A 228 23.07 0.06 24.76
N ASN A 229 22.41 -0.52 23.77
CA ASN A 229 22.96 -0.55 22.42
C ASN A 229 22.53 0.66 21.61
N GLY A 230 21.91 1.66 22.23
CA GLY A 230 21.57 2.89 21.58
C GLY A 230 20.16 2.96 21.03
N VAL A 231 19.44 1.85 20.99
CA VAL A 231 18.06 1.91 20.51
C VAL A 231 17.24 2.75 21.47
N ASN A 232 16.35 3.55 20.92
CA ASN A 232 15.46 4.38 21.70
C ASN A 232 14.04 4.02 21.33
N GLU A 233 13.15 3.92 22.32
CA GLU A 233 11.76 3.61 22.08
C GLU A 233 10.86 4.65 22.75
N LYS A 234 9.72 4.93 22.12
CA LYS A 234 8.77 5.91 22.63
C LYS A 234 7.37 5.44 22.33
N GLN A 235 6.48 5.58 23.31
CA GLN A 235 5.09 5.18 23.15
C GLN A 235 4.21 6.06 24.02
N ASP A 236 3.04 6.43 23.50
CA ASP A 236 2.06 7.26 24.18
C ASP A 236 0.86 6.43 24.58
N ALA A 237 0.18 6.89 25.65
CA ALA A 237 -1.04 6.25 26.09
C ALA A 237 -1.96 7.29 26.68
N MET A 238 -3.24 6.95 26.75
CA MET A 238 -4.19 7.84 27.40
C MET A 238 -5.27 6.99 28.03
N SER A 239 -5.99 7.60 28.96
CA SER A 239 -7.08 6.91 29.64
C SER A 239 -8.04 7.97 30.16
N ALA A 240 -9.33 7.71 29.99
CA ALA A 240 -10.34 8.64 30.44
C ALA A 240 -11.61 7.89 30.79
N GLY A 241 -12.36 8.45 31.73
CA GLY A 241 -13.61 7.84 32.14
C GLY A 241 -14.60 8.90 32.50
N LEU A 242 -15.88 8.59 32.26
CA LEU A 242 -16.99 9.49 32.51
C LEU A 242 -18.04 8.78 33.33
N MET A 243 -18.50 9.42 34.41
CA MET A 243 -19.44 8.84 35.37
C MET A 243 -20.56 9.81 35.71
N TYR A 244 -21.78 9.29 35.77
CA TYR A 244 -22.92 10.03 36.29
C TYR A 244 -23.44 9.30 37.51
N THR A 245 -23.39 9.97 38.66
CA THR A 245 -23.79 9.41 39.95
C THR A 245 -25.11 10.02 40.37
N THR A 246 -26.17 9.20 40.41
CA THR A 246 -27.49 9.62 40.85
C THR A 246 -28.03 8.63 41.87
N GLY A 247 -28.30 9.10 43.08
CA GLY A 247 -28.88 8.25 44.10
C GLY A 247 -27.98 7.12 44.54
N ASP A 248 -28.44 5.88 44.39
CA ASP A 248 -27.67 4.70 44.77
C ASP A 248 -26.89 4.11 43.59
N TRP A 249 -26.76 4.84 42.48
CA TRP A 249 -26.24 4.27 41.23
C TRP A 249 -25.11 5.14 40.67
N GLN A 250 -24.15 4.48 40.02
CA GLN A 250 -23.08 5.15 39.29
C GLN A 250 -22.95 4.51 37.91
N TYR A 251 -23.15 5.30 36.86
CA TYR A 251 -22.96 4.87 35.48
C TYR A 251 -21.56 5.21 35.00
N LYS A 252 -20.91 4.27 34.32
CA LYS A 252 -19.51 4.52 33.92
C LYS A 252 -19.22 4.12 32.48
N LEU A 253 -18.54 5.02 31.78
CA LEU A 253 -17.93 4.78 30.48
C LEU A 253 -16.44 5.05 30.58
N GLY A 254 -15.62 4.11 30.12
CA GLY A 254 -14.18 4.24 30.20
C GLY A 254 -13.54 3.91 28.87
N TYR A 255 -12.42 4.58 28.60
CA TYR A 255 -11.67 4.34 27.39
C TYR A 255 -10.20 4.48 27.71
N ALA A 256 -9.39 3.57 27.18
CA ALA A 256 -7.95 3.73 27.30
C ALA A 256 -7.30 3.19 26.04
N ALA A 257 -6.15 3.78 25.70
CA ALA A 257 -5.45 3.37 24.50
C ALA A 257 -3.96 3.57 24.70
N ASN A 258 -3.19 2.64 24.18
CA ASN A 258 -1.79 2.83 23.87
C ASN A 258 -1.66 3.07 22.39
N PHE A 259 -0.78 3.98 22.00
CA PHE A 259 -0.57 4.28 20.60
C PHE A 259 0.63 3.53 20.06
N ASP A 260 0.76 3.56 18.73
CA ASP A 260 1.82 2.85 18.05
C ASP A 260 3.18 3.16 18.69
N LEU A 261 4.00 2.14 18.86
CA LEU A 261 5.34 2.31 19.42
C LEU A 261 6.31 2.86 18.36
N GLU A 262 7.24 3.72 18.80
CA GLU A 262 8.26 4.30 17.95
C GLU A 262 9.63 3.72 18.33
N ARG A 263 10.29 3.07 17.39
CA ARG A 263 11.62 2.52 17.65
C ARG A 263 12.59 3.15 16.68
N ASP A 264 13.58 3.87 17.21
CA ASP A 264 14.60 4.57 16.42
C ASP A 264 13.96 5.40 15.31
N GLY A 265 12.89 6.11 15.64
CA GLY A 265 12.20 6.90 14.65
C GLY A 265 11.23 6.13 13.78
N LYS A 266 11.28 4.80 13.77
CA LYS A 266 10.33 4.02 12.99
C LYS A 266 9.10 3.71 13.83
N THR A 267 7.93 4.10 13.33
CA THR A 267 6.69 3.67 13.95
C THR A 267 6.48 2.19 13.66
N LEU A 268 6.20 1.40 14.70
CA LEU A 268 5.88 0.00 14.50
C LEU A 268 4.39 -0.12 14.28
N SER A 269 4.00 -0.67 13.13
CA SER A 269 2.60 -0.74 12.76
C SER A 269 1.85 -1.71 13.66
N ASN A 270 0.63 -1.31 14.04
CA ASN A 270 -0.30 -2.14 14.80
C ASN A 270 0.28 -2.60 16.13
N THR A 271 1.01 -1.72 16.80
CA THR A 271 1.43 -2.01 18.16
C THR A 271 0.64 -1.17 19.17
N SER A 272 -0.54 -0.69 18.76
CA SER A 272 -1.40 0.11 19.61
C SER A 272 -2.54 -0.78 20.12
N ASP A 273 -3.01 -0.49 21.33
CA ASP A 273 -4.15 -1.19 21.93
C ASP A 273 -5.19 -0.16 22.35
N ASP A 274 -6.45 -0.59 22.41
CA ASP A 274 -7.40 0.26 23.13
C ASP A 274 -8.56 -0.57 23.67
N VAL A 275 -9.23 0.00 24.66
CA VAL A 275 -10.34 -0.66 25.35
C VAL A 275 -11.45 0.35 25.61
N VAL A 276 -12.68 -0.06 25.36
CA VAL A 276 -13.85 0.69 25.77
C VAL A 276 -14.59 -0.16 26.80
N SER A 277 -15.15 0.50 27.81
CA SER A 277 -15.72 -0.21 28.95
C SER A 277 -16.96 0.51 29.46
N ALA A 278 -17.97 -0.28 29.79
CA ALA A 278 -19.18 0.27 30.39
C ALA A 278 -19.45 -0.45 31.69
N GLN A 279 -19.88 0.32 32.71
CA GLN A 279 -20.11 -0.22 34.04
C GLN A 279 -21.27 0.48 34.73
N ILE A 280 -22.16 -0.32 35.32
CA ILE A 280 -23.22 0.16 36.20
C ILE A 280 -22.89 -0.32 37.61
N MET A 281 -22.88 0.60 38.57
CA MET A 281 -22.54 0.22 39.94
C MET A 281 -23.68 0.62 40.89
N TYR A 282 -23.94 -0.26 41.85
CA TYR A 282 -25.00 -0.10 42.85
C TYR A 282 -24.37 0.04 44.24
N PHE A 283 -24.65 1.15 44.91
CA PHE A 283 -24.16 1.34 46.28
C PHE A 283 -25.06 0.56 47.25
N VAL A 284 -24.79 -0.74 47.37
CA VAL A 284 -25.68 -1.61 48.14
C VAL A 284 -25.61 -1.34 49.63
N ASP A 285 -24.57 -0.65 50.11
CA ASP A 285 -24.38 -0.44 51.54
C ASP A 285 -23.24 0.55 51.68
N PRO A 286 -23.18 1.31 52.77
CA PRO A 286 -22.05 2.23 52.93
C PRO A 286 -20.68 1.55 52.85
N SER A 287 -20.65 0.22 52.99
CA SER A 287 -19.41 -0.54 53.00
C SER A 287 -19.29 -1.50 51.83
N ALA A 288 -20.20 -1.44 50.85
CA ALA A 288 -20.17 -2.42 49.79
C ALA A 288 -20.79 -1.84 48.54
N VAL A 289 -20.44 -2.45 47.40
CA VAL A 289 -21.03 -2.13 46.12
C VAL A 289 -21.27 -3.41 45.34
N LEU A 290 -22.31 -3.40 44.51
CA LEU A 290 -22.47 -4.36 43.43
C LEU A 290 -22.20 -3.63 42.14
N TYR A 291 -21.76 -4.38 41.12
CA TYR A 291 -21.49 -3.73 39.84
C TYR A 291 -21.69 -4.74 38.71
N ALA A 292 -22.03 -4.21 37.54
CA ALA A 292 -22.02 -4.97 36.31
C ALA A 292 -21.15 -4.23 35.31
N ARG A 293 -20.42 -4.99 34.51
CA ARG A 293 -19.38 -4.40 33.69
C ARG A 293 -19.31 -5.13 32.36
N ALA A 294 -19.17 -4.36 31.27
CA ALA A 294 -18.90 -4.94 29.95
C ALA A 294 -17.74 -4.17 29.32
N ARG A 295 -16.82 -4.91 28.69
CA ARG A 295 -15.67 -4.24 28.11
C ARG A 295 -15.18 -4.97 26.88
N MET A 296 -14.56 -4.21 25.98
CA MET A 296 -14.00 -4.73 24.74
C MET A 296 -12.54 -4.32 24.63
N ASN A 297 -11.65 -5.31 24.53
CA ASN A 297 -10.22 -5.09 24.38
C ASN A 297 -9.79 -5.38 22.95
N ASP A 298 -9.14 -4.39 22.30
CA ASP A 298 -8.53 -4.54 20.98
C ASP A 298 -7.01 -4.39 21.16
N PHE A 299 -6.27 -5.51 21.09
CA PHE A 299 -4.84 -5.48 21.38
C PHE A 299 -3.98 -5.44 20.11
N ASN A 300 -2.73 -5.03 20.33
CA ASN A 300 -1.67 -5.07 19.32
C ASN A 300 -1.47 -6.47 18.75
N GLU A 301 -0.82 -6.51 17.59
CA GLU A 301 -0.60 -7.75 16.85
C GLU A 301 0.76 -8.37 17.12
N GLY A 302 1.55 -7.80 18.02
CA GLY A 302 2.82 -8.43 18.33
C GLY A 302 4.01 -7.56 17.96
N LEU A 303 5.16 -7.84 18.56
CA LEU A 303 6.39 -7.16 18.17
C LEU A 303 7.55 -7.96 18.72
N ASP A 304 8.70 -7.87 18.06
CA ASP A 304 9.88 -8.51 18.60
C ASP A 304 10.67 -7.51 19.44
N GLY A 305 11.33 -8.02 20.47
CA GLY A 305 12.23 -7.18 21.23
C GLY A 305 13.59 -7.08 20.56
N LEU A 306 14.57 -6.60 21.31
CA LEU A 306 15.90 -6.37 20.76
C LEU A 306 16.77 -7.61 20.79
N ASP A 307 16.22 -8.73 21.25
CA ASP A 307 16.85 -10.04 21.15
C ASP A 307 16.21 -10.87 20.04
N ASP A 308 15.46 -10.23 19.15
CA ASP A 308 14.81 -10.86 18.00
C ASP A 308 13.84 -11.95 18.43
N ALA A 309 13.39 -11.91 19.67
CA ALA A 309 12.34 -12.78 20.18
C ALA A 309 11.08 -11.96 20.50
N ALA A 310 9.94 -12.65 20.49
CA ALA A 310 8.67 -11.97 20.77
C ALA A 310 8.74 -11.27 22.12
N ARG A 311 8.23 -10.04 22.16
CA ARG A 311 8.12 -9.30 23.40
C ARG A 311 6.73 -9.51 23.96
N TRP A 312 6.65 -9.95 25.20
CA TRP A 312 5.35 -10.23 25.79
C TRP A 312 4.61 -8.92 26.02
N THR A 313 3.32 -8.91 25.70
CA THR A 313 2.43 -7.82 26.07
C THR A 313 1.13 -8.43 26.58
N SER A 314 0.26 -7.59 27.14
CA SER A 314 -1.08 -8.02 27.50
C SER A 314 -1.91 -8.41 26.29
N GLY A 315 -1.38 -8.24 25.08
CA GLY A 315 -2.01 -8.68 23.85
C GLY A 315 -1.60 -10.06 23.40
N THR A 316 -0.56 -10.62 24.01
CA THR A 316 -0.06 -11.94 23.65
C THR A 316 -1.16 -12.98 23.58
N ASN A 317 -2.09 -12.92 24.52
CA ASN A 317 -3.11 -13.95 24.56
C ASN A 317 -4.23 -13.75 23.54
N GLY A 318 -4.35 -12.59 22.94
CA GLY A 318 -5.37 -12.34 21.94
C GLY A 318 -6.41 -11.32 22.42
N ASP A 319 -7.10 -10.73 21.44
CA ASP A 319 -8.19 -9.81 21.74
C ASP A 319 -9.31 -10.57 22.48
N TYR A 320 -10.01 -9.85 23.37
CA TYR A 320 -11.16 -10.47 24.01
C TYR A 320 -12.15 -9.43 24.54
N ASN A 321 -13.39 -9.85 24.64
CA ASN A 321 -14.44 -9.09 25.30
C ASN A 321 -14.77 -9.75 26.63
N GLU A 322 -15.29 -8.96 27.56
CA GLU A 322 -15.56 -9.47 28.89
C GLU A 322 -16.87 -8.90 29.43
N TYR A 323 -17.69 -9.79 29.96
CA TYR A 323 -18.91 -9.43 30.66
C TYR A 323 -18.79 -9.93 32.10
N SER A 324 -19.12 -9.07 33.06
CA SER A 324 -18.83 -9.46 34.45
C SER A 324 -19.82 -8.82 35.39
N VAL A 325 -20.15 -9.55 36.46
CA VAL A 325 -20.81 -8.94 37.61
C VAL A 325 -19.95 -9.20 38.85
N GLY A 326 -20.06 -8.32 39.84
CA GLY A 326 -19.18 -8.46 40.97
C GLY A 326 -19.67 -7.74 42.20
N VAL A 327 -18.97 -8.00 43.31
CA VAL A 327 -19.26 -7.43 44.63
C VAL A 327 -17.94 -7.09 45.31
N GLU A 328 -17.92 -5.96 46.00
CA GLU A 328 -16.79 -5.61 46.84
C GLU A 328 -17.34 -5.10 48.16
N TYR A 329 -16.79 -5.57 49.26
CA TYR A 329 -17.23 -5.21 50.59
C TYR A 329 -16.01 -4.85 51.42
N TYR A 330 -16.06 -3.70 52.07
CA TYR A 330 -14.94 -3.22 52.84
C TYR A 330 -15.29 -3.40 54.31
N PHE A 331 -14.33 -3.86 55.10
CA PHE A 331 -14.54 -3.96 56.55
C PHE A 331 -13.25 -3.67 57.27
N GLU B 1 -1.74 -15.54 -36.06
CA GLU B 1 -1.23 -16.71 -35.36
C GLU B 1 -1.80 -16.72 -33.94
N VAL B 2 -2.15 -17.90 -33.47
CA VAL B 2 -2.52 -18.13 -32.07
C VAL B 2 -1.30 -18.74 -31.39
N TYR B 3 -1.05 -18.33 -30.15
CA TYR B 3 0.08 -18.86 -29.40
C TYR B 3 -0.29 -18.93 -27.92
N GLY B 4 0.45 -19.75 -27.19
CA GLY B 4 0.19 -19.90 -25.77
C GLY B 4 1.38 -20.38 -24.98
N ILE B 5 1.28 -20.20 -23.67
CA ILE B 5 2.15 -20.87 -22.73
C ILE B 5 1.25 -21.69 -21.82
N ILE B 6 1.41 -23.01 -21.86
CA ILE B 6 0.69 -23.90 -20.97
C ILE B 6 1.61 -24.13 -19.79
N ALA B 7 1.23 -23.65 -18.62
CA ALA B 7 2.13 -23.63 -17.45
C ALA B 7 1.31 -23.92 -16.21
N MET B 8 1.66 -25.00 -15.52
CA MET B 8 0.97 -25.52 -14.36
C MET B 8 1.98 -25.69 -13.23
N GLN B 9 1.60 -25.26 -12.03
CA GLN B 9 2.48 -25.35 -10.88
C GLN B 9 1.70 -25.89 -9.68
N ALA B 10 2.20 -26.97 -9.08
CA ALA B 10 1.69 -27.48 -7.82
C ALA B 10 2.57 -26.92 -6.72
N ALA B 11 2.04 -26.05 -5.86
CA ALA B 11 2.85 -25.37 -4.86
C ALA B 11 2.25 -25.56 -3.47
N TYR B 12 3.05 -26.10 -2.56
CA TYR B 12 2.70 -26.16 -1.14
C TYR B 12 3.44 -25.06 -0.39
N ARG B 13 2.67 -24.24 0.34
CA ARG B 13 3.21 -23.12 1.11
C ARG B 13 3.01 -23.34 2.61
N ASP B 14 4.10 -23.19 3.36
CA ASP B 14 4.09 -23.22 4.83
C ASP B 14 4.34 -21.81 5.33
N TYR B 15 3.34 -21.20 5.94
CA TYR B 15 3.41 -19.82 6.43
C TYR B 15 3.75 -19.72 7.93
N ASP B 16 4.26 -18.55 8.29
CA ASP B 16 4.63 -18.20 9.65
C ASP B 16 4.28 -16.72 9.80
N SER B 17 3.00 -16.45 10.04
CA SER B 17 2.48 -15.10 10.04
C SER B 17 2.20 -14.56 11.44
N GLY B 18 2.30 -15.38 12.49
CA GLY B 18 1.93 -14.90 13.80
C GLY B 18 0.45 -15.06 14.11
N ASP B 19 -0.32 -15.61 13.17
CA ASP B 19 -1.72 -15.94 13.39
C ASP B 19 -1.92 -17.37 12.91
N ALA B 20 -2.39 -18.23 13.81
CA ALA B 20 -2.66 -19.63 13.52
C ALA B 20 -3.62 -19.78 12.34
N LYS B 21 -4.89 -19.43 12.55
CA LYS B 21 -5.88 -19.46 11.46
C LYS B 21 -5.35 -18.90 10.14
N GLN B 22 -4.68 -17.75 10.15
CA GLN B 22 -4.10 -17.22 8.92
C GLN B 22 -3.10 -18.20 8.31
N ASP B 23 -2.21 -18.76 9.15
CA ASP B 23 -1.27 -19.76 8.65
C ASP B 23 -2.00 -20.89 7.96
N ASP B 24 -3.12 -21.33 8.53
CA ASP B 24 -3.93 -22.41 7.97
C ASP B 24 -4.58 -21.99 6.67
N ASN B 25 -5.03 -20.72 6.60
CA ASN B 25 -5.71 -20.22 5.42
C ASN B 25 -4.75 -20.03 4.24
N LEU B 26 -3.70 -19.22 4.45
CA LEU B 26 -2.77 -18.88 3.40
C LEU B 26 -1.94 -20.08 2.98
N GLY B 27 -1.61 -20.95 3.91
CA GLY B 27 -0.76 -22.06 3.59
C GLY B 27 -1.56 -23.20 3.04
N GLY B 28 -0.86 -24.24 2.63
CA GLY B 28 -1.50 -25.38 2.02
C GLY B 28 -1.05 -25.58 0.58
N MET B 29 -1.69 -26.59 -0.03
CA MET B 29 -1.49 -26.94 -1.43
C MET B 29 -2.41 -26.12 -2.33
N GLN B 30 -1.86 -25.60 -3.40
CA GLN B 30 -2.65 -24.90 -4.40
C GLN B 30 -2.11 -25.27 -5.78
N LEU B 31 -2.96 -25.09 -6.79
CA LEU B 31 -2.51 -25.15 -8.18
C LEU B 31 -2.41 -23.73 -8.69
N ASN B 32 -1.26 -23.37 -9.21
CA ASN B 32 -1.01 -22.06 -9.79
C ASN B 32 -0.94 -22.25 -11.31
N ASN B 33 -2.05 -21.99 -12.00
CA ASN B 33 -2.18 -22.23 -13.44
C ASN B 33 -1.94 -20.90 -14.17
N GLU B 34 -0.72 -20.68 -14.64
CA GLU B 34 -0.37 -19.49 -15.39
C GLU B 34 -0.47 -19.70 -16.90
N SER B 35 -1.25 -20.69 -17.34
CA SER B 35 -1.48 -20.87 -18.76
C SER B 35 -2.12 -19.61 -19.33
N ARG B 36 -1.74 -19.27 -20.57
CA ARG B 36 -2.31 -18.10 -21.22
C ARG B 36 -2.28 -18.29 -22.73
N ILE B 37 -3.29 -17.74 -23.40
CA ILE B 37 -3.43 -17.79 -24.84
C ILE B 37 -3.30 -16.38 -25.41
N GLY B 38 -2.73 -16.29 -26.60
CA GLY B 38 -2.56 -15.02 -27.26
C GLY B 38 -2.79 -15.12 -28.76
N PHE B 39 -3.12 -13.97 -29.35
CA PHE B 39 -3.23 -13.82 -30.79
C PHE B 39 -2.32 -12.69 -31.20
N ARG B 40 -1.62 -12.88 -32.31
CA ARG B 40 -0.69 -11.87 -32.76
C ARG B 40 -0.59 -11.97 -34.27
N GLY B 41 -0.18 -10.87 -34.88
CA GLY B 41 -0.04 -10.84 -36.32
C GLY B 41 0.70 -9.62 -36.77
N LYS B 42 1.23 -9.71 -37.98
CA LYS B 42 1.85 -8.60 -38.67
C LYS B 42 1.03 -8.30 -39.92
N LYS B 43 1.29 -7.14 -40.51
CA LYS B 43 0.60 -6.74 -41.72
C LYS B 43 1.40 -5.63 -42.39
N GLN B 44 1.73 -5.81 -43.67
CA GLN B 44 2.42 -4.79 -44.41
C GLN B 44 1.38 -3.89 -45.07
N PHE B 45 1.20 -2.67 -44.56
CA PHE B 45 0.29 -1.74 -45.21
C PHE B 45 0.89 -1.24 -46.52
N ALA B 46 0.00 -1.01 -47.51
CA ALA B 46 0.46 -0.58 -48.82
C ALA B 46 1.11 0.79 -48.81
N ASN B 47 0.66 1.69 -47.93
CA ASN B 47 1.07 3.09 -47.94
C ASN B 47 1.77 3.48 -46.65
N PHE B 48 2.57 2.57 -46.09
CA PHE B 48 3.34 2.84 -44.88
C PHE B 48 4.52 1.86 -44.87
N GLU B 49 5.74 2.40 -44.97
CA GLU B 49 6.88 1.49 -45.05
C GLU B 49 6.99 0.61 -43.81
N PRO B 50 6.96 1.14 -42.58
CA PRO B 50 7.11 0.25 -41.41
C PRO B 50 5.94 -0.72 -41.30
N THR B 51 6.26 -1.97 -40.98
CA THR B 51 5.27 -3.03 -40.92
C THR B 51 4.42 -2.94 -39.65
N PHE B 52 3.12 -3.11 -39.81
CA PHE B 52 2.20 -3.09 -38.69
C PHE B 52 2.28 -4.40 -37.91
N ILE B 53 2.31 -4.29 -36.58
CA ILE B 53 2.37 -5.45 -35.70
C ILE B 53 1.29 -5.26 -34.64
N TRP B 54 0.78 -6.37 -34.10
CA TRP B 54 -0.22 -6.30 -33.04
C TRP B 54 -0.21 -7.62 -32.30
N GLN B 55 -0.68 -7.58 -31.06
CA GLN B 55 -0.75 -8.74 -30.20
C GLN B 55 -1.89 -8.57 -29.21
N ILE B 56 -2.52 -9.67 -28.83
CA ILE B 56 -3.49 -9.66 -27.75
C ILE B 56 -3.22 -10.90 -26.93
N GLU B 57 -2.66 -10.73 -25.73
CA GLU B 57 -2.34 -11.86 -24.88
C GLU B 57 -3.35 -11.92 -23.74
N GLY B 58 -3.83 -13.13 -23.41
CA GLY B 58 -4.73 -13.27 -22.28
C GLY B 58 -3.95 -13.34 -20.98
N GLY B 59 -4.68 -13.26 -19.86
CA GLY B 59 -4.07 -13.39 -18.55
C GLY B 59 -3.97 -14.84 -18.08
N TYR B 60 -3.40 -15.00 -16.89
CA TYR B 60 -3.32 -16.32 -16.28
C TYR B 60 -4.73 -16.88 -16.11
N VAL B 61 -4.96 -18.08 -16.63
CA VAL B 61 -6.32 -18.61 -16.66
C VAL B 61 -6.81 -19.11 -15.32
N ASP B 62 -5.90 -19.45 -14.37
CA ASP B 62 -6.31 -19.87 -13.03
C ASP B 62 -5.12 -19.81 -12.06
N PRO B 63 -4.68 -18.62 -11.66
CA PRO B 63 -3.55 -18.51 -10.74
C PRO B 63 -3.91 -18.94 -9.32
N SER B 64 -2.87 -19.23 -8.54
CA SER B 64 -3.06 -19.47 -7.11
C SER B 64 -3.57 -18.20 -6.43
N PHE B 65 -4.34 -18.40 -5.35
CA PHE B 65 -4.96 -17.34 -4.57
C PHE B 65 -5.97 -16.51 -5.36
N GLY B 66 -6.41 -17.00 -6.52
CA GLY B 66 -7.38 -16.28 -7.31
C GLY B 66 -8.40 -17.22 -7.93
N GLY B 67 -9.48 -16.61 -8.42
CA GLY B 67 -10.49 -17.36 -9.13
C GLY B 67 -10.10 -17.72 -10.56
N GLU B 68 -10.96 -18.54 -11.16
CA GLU B 68 -10.75 -19.04 -12.52
C GLU B 68 -11.13 -17.98 -13.54
N GLY B 69 -10.52 -18.08 -14.72
CA GLY B 69 -10.94 -17.20 -15.79
C GLY B 69 -10.04 -15.98 -15.96
N ALA B 70 -9.71 -15.72 -17.21
CA ALA B 70 -8.89 -14.58 -17.56
C ALA B 70 -9.46 -13.99 -18.84
N GLY B 71 -9.39 -12.70 -18.95
CA GLY B 71 -9.87 -12.06 -20.15
C GLY B 71 -8.77 -11.86 -21.16
N LEU B 72 -9.20 -11.64 -22.40
CA LEU B 72 -8.25 -11.29 -23.46
C LEU B 72 -7.80 -9.86 -23.24
N GLY B 73 -6.49 -9.64 -23.25
CA GLY B 73 -5.94 -8.31 -23.08
C GLY B 73 -5.26 -8.07 -21.74
N GLU B 74 -5.27 -9.06 -20.83
CA GLU B 74 -4.70 -8.81 -19.51
C GLU B 74 -3.19 -8.72 -19.57
N ARG B 75 -2.55 -9.38 -20.54
CA ARG B 75 -1.10 -9.34 -20.67
C ARG B 75 -0.72 -8.50 -21.88
N ASP B 76 0.51 -8.67 -22.39
CA ASP B 76 1.04 -7.76 -23.40
C ASP B 76 0.09 -7.65 -24.58
N THR B 77 -0.52 -6.48 -24.75
CA THR B 77 -1.55 -6.26 -25.75
C THR B 77 -1.33 -4.89 -26.40
N PHE B 78 -1.07 -4.86 -27.71
CA PHE B 78 -0.53 -3.65 -28.27
C PHE B 78 -0.71 -3.62 -29.78
N VAL B 79 -0.54 -2.43 -30.35
CA VAL B 79 -0.31 -2.23 -31.78
C VAL B 79 1.07 -1.59 -31.93
N GLY B 80 1.58 -1.61 -33.17
CA GLY B 80 2.88 -0.99 -33.37
C GLY B 80 3.34 -1.09 -34.81
N PHE B 81 4.52 -0.52 -35.05
CA PHE B 81 5.21 -0.59 -36.33
C PHE B 81 6.67 -0.96 -36.08
N GLU B 82 7.26 -1.68 -37.04
CA GLU B 82 8.65 -2.11 -36.92
C GLU B 82 9.37 -1.96 -38.26
N SER B 83 10.67 -1.69 -38.18
CA SER B 83 11.53 -1.57 -39.36
C SER B 83 12.89 -2.21 -39.08
N ALA B 84 13.56 -2.65 -40.15
CA ALA B 84 14.87 -3.24 -39.96
C ALA B 84 15.87 -2.24 -39.39
N SER B 85 15.76 -0.96 -39.79
CA SER B 85 16.76 0.04 -39.44
C SER B 85 16.60 0.60 -38.03
N TRP B 86 15.38 0.96 -37.63
CA TRP B 86 15.19 1.63 -36.35
C TRP B 86 14.42 0.80 -35.33
N GLY B 87 14.20 -0.48 -35.57
CA GLY B 87 13.59 -1.33 -34.56
C GLY B 87 12.08 -1.33 -34.59
N GLN B 88 11.43 -1.34 -33.42
CA GLN B 88 9.98 -1.39 -33.35
C GLN B 88 9.45 -0.48 -32.25
N VAL B 89 8.30 0.14 -32.52
CA VAL B 89 7.55 0.89 -31.51
C VAL B 89 6.27 0.14 -31.20
N ARG B 90 5.85 0.19 -29.94
CA ARG B 90 4.64 -0.48 -29.54
C ARG B 90 3.79 0.50 -28.75
N LEU B 91 2.49 0.53 -29.05
CA LEU B 91 1.51 1.34 -28.34
C LEU B 91 0.56 0.39 -27.65
N GLY B 92 0.34 0.60 -26.35
CA GLY B 92 -0.62 -0.20 -25.61
C GLY B 92 -0.18 -0.63 -24.22
N ARG B 93 -0.24 -1.93 -23.99
CA ARG B 93 0.09 -2.53 -22.70
C ARG B 93 1.33 -3.39 -22.90
N VAL B 94 2.45 -2.96 -22.31
CA VAL B 94 3.76 -3.58 -22.53
C VAL B 94 4.51 -3.58 -21.20
N LEU B 95 5.64 -4.27 -21.19
CA LEU B 95 6.55 -4.22 -20.05
C LEU B 95 7.40 -2.96 -20.12
N THR B 96 7.67 -2.37 -18.95
CA THR B 96 8.58 -1.24 -18.83
C THR B 96 10.01 -1.71 -19.14
N PRO B 97 10.87 -0.85 -19.73
CA PRO B 97 12.26 -1.30 -19.97
C PRO B 97 12.95 -1.84 -18.72
N MET B 98 12.67 -1.23 -17.56
CA MET B 98 13.25 -1.73 -16.32
C MET B 98 12.59 -3.03 -15.89
N TYR B 99 11.27 -3.05 -15.89
CA TYR B 99 10.61 -4.21 -15.32
C TYR B 99 11.05 -5.50 -16.02
N GLU B 100 11.25 -5.44 -17.34
CA GLU B 100 11.61 -6.67 -18.05
C GLU B 100 12.86 -7.27 -17.47
N LEU B 101 13.80 -6.44 -17.00
CA LEU B 101 15.01 -6.92 -16.36
C LEU B 101 14.76 -7.34 -14.92
N VAL B 102 13.88 -6.65 -14.19
CA VAL B 102 13.49 -7.11 -12.86
C VAL B 102 12.86 -8.51 -12.94
N ASP B 103 12.00 -8.74 -13.94
CA ASP B 103 11.30 -10.02 -14.03
C ASP B 103 12.22 -11.13 -14.58
N TRP B 104 12.82 -10.91 -15.74
CA TRP B 104 13.76 -11.87 -16.30
C TRP B 104 15.10 -11.18 -16.57
N PRO B 105 16.23 -11.68 -16.05
CA PRO B 105 16.39 -12.95 -15.30
C PRO B 105 16.19 -12.88 -13.78
N ALA B 106 15.97 -11.69 -13.23
CA ALA B 106 16.19 -11.47 -11.80
C ALA B 106 15.07 -11.97 -10.89
N SER B 107 13.89 -12.31 -11.40
CA SER B 107 12.85 -12.80 -10.51
C SER B 107 12.72 -14.31 -10.53
N ASN B 108 13.52 -15.00 -11.31
CA ASN B 108 13.43 -16.45 -11.37
C ASN B 108 14.60 -17.11 -10.61
N PRO B 109 14.33 -18.15 -9.78
CA PRO B 109 13.09 -18.88 -9.52
C PRO B 109 12.46 -18.51 -8.19
N GLY B 110 11.25 -17.94 -8.23
CA GLY B 110 10.53 -17.57 -7.01
C GLY B 110 11.16 -16.44 -6.21
N LEU B 111 11.94 -15.59 -6.85
CA LEU B 111 12.55 -14.42 -6.23
C LEU B 111 11.66 -13.20 -6.31
N GLY B 112 10.48 -13.35 -6.91
CA GLY B 112 9.66 -12.19 -7.22
C GLY B 112 9.08 -11.53 -5.99
N ASP B 113 8.66 -12.32 -5.01
CA ASP B 113 8.09 -11.77 -3.78
C ASP B 113 9.00 -10.77 -3.13
N VAL B 114 10.31 -10.97 -3.26
CA VAL B 114 11.29 -10.05 -2.70
C VAL B 114 11.65 -9.00 -3.72
N TYR B 115 12.03 -9.42 -4.91
CA TYR B 115 12.67 -8.51 -5.85
C TYR B 115 11.71 -7.85 -6.82
N ASP B 116 10.55 -8.45 -7.08
CA ASP B 116 9.64 -7.91 -8.09
C ASP B 116 8.72 -6.88 -7.47
N TRP B 117 7.71 -7.34 -6.73
CA TRP B 117 6.78 -6.44 -6.08
C TRP B 117 7.07 -6.28 -4.59
N GLY B 118 8.16 -6.90 -4.08
CA GLY B 118 8.59 -6.66 -2.73
C GLY B 118 9.37 -5.35 -2.56
N GLY B 119 9.62 -4.99 -1.30
CA GLY B 119 10.27 -3.73 -1.02
C GLY B 119 9.32 -2.85 -0.24
N ALA B 120 9.86 -1.87 0.47
CA ALA B 120 9.08 -1.03 1.35
C ALA B 120 8.98 0.41 0.91
N ILE B 121 9.61 0.80 -0.19
CA ILE B 121 9.64 2.21 -0.55
C ILE B 121 8.23 2.70 -0.89
N GLY B 122 8.01 3.97 -0.66
CA GLY B 122 6.73 4.59 -0.95
C GLY B 122 6.64 5.04 -2.39
N GLY B 123 5.43 5.48 -2.75
CA GLY B 123 5.17 5.86 -4.12
C GLY B 123 5.09 4.61 -5.00
N ALA B 124 5.76 4.68 -6.16
CA ALA B 124 5.76 3.57 -7.11
C ALA B 124 7.20 3.39 -7.61
N LYS B 125 7.90 2.39 -7.05
CA LYS B 125 9.30 2.18 -7.40
C LYS B 125 9.46 2.07 -8.91
N TYR B 126 8.57 1.34 -9.56
CA TYR B 126 8.53 1.27 -11.01
C TYR B 126 7.19 0.68 -11.40
N GLN B 127 6.85 0.81 -12.68
CA GLN B 127 5.71 0.05 -13.15
C GLN B 127 6.17 -1.35 -13.57
N ASP B 128 5.21 -2.25 -13.62
CA ASP B 128 5.35 -3.60 -14.15
C ASP B 128 4.22 -3.69 -15.17
N ARG B 129 4.55 -3.80 -16.46
CA ARG B 129 3.48 -3.95 -17.44
C ARG B 129 2.41 -2.86 -17.33
N GLN B 130 2.44 -1.84 -18.19
CA GLN B 130 1.53 -0.72 -18.08
C GLN B 130 0.78 -0.54 -19.37
N SER B 131 -0.52 -0.25 -19.24
CA SER B 131 -1.32 0.23 -20.35
C SER B 131 -0.94 1.68 -20.65
N ASN B 132 -1.49 2.23 -21.74
CA ASN B 132 -1.26 3.64 -22.09
C ASN B 132 0.24 3.94 -22.19
N THR B 133 0.95 3.08 -22.94
CA THR B 133 2.40 3.12 -23.02
C THR B 133 2.83 3.15 -24.47
N ILE B 134 3.88 3.92 -24.74
CA ILE B 134 4.61 3.82 -26.00
C ILE B 134 6.03 3.37 -25.68
N ARG B 135 6.49 2.34 -26.38
CA ARG B 135 7.77 1.71 -26.10
C ARG B 135 8.54 1.52 -27.40
N TRP B 136 9.79 1.96 -27.40
CA TRP B 136 10.69 1.77 -28.53
C TRP B 136 11.70 0.68 -28.20
N ASP B 137 11.86 -0.27 -29.10
CA ASP B 137 12.92 -1.27 -28.99
C ASP B 137 13.82 -1.14 -30.21
N SER B 138 15.06 -0.69 -30.00
CA SER B 138 16.03 -0.62 -31.07
C SER B 138 16.45 -2.03 -31.49
N PRO B 139 17.01 -2.19 -32.68
CA PRO B 139 17.62 -3.47 -33.05
C PRO B 139 18.91 -3.67 -32.27
N MET B 140 19.48 -4.86 -32.40
CA MET B 140 20.77 -5.14 -31.79
C MET B 140 21.84 -4.53 -32.68
N TYR B 141 22.14 -3.25 -32.46
CA TYR B 141 23.16 -2.55 -33.22
C TYR B 141 24.47 -3.32 -33.17
N ALA B 142 25.06 -3.56 -34.34
CA ALA B 142 26.30 -4.31 -34.49
C ALA B 142 26.21 -5.70 -33.88
N ASP B 143 25.00 -6.23 -33.79
CA ASP B 143 24.75 -7.53 -33.14
C ASP B 143 25.48 -7.61 -31.80
N LYS B 144 25.51 -6.47 -31.08
CA LYS B 144 26.20 -6.32 -29.79
C LYS B 144 25.42 -5.53 -28.73
N PHE B 145 24.61 -4.54 -29.10
CA PHE B 145 24.10 -3.55 -28.16
C PHE B 145 22.69 -3.10 -28.54
N SER B 146 21.78 -3.00 -27.56
CA SER B 146 20.38 -2.66 -27.80
C SER B 146 19.87 -1.66 -26.77
N ILE B 147 18.84 -0.90 -27.17
CA ILE B 147 18.19 0.10 -26.32
C ILE B 147 16.69 -0.15 -26.25
N ASP B 148 16.13 -0.03 -25.05
CA ASP B 148 14.68 -0.06 -24.83
C ASP B 148 14.25 1.24 -24.15
N ALA B 149 13.26 1.93 -24.70
CA ALA B 149 12.82 3.21 -24.16
C ALA B 149 11.29 3.32 -24.20
N ALA B 150 10.71 3.91 -23.15
CA ALA B 150 9.25 3.99 -23.03
C ALA B 150 8.83 5.17 -22.16
N VAL B 151 7.65 5.71 -22.47
CA VAL B 151 6.93 6.64 -21.60
C VAL B 151 5.48 6.16 -21.56
N GLY B 152 4.79 6.46 -20.45
CA GLY B 152 3.40 6.03 -20.40
C GLY B 152 2.63 6.74 -19.31
N ALA B 153 1.31 6.63 -19.39
CA ALA B 153 0.47 7.16 -18.32
C ALA B 153 0.49 6.21 -17.13
N GLY B 154 0.13 6.74 -15.97
CA GLY B 154 0.16 5.98 -14.74
C GLY B 154 -1.12 5.21 -14.49
N ASP B 155 -1.14 4.49 -13.36
CA ASP B 155 -2.29 3.65 -13.01
C ASP B 155 -3.57 4.47 -12.86
N LYS B 156 -3.50 5.57 -12.10
CA LYS B 156 -4.69 6.41 -11.88
C LYS B 156 -5.08 7.16 -13.17
N ALA B 157 -4.09 7.62 -13.93
CA ALA B 157 -4.36 8.36 -15.16
C ALA B 157 -5.11 7.50 -16.16
N GLY B 158 -4.85 6.20 -16.16
CA GLY B 158 -5.53 5.28 -17.05
C GLY B 158 -6.98 5.08 -16.71
N LEU B 159 -7.45 5.60 -15.59
CA LEU B 159 -8.86 5.59 -15.25
C LEU B 159 -9.49 6.98 -15.27
N GLY B 160 -8.75 7.99 -15.73
CA GLY B 160 -9.23 9.35 -15.62
C GLY B 160 -9.29 9.82 -14.19
N ALA B 161 -8.45 9.25 -13.31
CA ALA B 161 -8.48 9.54 -11.89
C ALA B 161 -7.17 10.13 -11.40
N GLY B 162 -6.32 10.63 -12.29
CA GLY B 162 -5.03 11.13 -11.85
C GLY B 162 -4.27 11.65 -13.04
N ASP B 163 -3.05 12.10 -12.76
CA ASP B 163 -2.16 12.59 -13.82
C ASP B 163 -0.76 12.03 -13.66
N ASP B 164 -0.64 10.84 -13.12
CA ASP B 164 0.65 10.19 -13.02
C ASP B 164 1.16 9.81 -14.41
N TYR B 165 2.48 9.74 -14.52
CA TYR B 165 3.16 9.37 -15.75
C TYR B 165 4.55 8.89 -15.36
N TRP B 166 5.25 8.33 -16.33
CA TRP B 166 6.53 7.69 -16.05
C TRP B 166 7.29 7.57 -17.34
N GLY B 167 8.61 7.53 -17.24
CA GLY B 167 9.46 7.23 -18.37
C GLY B 167 10.58 6.30 -17.93
N GLY B 168 11.12 5.58 -18.89
CA GLY B 168 12.12 4.59 -18.54
C GLY B 168 12.96 4.28 -19.74
N ILE B 169 14.15 3.75 -19.47
CA ILE B 169 15.13 3.44 -20.50
C ILE B 169 15.95 2.27 -20.00
N ALA B 170 16.39 1.44 -20.92
CA ALA B 170 17.23 0.30 -20.58
C ALA B 170 18.18 0.02 -21.73
N ALA B 171 19.37 -0.49 -21.39
CA ALA B 171 20.41 -0.78 -22.36
C ALA B 171 21.11 -2.06 -21.97
N HIS B 172 21.55 -2.78 -22.99
CA HIS B 172 22.26 -4.03 -22.88
C HIS B 172 23.47 -4.01 -23.81
N TYR B 173 24.56 -4.61 -23.36
CA TYR B 173 25.77 -4.76 -24.17
C TYR B 173 26.20 -6.21 -24.11
N LYS B 174 26.36 -6.83 -25.28
CA LYS B 174 26.87 -8.19 -25.38
C LYS B 174 28.39 -8.13 -25.41
N LEU B 175 29.02 -8.86 -24.51
CA LEU B 175 30.48 -8.90 -24.35
C LEU B 175 30.85 -10.38 -24.20
N GLY B 176 31.21 -11.03 -25.31
CA GLY B 176 31.49 -12.45 -25.31
C GLY B 176 30.32 -13.27 -24.82
N PRO B 177 30.52 -14.02 -23.74
CA PRO B 177 29.42 -14.78 -23.12
C PRO B 177 28.65 -14.00 -22.06
N LEU B 178 28.96 -12.71 -21.87
CA LEU B 178 28.36 -11.88 -20.84
C LEU B 178 27.42 -10.88 -21.46
N GLN B 179 26.39 -10.53 -20.70
CA GLN B 179 25.49 -9.44 -21.06
C GLN B 179 25.48 -8.43 -19.92
N LEU B 180 25.83 -7.18 -20.22
CA LEU B 180 25.76 -6.10 -19.24
C LEU B 180 24.41 -5.43 -19.39
N ASP B 181 23.75 -5.17 -18.26
CA ASP B 181 22.41 -4.60 -18.26
C ASP B 181 22.38 -3.35 -17.38
N ALA B 182 21.81 -2.26 -17.88
CA ALA B 182 21.56 -1.08 -17.07
C ALA B 182 20.16 -0.53 -17.35
N ALA B 183 19.47 -0.07 -16.31
CA ALA B 183 18.12 0.44 -16.50
C ALA B 183 17.79 1.58 -15.53
N TYR B 184 16.84 2.42 -15.96
CA TYR B 184 16.32 3.52 -15.15
C TYR B 184 14.81 3.68 -15.38
N GLU B 185 14.09 4.05 -14.34
CA GLU B 185 12.71 4.46 -14.50
C GLU B 185 12.42 5.55 -13.49
N GLY B 186 11.73 6.58 -13.94
CA GLY B 186 11.26 7.64 -13.08
C GLY B 186 9.76 7.78 -13.19
N ASN B 187 9.09 7.72 -12.06
CA ASN B 187 7.65 7.90 -11.99
C ASN B 187 7.35 9.26 -11.38
N ARG B 188 6.29 9.90 -11.85
CA ARG B 188 5.95 11.25 -11.45
C ARG B 188 4.46 11.35 -11.13
N ASN B 189 4.11 12.33 -10.29
CA ASN B 189 2.72 12.69 -9.99
C ASN B 189 1.94 11.54 -9.37
N ILE B 190 2.63 10.71 -8.60
CA ILE B 190 2.03 9.55 -7.94
C ILE B 190 1.29 10.03 -6.70
N GLU B 191 -0.03 9.84 -6.69
CA GLU B 191 -0.82 10.22 -5.52
C GLU B 191 -0.91 8.98 -4.62
N ALA B 192 -0.30 9.04 -3.44
CA ALA B 192 -0.44 7.96 -2.48
C ALA B 192 -0.05 8.48 -1.11
N GLU B 193 -0.70 7.90 -0.10
CA GLU B 193 -0.44 8.17 1.32
C GLU B 193 -0.63 9.64 1.67
N GLY B 194 -1.58 10.30 1.00
CA GLY B 194 -1.82 11.70 1.24
C GLY B 194 -0.77 12.62 0.66
N GLN B 195 0.17 12.09 -0.08
CA GLN B 195 1.23 12.87 -0.68
C GLN B 195 1.21 12.70 -2.19
N THR B 196 2.16 13.39 -2.82
CA THR B 196 2.45 13.29 -4.24
C THR B 196 3.91 12.92 -4.34
N TRP B 197 4.20 11.81 -5.03
CA TRP B 197 5.54 11.24 -5.01
C TRP B 197 6.25 11.39 -6.35
N GLU B 198 7.57 11.38 -6.28
CA GLU B 198 8.41 11.14 -7.44
C GLU B 198 9.35 9.99 -7.10
N ASN B 199 9.45 9.01 -7.99
CA ASN B 199 10.32 7.86 -7.80
C ASN B 199 11.41 7.84 -8.86
N ASN B 200 12.58 7.34 -8.46
CA ASN B 200 13.68 7.13 -9.38
C ASN B 200 14.37 5.82 -9.03
N THR B 201 14.36 4.88 -9.96
CA THR B 201 14.96 3.57 -9.75
C THR B 201 16.10 3.34 -10.74
N TYR B 202 17.19 2.73 -10.26
CA TYR B 202 18.35 2.43 -11.07
C TYR B 202 18.74 0.97 -10.89
N LEU B 203 19.15 0.34 -11.99
CA LEU B 203 19.46 -1.06 -11.96
C LEU B 203 20.70 -1.32 -12.81
N VAL B 204 21.62 -2.11 -12.28
CA VAL B 204 22.74 -2.58 -13.06
C VAL B 204 22.79 -4.09 -12.87
N GLY B 205 23.21 -4.78 -13.93
CA GLY B 205 23.22 -6.23 -13.83
C GLY B 205 24.07 -6.87 -14.90
N VAL B 206 24.40 -8.13 -14.65
CA VAL B 206 25.21 -8.91 -15.56
C VAL B 206 24.57 -10.27 -15.71
N GLN B 207 24.60 -10.79 -16.94
CA GLN B 207 24.23 -12.17 -17.22
C GLN B 207 25.40 -12.84 -17.92
N GLY B 208 25.63 -14.11 -17.59
CA GLY B 208 26.67 -14.84 -18.26
C GLY B 208 26.22 -16.25 -18.60
N TRP B 209 26.56 -16.73 -19.80
CA TRP B 209 26.36 -18.11 -20.20
C TRP B 209 27.69 -18.63 -20.72
N PHE B 210 28.17 -19.73 -20.16
CA PHE B 210 29.49 -20.24 -20.48
C PHE B 210 29.45 -21.65 -21.05
N GLU B 211 30.40 -21.94 -21.95
CA GLU B 211 30.47 -23.24 -22.59
C GLU B 211 30.70 -24.36 -21.58
N ASN B 212 31.17 -24.05 -20.37
CA ASN B 212 31.40 -25.04 -19.32
C ASN B 212 30.12 -25.49 -18.63
N GLY B 213 28.97 -24.91 -18.98
CA GLY B 213 27.70 -25.28 -18.41
C GLY B 213 27.25 -24.36 -17.29
N ILE B 214 28.15 -23.48 -16.82
CA ILE B 214 27.82 -22.48 -15.80
C ILE B 214 27.14 -21.29 -16.47
N SER B 215 26.09 -20.78 -15.83
CA SER B 215 25.53 -19.49 -16.20
C SER B 215 25.10 -18.78 -14.94
N PHE B 216 25.05 -17.46 -14.99
CA PHE B 216 24.73 -16.69 -13.79
C PHE B 216 24.11 -15.36 -14.19
N PHE B 217 23.40 -14.77 -13.24
CA PHE B 217 22.99 -13.38 -13.34
C PHE B 217 23.12 -12.76 -11.95
N ALA B 218 23.27 -11.43 -11.92
CA ALA B 218 23.31 -10.67 -10.68
C ALA B 218 22.86 -9.24 -10.99
N GLN B 219 22.01 -8.69 -10.13
CA GLN B 219 21.52 -7.35 -10.33
C GLN B 219 21.60 -6.56 -9.03
N TYR B 220 21.87 -5.26 -9.15
CA TYR B 220 21.84 -4.33 -8.03
C TYR B 220 20.85 -3.25 -8.35
N LYS B 221 19.92 -3.03 -7.42
CA LYS B 221 18.79 -2.15 -7.64
C LYS B 221 18.80 -1.06 -6.60
N TYR B 222 18.65 0.18 -7.05
CA TYR B 222 18.69 1.35 -6.18
C TYR B 222 17.41 2.13 -6.41
N MET B 223 16.58 2.25 -5.37
CA MET B 223 15.31 2.97 -5.49
C MET B 223 15.28 4.18 -4.55
N GLU B 224 15.02 5.35 -5.11
CA GLU B 224 14.78 6.57 -4.38
C GLU B 224 13.35 7.02 -4.62
N ALA B 225 12.79 7.74 -3.63
CA ALA B 225 11.43 8.25 -3.72
C ALA B 225 11.33 9.51 -2.89
N ASP B 226 10.54 10.47 -3.37
CA ASP B 226 10.42 11.78 -2.74
C ASP B 226 8.95 12.17 -2.62
N ALA B 227 8.48 12.41 -1.40
CA ALA B 227 7.11 12.87 -1.20
C ALA B 227 7.05 14.39 -1.27
N SER B 228 5.84 14.91 -1.50
CA SER B 228 5.64 16.34 -1.68
C SER B 228 5.79 17.13 -0.37
N ASN B 229 5.83 16.45 0.78
CA ASN B 229 6.11 17.08 2.07
C ASN B 229 7.58 17.07 2.47
N GLY B 230 8.50 16.79 1.55
CA GLY B 230 9.92 16.92 1.83
C GLY B 230 10.60 15.65 2.30
N VAL B 231 9.83 14.61 2.65
CA VAL B 231 10.37 13.32 3.06
C VAL B 231 11.09 12.67 1.89
N ASN B 232 12.21 12.01 2.17
CA ASN B 232 12.97 11.27 1.18
C ASN B 232 13.08 9.82 1.64
N GLU B 233 12.92 8.89 0.69
CA GLU B 233 13.02 7.47 1.01
C GLU B 233 14.01 6.80 0.06
N LYS B 234 14.73 5.82 0.58
CA LYS B 234 15.76 5.09 -0.15
C LYS B 234 15.77 3.65 0.29
N GLN B 235 15.88 2.75 -0.67
CA GLN B 235 16.01 1.33 -0.40
C GLN B 235 16.80 0.74 -1.56
N ASP B 236 17.65 -0.22 -1.25
CA ASP B 236 18.47 -0.93 -2.22
C ASP B 236 18.05 -2.40 -2.28
N ALA B 237 18.32 -3.02 -3.43
CA ALA B 237 17.99 -4.44 -3.53
C ALA B 237 19.04 -5.13 -4.40
N MET B 238 19.06 -6.45 -4.31
CA MET B 238 19.93 -7.23 -5.16
C MET B 238 19.28 -8.58 -5.45
N SER B 239 19.78 -9.22 -6.51
CA SER B 239 19.30 -10.52 -6.90
C SER B 239 20.38 -11.20 -7.73
N ALA B 240 20.55 -12.50 -7.51
CA ALA B 240 21.55 -13.23 -8.26
C ALA B 240 21.13 -14.68 -8.37
N GLY B 241 21.61 -15.33 -9.42
CA GLY B 241 21.30 -16.73 -9.62
C GLY B 241 22.49 -17.42 -10.23
N LEU B 242 22.67 -18.69 -9.85
CA LEU B 242 23.80 -19.49 -10.29
C LEU B 242 23.21 -20.76 -10.87
N MET B 243 23.66 -21.11 -12.07
CA MET B 243 23.10 -22.23 -12.81
C MET B 243 24.18 -23.15 -13.36
N TYR B 244 23.94 -24.45 -13.21
CA TYR B 244 24.74 -25.49 -13.85
C TYR B 244 23.82 -26.29 -14.75
N THR B 245 24.11 -26.27 -16.06
CA THR B 245 23.33 -27.00 -17.07
C THR B 245 24.17 -28.15 -17.60
N THR B 246 23.72 -29.38 -17.35
CA THR B 246 24.38 -30.58 -17.84
C THR B 246 23.34 -31.49 -18.50
N GLY B 247 23.56 -31.77 -19.78
CA GLY B 247 22.65 -32.67 -20.47
C GLY B 247 21.27 -32.05 -20.50
N ASP B 248 20.30 -32.78 -19.93
CA ASP B 248 18.90 -32.38 -19.85
C ASP B 248 18.52 -31.79 -18.49
N TRP B 249 19.49 -31.34 -17.70
CA TRP B 249 19.22 -30.94 -16.33
C TRP B 249 19.78 -29.55 -16.07
N GLN B 250 19.07 -28.79 -15.24
CA GLN B 250 19.53 -27.49 -14.80
C GLN B 250 19.41 -27.41 -13.29
N TYR B 251 20.55 -27.21 -12.63
CA TYR B 251 20.60 -26.86 -11.21
C TYR B 251 20.74 -25.35 -11.16
N LYS B 252 19.90 -24.70 -10.35
CA LYS B 252 19.86 -23.25 -10.25
C LYS B 252 19.74 -22.90 -8.78
N LEU B 253 20.56 -21.94 -8.34
CA LEU B 253 20.48 -21.41 -6.99
C LEU B 253 20.21 -19.93 -7.07
N GLY B 254 19.22 -19.46 -6.34
CA GLY B 254 18.81 -18.08 -6.41
C GLY B 254 18.73 -17.41 -5.05
N TYR B 255 19.15 -16.14 -5.03
CA TYR B 255 19.09 -15.32 -3.83
C TYR B 255 18.74 -13.90 -4.22
N ALA B 256 17.85 -13.29 -3.44
CA ALA B 256 17.48 -11.91 -3.67
C ALA B 256 17.19 -11.26 -2.32
N ALA B 257 17.42 -9.95 -2.25
CA ALA B 257 17.19 -9.26 -0.99
C ALA B 257 16.85 -7.78 -1.23
N ASN B 258 15.94 -7.26 -0.41
CA ASN B 258 15.78 -5.83 -0.18
C ASN B 258 16.43 -5.51 1.15
N PHE B 259 17.13 -4.38 1.19
CA PHE B 259 17.82 -3.95 2.39
C PHE B 259 17.00 -2.92 3.15
N ASP B 260 17.47 -2.58 4.35
CA ASP B 260 16.77 -1.62 5.20
C ASP B 260 16.45 -0.35 4.40
N LEU B 261 15.21 0.12 4.55
CA LEU B 261 14.77 1.38 3.95
C LEU B 261 15.23 2.57 4.79
N GLU B 262 15.62 3.64 4.12
CA GLU B 262 16.05 4.87 4.78
C GLU B 262 14.96 5.91 4.60
N ARG B 263 14.48 6.48 5.69
CA ARG B 263 13.53 7.58 5.62
C ARG B 263 14.19 8.81 6.24
N ASP B 264 14.41 9.84 5.40
CA ASP B 264 15.06 11.07 5.83
C ASP B 264 16.38 10.82 6.53
N GLY B 265 17.21 9.94 5.95
CA GLY B 265 18.51 9.64 6.51
C GLY B 265 18.51 8.63 7.64
N LYS B 266 17.37 8.36 8.27
CA LYS B 266 17.30 7.41 9.36
C LYS B 266 17.04 6.00 8.80
N THR B 267 17.91 5.05 9.16
CA THR B 267 17.66 3.67 8.83
C THR B 267 16.50 3.17 9.67
N LEU B 268 15.54 2.53 9.01
CA LEU B 268 14.43 1.86 9.68
C LEU B 268 14.82 0.40 9.91
N SER B 269 14.80 -0.04 11.16
CA SER B 269 15.19 -1.41 11.46
C SER B 269 14.14 -2.40 10.96
N ASN B 270 14.62 -3.56 10.49
CA ASN B 270 13.78 -4.69 10.10
C ASN B 270 12.80 -4.35 8.98
N THR B 271 13.27 -3.56 8.02
CA THR B 271 12.56 -3.29 6.78
C THR B 271 13.20 -4.00 5.60
N SER B 272 13.91 -5.08 5.87
CA SER B 272 14.62 -5.85 4.87
C SER B 272 13.89 -7.15 4.55
N ASP B 273 14.08 -7.60 3.32
CA ASP B 273 13.59 -8.89 2.88
C ASP B 273 14.74 -9.65 2.25
N ASP B 274 14.67 -10.97 2.31
CA ASP B 274 15.50 -11.76 1.44
C ASP B 274 14.81 -13.09 1.20
N VAL B 275 15.20 -13.73 0.10
CA VAL B 275 14.67 -15.03 -0.32
C VAL B 275 15.84 -15.88 -0.81
N VAL B 276 15.88 -17.14 -0.40
CA VAL B 276 16.82 -18.10 -0.95
C VAL B 276 16.00 -19.15 -1.67
N SER B 277 16.49 -19.60 -2.84
CA SER B 277 15.68 -20.49 -3.66
C SER B 277 16.56 -21.46 -4.43
N ALA B 278 16.14 -22.72 -4.47
CA ALA B 278 16.85 -23.76 -5.21
C ALA B 278 15.90 -24.42 -6.22
N GLN B 279 16.41 -24.74 -7.41
CA GLN B 279 15.55 -25.30 -8.44
C GLN B 279 16.28 -26.34 -9.27
N ILE B 280 15.63 -27.49 -9.48
CA ILE B 280 16.09 -28.54 -10.41
C ILE B 280 15.11 -28.58 -11.58
N MET B 281 15.63 -28.46 -12.80
CA MET B 281 14.80 -28.44 -14.00
C MET B 281 15.21 -29.52 -15.00
N TYR B 282 14.22 -30.13 -15.65
CA TYR B 282 14.42 -31.17 -16.66
C TYR B 282 13.90 -30.68 -18.01
N PHE B 283 14.78 -30.60 -19.01
CA PHE B 283 14.36 -30.18 -20.36
C PHE B 283 13.68 -31.37 -21.02
N VAL B 284 12.41 -31.54 -20.70
CA VAL B 284 11.65 -32.71 -21.11
C VAL B 284 11.38 -32.73 -22.61
N ASP B 285 11.58 -31.60 -23.30
CA ASP B 285 11.32 -31.46 -24.73
C ASP B 285 11.85 -30.10 -25.15
N PRO B 286 12.22 -29.88 -26.41
CA PRO B 286 12.68 -28.54 -26.82
C PRO B 286 11.66 -27.42 -26.58
N SER B 287 10.40 -27.76 -26.36
CA SER B 287 9.37 -26.75 -26.12
C SER B 287 8.77 -26.86 -24.73
N ALA B 288 9.35 -27.64 -23.82
CA ALA B 288 8.73 -27.79 -22.51
C ALA B 288 9.78 -28.08 -21.46
N VAL B 289 9.45 -27.76 -20.21
CA VAL B 289 10.31 -28.06 -19.07
C VAL B 289 9.44 -28.60 -17.94
N LEU B 290 10.04 -29.49 -17.16
CA LEU B 290 9.54 -29.85 -15.84
C LEU B 290 10.49 -29.21 -14.84
N TYR B 291 10.00 -28.93 -13.64
CA TYR B 291 10.89 -28.35 -12.64
C TYR B 291 10.38 -28.63 -11.24
N ALA B 292 11.31 -28.70 -10.31
CA ALA B 292 11.01 -28.77 -8.88
C ALA B 292 11.72 -27.63 -8.18
N ARG B 293 11.07 -27.05 -7.18
CA ARG B 293 11.59 -25.82 -6.60
C ARG B 293 11.22 -25.74 -5.12
N ALA B 294 12.16 -25.25 -4.32
CA ALA B 294 11.89 -24.93 -2.94
C ALA B 294 12.48 -23.56 -2.64
N ARG B 295 11.77 -22.76 -1.84
CA ARG B 295 12.27 -21.43 -1.54
C ARG B 295 11.87 -20.99 -0.15
N MET B 296 12.67 -20.08 0.40
CA MET B 296 12.51 -19.53 1.74
C MET B 296 12.38 -18.01 1.66
N ASN B 297 11.24 -17.47 2.10
CA ASN B 297 11.01 -16.04 2.12
C ASN B 297 11.09 -15.53 3.55
N ASP B 298 12.00 -14.59 3.81
CA ASP B 298 12.11 -13.88 5.09
C ASP B 298 11.80 -12.39 4.87
N PHE B 299 10.62 -11.95 5.32
CA PHE B 299 10.14 -10.60 5.04
C PHE B 299 10.33 -9.62 6.20
N ASN B 300 10.25 -8.34 5.84
CA ASN B 300 10.26 -7.23 6.77
C ASN B 300 9.13 -7.36 7.80
N GLU B 301 9.25 -6.59 8.88
CA GLU B 301 8.28 -6.70 9.96
C GLU B 301 7.17 -5.65 9.86
N GLY B 302 7.21 -4.79 8.84
CA GLY B 302 6.14 -3.84 8.67
C GLY B 302 6.66 -2.43 8.81
N LEU B 303 5.94 -1.46 8.26
CA LEU B 303 6.31 -0.06 8.45
C LEU B 303 5.08 0.79 8.14
N ASP B 304 5.06 1.98 8.73
CA ASP B 304 3.97 2.91 8.50
C ASP B 304 4.31 3.76 7.29
N GLY B 305 3.29 4.12 6.53
CA GLY B 305 3.45 5.07 5.45
C GLY B 305 3.41 6.47 6.02
N LEU B 306 3.25 7.43 5.14
CA LEU B 306 3.27 8.83 5.56
C LEU B 306 1.87 9.33 5.94
N ASP B 307 0.87 8.47 5.91
CA ASP B 307 -0.50 8.75 6.35
C ASP B 307 -0.83 8.13 7.70
N ASP B 308 0.18 7.74 8.47
CA ASP B 308 0.00 7.14 9.80
C ASP B 308 -0.79 5.82 9.75
N ALA B 309 -0.80 5.16 8.60
CA ALA B 309 -1.32 3.80 8.44
C ALA B 309 -0.22 2.86 7.98
N ALA B 310 -0.44 1.56 8.21
CA ALA B 310 0.50 0.55 7.73
C ALA B 310 0.62 0.60 6.21
N ARG B 311 1.85 0.52 5.72
CA ARG B 311 2.12 0.49 4.28
C ARG B 311 2.25 -0.94 3.82
N TRP B 312 1.52 -1.30 2.78
CA TRP B 312 1.54 -2.70 2.33
C TRP B 312 2.87 -3.06 1.71
N THR B 313 3.34 -4.27 2.02
CA THR B 313 4.52 -4.84 1.37
C THR B 313 4.23 -6.31 1.08
N SER B 314 5.15 -6.95 0.36
CA SER B 314 5.00 -8.38 0.13
C SER B 314 5.12 -9.20 1.41
N GLY B 315 5.57 -8.58 2.51
CA GLY B 315 5.67 -9.30 3.77
C GLY B 315 4.46 -9.23 4.67
N THR B 316 3.52 -8.32 4.37
CA THR B 316 2.33 -8.14 5.18
C THR B 316 1.69 -9.47 5.53
N ASN B 317 1.66 -10.40 4.58
CA ASN B 317 1.00 -11.67 4.82
C ASN B 317 1.86 -12.64 5.62
N GLY B 318 3.15 -12.35 5.80
CA GLY B 318 3.97 -13.18 6.67
C GLY B 318 5.04 -13.94 5.90
N ASP B 319 6.08 -14.33 6.64
CA ASP B 319 7.13 -15.19 6.09
C ASP B 319 6.54 -16.53 5.69
N TYR B 320 7.12 -17.15 4.66
CA TYR B 320 6.64 -18.48 4.27
C TYR B 320 7.69 -19.23 3.47
N ASN B 321 7.57 -20.56 3.50
CA ASN B 321 8.30 -21.47 2.63
C ASN B 321 7.36 -22.08 1.61
N GLU B 322 7.93 -22.45 0.46
CA GLU B 322 7.12 -23.02 -0.62
C GLU B 322 7.90 -24.13 -1.27
N TYR B 323 7.24 -25.27 -1.45
CA TYR B 323 7.79 -26.41 -2.20
C TYR B 323 6.88 -26.68 -3.39
N SER B 324 7.47 -26.82 -4.56
CA SER B 324 6.67 -26.86 -5.77
C SER B 324 7.34 -27.69 -6.84
N VAL B 325 6.50 -28.31 -7.68
CA VAL B 325 6.83 -28.89 -8.96
C VAL B 325 5.97 -28.20 -10.02
N GLY B 326 6.39 -28.30 -11.28
CA GLY B 326 5.62 -27.62 -12.30
C GLY B 326 5.94 -28.09 -13.71
N VAL B 327 5.18 -27.54 -14.65
CA VAL B 327 5.39 -27.79 -16.08
C VAL B 327 5.19 -26.48 -16.82
N GLU B 328 6.02 -26.25 -17.83
CA GLU B 328 5.82 -25.17 -18.78
C GLU B 328 6.00 -25.73 -20.17
N TYR B 329 5.07 -25.43 -21.07
CA TYR B 329 5.07 -25.86 -22.46
C TYR B 329 4.72 -24.65 -23.33
N TYR B 330 5.51 -24.39 -24.37
CA TYR B 330 5.31 -23.24 -25.24
C TYR B 330 4.84 -23.73 -26.59
N PHE B 331 3.92 -22.99 -27.22
CA PHE B 331 3.50 -23.29 -28.58
C PHE B 331 3.16 -22.02 -29.36
N GLU C 1 71.41 -11.67 -2.35
CA GLU C 1 70.89 -10.73 -3.35
C GLU C 1 70.38 -9.44 -2.70
N VAL C 2 70.60 -8.30 -3.36
CA VAL C 2 69.96 -7.04 -3.01
C VAL C 2 68.78 -6.84 -3.95
N TYR C 3 67.70 -6.31 -3.43
CA TYR C 3 66.57 -6.00 -4.27
C TYR C 3 65.92 -4.74 -3.72
N GLY C 4 65.15 -4.06 -4.58
CA GLY C 4 64.46 -2.86 -4.15
C GLY C 4 63.23 -2.56 -4.97
N ILE C 5 62.38 -1.71 -4.39
CA ILE C 5 61.31 -1.04 -5.12
C ILE C 5 61.54 0.45 -4.91
N ILE C 6 61.82 1.17 -5.99
CA ILE C 6 61.99 2.62 -5.98
C ILE C 6 60.65 3.19 -6.38
N ALA C 7 59.97 3.88 -5.45
CA ALA C 7 58.57 4.27 -5.64
C ALA C 7 58.31 5.64 -5.03
N MET C 8 57.87 6.57 -5.86
CA MET C 8 57.55 7.92 -5.43
C MET C 8 56.17 8.29 -5.94
N GLN C 9 55.38 8.93 -5.10
CA GLN C 9 54.04 9.36 -5.46
C GLN C 9 53.91 10.81 -5.02
N ALA C 10 53.58 11.70 -5.96
CA ALA C 10 53.25 13.08 -5.63
C ALA C 10 51.73 13.20 -5.50
N ALA C 11 51.24 13.50 -4.30
CA ALA C 11 49.82 13.43 -4.04
C ALA C 11 49.31 14.75 -3.45
N TYR C 12 48.29 15.31 -4.09
CA TYR C 12 47.57 16.46 -3.56
C TYR C 12 46.28 15.96 -2.91
N ARG C 13 46.07 16.32 -1.66
CA ARG C 13 44.85 15.96 -0.94
C ARG C 13 44.06 17.23 -0.64
N ASP C 14 42.79 17.24 -1.01
CA ASP C 14 41.86 18.29 -0.59
C ASP C 14 40.89 17.69 0.41
N TYR C 15 40.95 18.16 1.65
CA TYR C 15 40.11 17.65 2.72
C TYR C 15 38.86 18.49 2.89
N ASP C 16 37.85 17.87 3.51
CA ASP C 16 36.55 18.45 3.83
C ASP C 16 36.13 17.83 5.17
N SER C 17 36.65 18.40 6.25
CA SER C 17 36.41 17.83 7.57
C SER C 17 35.40 18.65 8.37
N GLY C 18 35.01 19.81 7.87
CA GLY C 18 34.16 20.70 8.65
C GLY C 18 34.95 21.67 9.48
N ASP C 19 36.27 21.59 9.40
CA ASP C 19 37.15 22.50 10.10
C ASP C 19 38.22 22.97 9.12
N ALA C 20 38.27 24.27 8.82
CA ALA C 20 39.44 24.78 8.12
C ALA C 20 40.63 24.54 9.05
N LYS C 21 41.84 24.87 8.63
CA LYS C 21 43.03 24.57 9.45
C LYS C 21 43.16 23.05 9.60
N GLN C 22 42.10 22.37 10.03
CA GLN C 22 42.12 20.90 9.99
C GLN C 22 42.20 20.43 8.53
N ASP C 23 41.37 21.01 7.65
CA ASP C 23 41.52 20.77 6.22
C ASP C 23 42.90 21.19 5.74
N ASP C 24 43.40 22.32 6.26
CA ASP C 24 44.66 22.90 5.81
C ASP C 24 45.85 22.02 6.22
N ASN C 25 45.83 21.48 7.45
CA ASN C 25 46.95 20.69 7.92
C ASN C 25 47.04 19.38 7.15
N LEU C 26 45.94 18.62 7.17
CA LEU C 26 45.94 17.33 6.51
C LEU C 26 46.09 17.48 5.02
N GLY C 27 45.56 18.55 4.47
CA GLY C 27 45.64 18.75 3.04
C GLY C 27 46.94 19.41 2.60
N GLY C 28 47.06 19.50 1.30
CA GLY C 28 48.23 20.00 0.60
C GLY C 28 48.89 18.89 -0.20
N MET C 29 49.95 19.29 -0.89
CA MET C 29 50.75 18.36 -1.68
C MET C 29 51.79 17.72 -0.78
N GLN C 30 51.96 16.41 -0.92
CA GLN C 30 53.01 15.71 -0.20
C GLN C 30 53.67 14.73 -1.16
N LEU C 31 54.90 14.35 -0.84
CA LEU C 31 55.54 13.25 -1.55
C LEU C 31 55.51 12.02 -0.65
N ASN C 32 54.94 10.95 -1.16
CA ASN C 32 54.81 9.66 -0.48
C ASN C 32 55.82 8.73 -1.13
N ASN C 33 57.00 8.59 -0.49
CA ASN C 33 58.14 7.84 -1.03
C ASN C 33 58.12 6.46 -0.41
N GLU C 34 57.60 5.49 -1.15
CA GLU C 34 57.58 4.12 -0.64
C GLU C 34 58.75 3.28 -1.14
N SER C 35 59.84 3.92 -1.54
CA SER C 35 61.02 3.16 -1.93
C SER C 35 61.53 2.32 -0.75
N ARG C 36 62.05 1.13 -1.05
CA ARG C 36 62.55 0.27 0.02
C ARG C 36 63.62 -0.67 -0.53
N ILE C 37 64.56 -1.02 0.33
CA ILE C 37 65.62 -1.95 0.00
C ILE C 37 65.40 -3.23 0.80
N GLY C 38 65.76 -4.35 0.18
CA GLY C 38 65.68 -5.62 0.86
C GLY C 38 66.84 -6.51 0.43
N PHE C 39 67.11 -7.52 1.26
CA PHE C 39 68.06 -8.57 0.97
C PHE C 39 67.36 -9.91 1.10
N ARG C 40 67.75 -10.86 0.25
CA ARG C 40 67.10 -12.16 0.15
C ARG C 40 68.14 -13.22 -0.13
N GLY C 41 67.75 -14.46 0.12
CA GLY C 41 68.59 -15.54 -0.27
C GLY C 41 67.89 -16.86 -0.26
N LYS C 42 68.40 -17.78 -1.06
CA LYS C 42 68.06 -19.18 -1.01
C LYS C 42 69.32 -19.86 -0.55
N LYS C 43 69.21 -21.08 -0.03
CA LYS C 43 70.39 -21.79 0.45
C LYS C 43 70.05 -23.26 0.61
N GLN C 44 70.82 -24.13 -0.04
CA GLN C 44 70.61 -25.56 0.10
C GLN C 44 71.52 -26.05 1.22
N PHE C 45 70.93 -26.33 2.38
CA PHE C 45 71.70 -26.90 3.47
C PHE C 45 72.08 -28.33 3.13
N ALA C 46 73.28 -28.73 3.57
CA ALA C 46 73.78 -30.06 3.19
C ALA C 46 72.94 -31.20 3.76
N ASN C 47 72.34 -30.99 4.92
CA ASN C 47 71.68 -32.04 5.67
C ASN C 47 70.20 -31.72 5.96
N PHE C 48 69.51 -31.14 4.98
CA PHE C 48 68.08 -30.88 5.11
C PHE C 48 67.51 -30.75 3.71
N GLU C 49 66.58 -31.64 3.33
CA GLU C 49 66.09 -31.64 1.95
C GLU C 49 65.44 -30.32 1.57
N PRO C 50 64.45 -29.77 2.31
CA PRO C 50 63.84 -28.51 1.86
C PRO C 50 64.82 -27.36 1.89
N THR C 51 64.75 -26.53 0.87
CA THR C 51 65.70 -25.43 0.70
C THR C 51 65.43 -24.31 1.69
N PHE C 52 66.51 -23.78 2.28
CA PHE C 52 66.40 -22.67 3.22
C PHE C 52 66.17 -21.36 2.46
N ILE C 53 65.24 -20.55 2.95
CA ILE C 53 64.99 -19.27 2.33
C ILE C 53 64.97 -18.23 3.43
N TRP C 54 65.31 -16.99 3.07
CA TRP C 54 65.29 -15.91 4.02
C TRP C 54 65.15 -14.60 3.28
N GLN C 55 64.59 -13.61 3.97
CA GLN C 55 64.44 -12.27 3.43
C GLN C 55 64.42 -11.27 4.59
N ILE C 56 64.95 -10.07 4.33
CA ILE C 56 64.89 -8.93 5.23
C ILE C 56 64.60 -7.72 4.37
N GLU C 57 63.39 -7.16 4.47
CA GLU C 57 63.01 -6.03 3.65
C GLU C 57 62.89 -4.78 4.52
N GLY C 58 63.42 -3.66 4.03
CA GLY C 58 63.29 -2.43 4.77
C GLY C 58 61.92 -1.81 4.59
N GLY C 59 61.63 -0.80 5.42
CA GLY C 59 60.39 -0.06 5.29
C GLY C 59 60.46 1.07 4.27
N TYR C 60 59.32 1.74 4.12
CA TYR C 60 59.26 2.94 3.30
C TYR C 60 60.22 4.01 3.83
N VAL C 61 61.11 4.49 2.96
CA VAL C 61 62.15 5.42 3.42
C VAL C 61 61.61 6.81 3.72
N ASP C 62 60.47 7.21 3.14
CA ASP C 62 59.87 8.49 3.54
C ASP C 62 58.42 8.62 3.12
N PRO C 63 57.50 7.93 3.79
CA PRO C 63 56.09 8.02 3.41
C PRO C 63 55.51 9.37 3.79
N SER C 64 54.45 9.74 3.09
CA SER C 64 53.69 10.93 3.44
C SER C 64 53.09 10.79 4.84
N PHE C 65 52.86 11.92 5.49
CA PHE C 65 52.31 12.00 6.85
C PHE C 65 53.23 11.34 7.85
N GLY C 66 54.47 11.05 7.47
CA GLY C 66 55.43 10.45 8.37
C GLY C 66 56.79 11.09 8.21
N GLY C 67 57.63 10.85 9.21
CA GLY C 67 58.99 11.31 9.13
C GLY C 67 59.82 10.44 8.23
N GLU C 68 61.04 10.89 8.00
CA GLU C 68 62.01 10.22 7.15
C GLU C 68 62.61 9.06 7.93
N GLY C 69 63.15 8.08 7.21
CA GLY C 69 63.91 7.01 7.81
C GLY C 69 63.16 5.71 8.04
N ALA C 70 63.78 4.61 7.61
CA ALA C 70 63.23 3.29 7.82
C ALA C 70 64.38 2.33 8.13
N GLY C 71 64.11 1.37 9.00
CA GLY C 71 65.08 0.37 9.36
C GLY C 71 64.90 -0.87 8.53
N LEU C 72 65.92 -1.74 8.56
CA LEU C 72 65.78 -3.06 7.97
C LEU C 72 64.90 -3.92 8.87
N GLY C 73 63.92 -4.59 8.28
CA GLY C 73 63.06 -5.46 9.05
C GLY C 73 61.65 -4.97 9.23
N GLU C 74 61.32 -3.77 8.75
CA GLU C 74 59.99 -3.26 8.97
C GLU C 74 58.94 -3.95 8.10
N ARG C 75 59.32 -4.49 6.94
CA ARG C 75 58.38 -5.17 6.07
C ARG C 75 58.67 -6.68 6.05
N ASP C 76 58.19 -7.39 5.01
CA ASP C 76 58.25 -8.85 5.03
C ASP C 76 59.66 -9.35 5.31
N THR C 77 59.87 -9.93 6.49
CA THR C 77 61.20 -10.32 6.95
C THR C 77 61.10 -11.67 7.64
N PHE C 78 61.82 -12.66 7.13
CA PHE C 78 61.53 -14.03 7.57
C PHE C 78 62.70 -14.97 7.27
N VAL C 79 62.63 -16.13 7.89
CA VAL C 79 63.37 -17.30 7.47
C VAL C 79 62.32 -18.35 7.11
N GLY C 80 62.76 -19.41 6.44
CA GLY C 80 61.78 -20.42 6.08
C GLY C 80 62.39 -21.53 5.27
N PHE C 81 61.54 -22.49 4.91
CA PHE C 81 61.94 -23.61 4.08
C PHE C 81 60.92 -23.80 2.99
N GLU C 82 61.37 -24.26 1.84
CA GLU C 82 60.48 -24.48 0.71
C GLU C 82 60.81 -25.80 0.06
N SER C 83 59.78 -26.43 -0.50
CA SER C 83 59.93 -27.66 -1.27
C SER C 83 59.02 -27.64 -2.49
N ALA C 84 59.45 -28.30 -3.56
CA ALA C 84 58.61 -28.39 -4.74
C ALA C 84 57.34 -29.15 -4.44
N SER C 85 57.42 -30.12 -3.51
CA SER C 85 56.32 -31.04 -3.24
C SER C 85 55.26 -30.42 -2.34
N TRP C 86 55.65 -29.78 -1.23
CA TRP C 86 54.66 -29.26 -0.27
C TRP C 86 54.64 -27.74 -0.13
N GLY C 87 55.34 -26.98 -0.98
CA GLY C 87 55.26 -25.52 -0.92
C GLY C 87 56.28 -24.92 0.03
N GLN C 88 55.94 -23.87 0.77
CA GLN C 88 56.93 -23.27 1.67
C GLN C 88 56.31 -22.88 3.00
N VAL C 89 57.11 -23.06 4.06
CA VAL C 89 56.76 -22.56 5.38
C VAL C 89 57.69 -21.39 5.66
N ARG C 90 57.14 -20.34 6.26
CA ARG C 90 57.90 -19.14 6.59
C ARG C 90 57.67 -18.76 8.03
N LEU C 91 58.75 -18.44 8.74
CA LEU C 91 58.69 -17.97 10.10
C LEU C 91 59.20 -16.55 10.14
N GLY C 92 58.47 -15.66 10.79
CA GLY C 92 58.91 -14.31 10.96
C GLY C 92 57.78 -13.32 10.79
N ARG C 93 57.99 -12.34 9.92
CA ARG C 93 57.05 -11.25 9.72
C ARG C 93 56.56 -11.32 8.28
N VAL C 94 55.28 -11.63 8.08
CA VAL C 94 54.73 -11.89 6.76
C VAL C 94 53.33 -11.30 6.68
N LEU C 95 52.74 -11.34 5.48
CA LEU C 95 51.33 -11.02 5.34
C LEU C 95 50.49 -12.22 5.79
N THR C 96 49.38 -11.94 6.46
CA THR C 96 48.46 -13.02 6.81
C THR C 96 47.63 -13.45 5.60
N PRO C 97 47.39 -14.76 5.44
CA PRO C 97 46.42 -15.21 4.42
C PRO C 97 45.16 -14.46 4.74
N MET C 98 44.72 -13.58 3.85
CA MET C 98 43.55 -12.71 4.03
C MET C 98 44.04 -11.29 3.84
N TYR C 99 45.05 -10.89 4.61
CA TYR C 99 45.53 -9.54 4.35
C TYR C 99 46.08 -9.46 2.95
N GLU C 100 46.76 -10.53 2.51
CA GLU C 100 47.33 -10.53 1.17
C GLU C 100 46.25 -10.32 0.11
N LEU C 101 45.05 -10.86 0.33
CA LEU C 101 43.97 -10.66 -0.63
C LEU C 101 43.30 -9.30 -0.48
N VAL C 102 43.19 -8.81 0.76
CA VAL C 102 42.69 -7.45 0.97
C VAL C 102 43.61 -6.44 0.32
N ASP C 103 44.93 -6.63 0.45
CA ASP C 103 45.86 -5.64 -0.07
C ASP C 103 45.89 -5.71 -1.59
N TRP C 104 46.17 -6.89 -2.13
CA TRP C 104 46.20 -7.12 -3.55
C TRP C 104 45.25 -8.25 -3.92
N PRO C 105 44.29 -8.02 -4.85
CA PRO C 105 44.11 -6.81 -5.66
C PRO C 105 43.24 -5.70 -5.05
N ALA C 106 42.69 -5.97 -3.88
CA ALA C 106 41.51 -5.21 -3.48
C ALA C 106 41.81 -3.82 -2.95
N SER C 107 43.05 -3.48 -2.63
CA SER C 107 43.28 -2.15 -2.12
C SER C 107 43.81 -1.18 -3.16
N ASN C 108 44.07 -1.64 -4.37
CA ASN C 108 44.53 -0.78 -5.46
C ASN C 108 43.38 -0.51 -6.42
N PRO C 109 43.17 0.73 -6.89
CA PRO C 109 44.05 1.87 -6.72
C PRO C 109 43.56 2.86 -5.69
N GLY C 110 44.31 3.02 -4.61
CA GLY C 110 43.91 3.98 -3.60
C GLY C 110 42.61 3.65 -2.89
N LEU C 111 42.24 2.37 -2.86
CA LEU C 111 41.07 1.92 -2.12
C LEU C 111 41.38 1.58 -0.67
N GLY C 112 42.63 1.75 -0.23
CA GLY C 112 43.03 1.21 1.06
C GLY C 112 42.42 1.90 2.27
N ASP C 113 42.26 3.23 2.22
CA ASP C 113 41.68 3.96 3.33
C ASP C 113 40.32 3.37 3.74
N VAL C 114 39.59 2.80 2.79
CA VAL C 114 38.29 2.20 3.07
C VAL C 114 38.43 0.72 3.34
N TYR C 115 39.07 0.00 2.40
CA TYR C 115 39.02 -1.45 2.37
C TYR C 115 40.15 -2.13 3.13
N ASP C 116 41.27 -1.46 3.35
CA ASP C 116 42.41 -2.06 4.05
C ASP C 116 42.28 -1.87 5.56
N TRP C 117 42.61 -0.68 6.05
CA TRP C 117 42.52 -0.39 7.48
C TRP C 117 41.28 0.42 7.81
N GLY C 118 40.42 0.67 6.82
CA GLY C 118 39.13 1.29 7.09
C GLY C 118 38.16 0.31 7.72
N GLY C 119 37.04 0.86 8.17
CA GLY C 119 36.08 0.04 8.89
C GLY C 119 35.92 0.53 10.32
N ALA C 120 34.76 0.22 10.88
CA ALA C 120 34.37 0.72 12.19
C ALA C 120 34.28 -0.37 13.23
N ILE C 121 34.49 -1.63 12.83
CA ILE C 121 34.30 -2.71 13.76
C ILE C 121 35.34 -2.59 14.87
N GLY C 122 34.96 -3.04 16.04
CA GLY C 122 35.84 -3.05 17.18
C GLY C 122 36.69 -4.26 17.17
N GLY C 123 37.61 -4.30 18.12
CA GLY C 123 38.57 -5.40 18.14
C GLY C 123 39.58 -5.22 17.04
N ALA C 124 39.86 -6.32 16.33
CA ALA C 124 40.84 -6.33 15.25
C ALA C 124 40.28 -7.17 14.10
N LYS C 125 39.76 -6.51 13.07
CA LYS C 125 39.15 -7.21 11.95
C LYS C 125 40.07 -8.30 11.42
N TYR C 126 41.35 -7.97 11.28
CA TYR C 126 42.39 -8.93 10.91
C TYR C 126 43.73 -8.26 11.17
N GLN C 127 44.78 -9.08 11.14
CA GLN C 127 46.14 -8.54 11.10
C GLN C 127 46.54 -8.26 9.64
N ASP C 128 47.61 -7.48 9.45
CA ASP C 128 48.08 -7.21 8.10
C ASP C 128 49.46 -7.83 7.87
N ARG C 129 50.52 -7.11 8.20
CA ARG C 129 51.83 -7.72 8.31
C ARG C 129 52.06 -8.03 9.78
N GLN C 130 52.38 -9.27 10.11
CA GLN C 130 52.54 -9.58 11.52
C GLN C 130 53.83 -10.33 11.80
N SER C 131 54.52 -9.89 12.85
CA SER C 131 55.65 -10.62 13.40
C SER C 131 55.16 -11.86 14.13
N ASN C 132 56.10 -12.71 14.52
CA ASN C 132 55.78 -13.89 15.32
C ASN C 132 54.71 -14.73 14.63
N THR C 133 54.92 -14.97 13.35
CA THR C 133 53.95 -15.62 12.50
C THR C 133 54.60 -16.78 11.80
N ILE C 134 53.92 -17.90 11.71
CA ILE C 134 54.37 -18.99 10.85
C ILE C 134 53.31 -19.16 9.79
N ARG C 135 53.72 -19.20 8.52
CA ARG C 135 52.79 -19.28 7.42
C ARG C 135 53.22 -20.36 6.44
N TRP C 136 52.28 -21.23 6.08
CA TRP C 136 52.49 -22.29 5.09
C TRP C 136 51.83 -21.86 3.79
N ASP C 137 52.54 -21.99 2.68
CA ASP C 137 52.00 -21.74 1.34
C ASP C 137 52.07 -23.04 0.54
N SER C 138 50.92 -23.64 0.27
CA SER C 138 50.88 -24.85 -0.54
C SER C 138 51.31 -24.58 -1.98
N PRO C 139 51.71 -25.62 -2.70
CA PRO C 139 51.91 -25.48 -4.15
C PRO C 139 50.57 -25.39 -4.88
N MET C 140 50.64 -25.05 -6.15
CA MET C 140 49.45 -25.00 -6.99
C MET C 140 49.14 -26.42 -7.44
N TYR C 141 48.41 -27.14 -6.59
CA TYR C 141 47.99 -28.51 -6.88
C TYR C 141 47.23 -28.60 -8.20
N ALA C 142 47.66 -29.53 -9.06
CA ALA C 142 47.03 -29.77 -10.36
C ALA C 142 46.99 -28.52 -11.22
N ASP C 143 47.94 -27.61 -10.99
CA ASP C 143 47.99 -26.30 -11.65
C ASP C 143 46.63 -25.58 -11.58
N LYS C 144 45.94 -25.74 -10.43
CA LYS C 144 44.59 -25.21 -10.30
C LYS C 144 44.31 -24.50 -8.97
N PHE C 145 44.82 -25.01 -7.84
CA PHE C 145 44.33 -24.48 -6.58
C PHE C 145 45.41 -24.50 -5.49
N SER C 146 45.45 -23.44 -4.67
CA SER C 146 46.48 -23.23 -3.66
C SER C 146 45.85 -22.86 -2.32
N ILE C 147 46.57 -23.18 -1.25
CA ILE C 147 46.12 -22.93 0.12
C ILE C 147 47.18 -22.11 0.86
N ASP C 148 46.74 -21.10 1.61
CA ASP C 148 47.58 -20.33 2.51
C ASP C 148 47.07 -20.50 3.94
N ALA C 149 47.97 -20.81 4.86
CA ALA C 149 47.58 -21.03 6.24
C ALA C 149 48.62 -20.48 7.20
N ALA C 150 48.19 -19.75 8.24
CA ALA C 150 49.15 -19.14 9.14
C ALA C 150 48.54 -18.97 10.52
N VAL C 151 49.39 -19.02 11.54
CA VAL C 151 49.05 -18.70 12.91
C VAL C 151 50.15 -17.79 13.47
N GLY C 152 49.79 -16.94 14.43
CA GLY C 152 50.79 -16.05 15.00
C GLY C 152 50.36 -15.40 16.30
N ALA C 153 51.33 -14.79 16.96
CA ALA C 153 51.03 -14.00 18.14
C ALA C 153 50.44 -12.66 17.72
N GLY C 154 49.73 -12.02 18.66
CA GLY C 154 49.09 -10.75 18.40
C GLY C 154 50.03 -9.57 18.66
N ASP C 155 49.50 -8.37 18.38
CA ASP C 155 50.31 -7.17 18.54
C ASP C 155 50.84 -7.04 19.97
N LYS C 156 49.98 -7.21 20.99
CA LYS C 156 50.44 -7.07 22.38
C LYS C 156 51.32 -8.23 22.83
N ALA C 157 51.04 -9.45 22.35
CA ALA C 157 51.85 -10.60 22.74
C ALA C 157 53.29 -10.47 22.26
N GLY C 158 53.51 -9.82 21.12
CA GLY C 158 54.86 -9.63 20.62
C GLY C 158 55.71 -8.64 21.41
N LEU C 159 55.11 -7.92 22.38
CA LEU C 159 55.85 -7.07 23.29
C LEU C 159 55.87 -7.62 24.70
N GLY C 160 55.36 -8.83 24.92
CA GLY C 160 55.21 -9.40 26.25
C GLY C 160 54.14 -8.74 27.10
N ALA C 161 53.19 -8.07 26.46
CA ALA C 161 52.18 -7.28 27.14
C ALA C 161 50.77 -7.82 26.88
N GLY C 162 50.65 -9.08 26.50
CA GLY C 162 49.35 -9.66 26.20
C GLY C 162 49.47 -11.12 25.88
N ASP C 163 48.30 -11.72 25.52
CA ASP C 163 48.24 -13.10 25.06
C ASP C 163 47.34 -13.27 23.84
N ASP C 164 47.21 -12.22 23.02
CA ASP C 164 46.44 -12.31 21.78
C ASP C 164 47.15 -13.22 20.76
N TYR C 165 46.34 -13.80 19.87
CA TYR C 165 46.86 -14.71 18.85
C TYR C 165 45.81 -14.77 17.75
N TRP C 166 46.16 -15.41 16.64
CA TRP C 166 45.29 -15.36 15.48
C TRP C 166 45.61 -16.53 14.57
N GLY C 167 44.63 -16.90 13.77
CA GLY C 167 44.84 -17.88 12.74
C GLY C 167 44.04 -17.50 11.51
N GLY C 168 44.49 -17.99 10.38
CA GLY C 168 43.86 -17.60 9.13
C GLY C 168 44.16 -18.62 8.08
N ILE C 169 43.34 -18.61 7.05
CA ILE C 169 43.52 -19.52 5.92
C ILE C 169 42.93 -18.83 4.70
N ALA C 170 43.50 -19.14 3.54
CA ALA C 170 42.98 -18.62 2.30
C ALA C 170 43.19 -19.66 1.21
N ALA C 171 42.32 -19.64 0.21
CA ALA C 171 42.36 -20.61 -0.85
C ALA C 171 42.07 -19.88 -2.15
N HIS C 172 42.69 -20.38 -3.23
CA HIS C 172 42.56 -19.81 -4.54
C HIS C 172 42.23 -20.93 -5.51
N TYR C 173 41.36 -20.63 -6.48
CA TYR C 173 40.99 -21.62 -7.48
C TYR C 173 41.03 -21.03 -8.87
N LYS C 174 41.76 -21.69 -9.77
CA LYS C 174 41.83 -21.30 -11.17
C LYS C 174 40.65 -21.89 -11.93
N LEU C 175 39.90 -21.05 -12.63
CA LEU C 175 38.77 -21.49 -13.44
C LEU C 175 38.88 -20.76 -14.77
N GLY C 176 39.62 -21.35 -15.71
CA GLY C 176 39.90 -20.69 -16.95
C GLY C 176 40.59 -19.35 -16.72
N PRO C 177 39.96 -18.27 -17.17
CA PRO C 177 40.52 -16.92 -16.99
C PRO C 177 40.19 -16.27 -15.66
N LEU C 178 39.52 -16.99 -14.78
CA LEU C 178 39.07 -16.47 -13.51
C LEU C 178 39.90 -17.08 -12.38
N GLN C 179 40.02 -16.32 -11.30
CA GLN C 179 40.55 -16.85 -10.05
C GLN C 179 39.53 -16.58 -8.96
N LEU C 180 39.10 -17.65 -8.30
CA LEU C 180 38.20 -17.53 -7.16
C LEU C 180 39.02 -17.46 -5.87
N ASP C 181 38.66 -16.52 -4.99
CA ASP C 181 39.37 -16.29 -3.73
C ASP C 181 38.40 -16.49 -2.57
N ALA C 182 38.85 -17.23 -1.55
CA ALA C 182 38.16 -17.31 -0.28
C ALA C 182 39.20 -17.26 0.85
N ALA C 183 38.89 -16.50 1.91
CA ALA C 183 39.84 -16.39 3.01
C ALA C 183 39.09 -16.21 4.34
N TYR C 184 39.77 -16.58 5.42
CA TYR C 184 39.24 -16.45 6.76
C TYR C 184 40.32 -16.03 7.74
N GLU C 185 39.94 -15.26 8.76
CA GLU C 185 40.86 -14.99 9.85
C GLU C 185 40.11 -14.79 11.16
N GLY C 186 40.64 -15.40 12.22
CA GLY C 186 40.13 -15.18 13.55
C GLY C 186 41.19 -14.69 14.51
N ASN C 187 40.91 -13.59 15.20
CA ASN C 187 41.78 -13.05 16.23
C ASN C 187 41.19 -13.31 17.61
N ARG C 188 42.03 -13.67 18.57
CA ARG C 188 41.56 -14.05 19.89
C ARG C 188 42.34 -13.30 20.96
N ASN C 189 41.71 -13.11 22.11
CA ASN C 189 42.31 -12.48 23.29
C ASN C 189 42.76 -11.05 22.99
N ILE C 190 41.98 -10.35 22.15
CA ILE C 190 42.29 -8.99 21.75
C ILE C 190 41.77 -8.02 22.81
N GLU C 191 42.68 -7.32 23.48
CA GLU C 191 42.32 -6.36 24.52
C GLU C 191 42.18 -4.95 23.96
N ALA C 192 40.96 -4.41 24.01
CA ALA C 192 40.73 -3.03 23.59
C ALA C 192 39.43 -2.55 24.19
N GLU C 193 39.34 -1.25 24.43
CA GLU C 193 38.13 -0.62 24.93
C GLU C 193 37.68 -1.24 26.26
N GLY C 194 38.64 -1.67 27.08
CA GLY C 194 38.29 -2.27 28.35
C GLY C 194 37.71 -3.66 28.30
N GLN C 195 37.67 -4.27 27.12
CA GLN C 195 37.13 -5.62 26.93
C GLN C 195 38.20 -6.57 26.42
N THR C 196 37.78 -7.80 26.15
CA THR C 196 38.58 -8.80 25.48
C THR C 196 37.75 -9.33 24.33
N TRP C 197 38.23 -9.19 23.10
CA TRP C 197 37.44 -9.44 21.90
C TRP C 197 37.82 -10.74 21.19
N GLU C 198 36.87 -11.23 20.40
CA GLU C 198 37.13 -12.21 19.37
C GLU C 198 36.62 -11.63 18.06
N ASN C 199 37.46 -11.69 17.04
CA ASN C 199 37.09 -11.24 15.71
C ASN C 199 37.05 -12.43 14.77
N ASN C 200 36.20 -12.33 13.76
CA ASN C 200 36.11 -13.33 12.71
C ASN C 200 35.83 -12.60 11.41
N THR C 201 36.72 -12.72 10.43
CA THR C 201 36.49 -12.09 9.15
C THR C 201 36.45 -13.14 8.05
N TYR C 202 35.54 -12.94 7.10
CA TYR C 202 35.38 -13.84 5.97
C TYR C 202 35.38 -12.99 4.71
N LEU C 203 35.99 -13.52 3.66
CA LEU C 203 36.11 -12.81 2.41
C LEU C 203 35.94 -13.82 1.29
N VAL C 204 35.22 -13.43 0.25
CA VAL C 204 35.17 -14.18 -0.99
C VAL C 204 35.43 -13.18 -2.12
N GLY C 205 36.07 -13.66 -3.18
CA GLY C 205 36.40 -12.73 -4.24
C GLY C 205 36.73 -13.44 -5.53
N VAL C 206 36.68 -12.66 -6.60
CA VAL C 206 36.94 -13.15 -7.95
C VAL C 206 37.83 -12.14 -8.66
N GLN C 207 38.77 -12.65 -9.42
CA GLN C 207 39.60 -11.87 -10.33
C GLN C 207 39.58 -12.51 -11.70
N GLY C 208 39.61 -11.69 -12.73
CA GLY C 208 39.67 -12.19 -14.07
C GLY C 208 40.60 -11.41 -14.97
N TRP C 209 41.34 -12.14 -15.81
CA TRP C 209 42.15 -11.59 -16.89
C TRP C 209 41.75 -12.29 -18.17
N PHE C 210 41.39 -11.53 -19.18
CA PHE C 210 40.89 -12.07 -20.44
C PHE C 210 41.76 -11.60 -21.61
N GLU C 211 41.88 -12.49 -22.62
CA GLU C 211 42.79 -12.24 -23.73
C GLU C 211 42.46 -10.96 -24.49
N ASN C 212 41.24 -10.43 -24.36
CA ASN C 212 40.90 -9.19 -25.03
C ASN C 212 41.41 -7.94 -24.32
N GLY C 213 42.12 -8.07 -23.19
CA GLY C 213 42.72 -6.92 -22.53
C GLY C 213 41.99 -6.38 -21.31
N ILE C 214 40.77 -6.86 -21.04
CA ILE C 214 40.03 -6.50 -19.84
C ILE C 214 40.45 -7.39 -18.69
N SER C 215 40.61 -6.79 -17.51
CA SER C 215 40.80 -7.52 -16.27
C SER C 215 39.95 -6.89 -15.18
N PHE C 216 39.59 -7.69 -14.17
CA PHE C 216 38.74 -7.17 -13.12
C PHE C 216 38.94 -7.96 -11.85
N PHE C 217 38.57 -7.34 -10.74
CA PHE C 217 38.52 -8.06 -9.48
C PHE C 217 37.28 -7.59 -8.74
N ALA C 218 36.79 -8.46 -7.87
CA ALA C 218 35.67 -8.10 -7.03
C ALA C 218 35.74 -8.94 -5.76
N GLN C 219 35.56 -8.29 -4.62
CA GLN C 219 35.70 -8.95 -3.34
C GLN C 219 34.52 -8.59 -2.44
N TYR C 220 34.14 -9.56 -1.61
CA TYR C 220 33.10 -9.33 -0.61
C TYR C 220 33.64 -9.72 0.77
N LYS C 221 33.53 -8.78 1.72
CA LYS C 221 34.10 -8.95 3.05
C LYS C 221 33.02 -8.78 4.12
N TYR C 222 32.99 -9.73 5.05
CA TYR C 222 32.05 -9.73 6.15
C TYR C 222 32.83 -9.88 7.44
N MET C 223 32.76 -8.88 8.31
CA MET C 223 33.54 -8.85 9.55
C MET C 223 32.62 -8.90 10.77
N GLU C 224 32.82 -9.90 11.62
CA GLU C 224 32.11 -10.04 12.89
C GLU C 224 33.06 -9.87 14.08
N ALA C 225 32.52 -9.37 15.19
CA ALA C 225 33.31 -9.24 16.42
C ALA C 225 32.42 -9.34 17.66
N ASP C 226 32.96 -9.97 18.69
CA ASP C 226 32.23 -10.26 19.93
C ASP C 226 33.11 -9.88 21.10
N ALA C 227 32.60 -9.01 21.96
CA ALA C 227 33.29 -8.54 23.15
C ALA C 227 33.01 -9.44 24.37
N SER C 228 33.87 -9.30 25.39
CA SER C 228 33.74 -10.13 26.58
C SER C 228 32.55 -9.72 27.44
N ASN C 229 31.99 -8.54 27.23
CA ASN C 229 30.78 -8.13 27.92
C ASN C 229 29.52 -8.51 27.14
N GLY C 230 29.65 -9.30 26.09
CA GLY C 230 28.50 -9.80 25.37
C GLY C 230 28.06 -9.01 24.16
N VAL C 231 28.59 -7.80 23.96
CA VAL C 231 28.21 -7.03 22.78
C VAL C 231 28.74 -7.70 21.52
N ASN C 232 27.95 -7.68 20.46
CA ASN C 232 28.33 -8.25 19.17
C ASN C 232 28.21 -7.17 18.10
N GLU C 233 29.21 -7.12 17.22
CA GLU C 233 29.25 -6.16 16.13
C GLU C 233 29.45 -6.92 14.82
N LYS C 234 28.91 -6.35 13.75
CA LYS C 234 28.95 -6.94 12.42
C LYS C 234 29.14 -5.84 11.40
N GLN C 235 29.99 -6.08 10.40
CA GLN C 235 30.15 -5.09 9.36
C GLN C 235 30.48 -5.74 8.03
N ASP C 236 29.96 -5.13 6.96
CA ASP C 236 30.12 -5.56 5.58
C ASP C 236 31.00 -4.57 4.85
N ALA C 237 31.73 -5.08 3.87
CA ALA C 237 32.49 -4.21 2.98
C ALA C 237 32.66 -4.95 1.67
N MET C 238 32.99 -4.20 0.61
CA MET C 238 33.27 -4.84 -0.66
C MET C 238 34.27 -4.01 -1.44
N SER C 239 34.81 -4.61 -2.48
CA SER C 239 35.77 -3.91 -3.30
C SER C 239 35.76 -4.52 -4.69
N ALA C 240 35.83 -3.66 -5.70
CA ALA C 240 35.84 -4.13 -7.08
C ALA C 240 36.59 -3.12 -7.92
N GLY C 241 37.17 -3.63 -9.00
CA GLY C 241 37.92 -2.79 -9.91
C GLY C 241 37.84 -3.32 -11.33
N LEU C 242 37.91 -2.39 -12.28
CA LEU C 242 37.81 -2.71 -13.69
C LEU C 242 39.03 -2.14 -14.40
N MET C 243 39.66 -2.95 -15.25
CA MET C 243 40.89 -2.59 -15.94
C MET C 243 40.78 -2.92 -17.41
N TYR C 244 41.18 -1.98 -18.26
CA TYR C 244 41.37 -2.25 -19.67
C TYR C 244 42.82 -1.94 -20.02
N THR C 245 43.56 -2.94 -20.44
CA THR C 245 44.98 -2.80 -20.79
C THR C 245 45.13 -2.93 -22.31
N THR C 246 45.60 -1.85 -22.94
CA THR C 246 45.89 -1.83 -24.37
C THR C 246 47.30 -1.29 -24.57
N GLY C 247 48.17 -2.08 -25.21
CA GLY C 247 49.52 -1.61 -25.49
C GLY C 247 50.27 -1.31 -24.21
N ASP C 248 50.75 -0.05 -24.09
CA ASP C 248 51.51 0.42 -22.94
C ASP C 248 50.64 1.15 -21.92
N TRP C 249 49.33 0.93 -21.94
CA TRP C 249 48.43 1.73 -21.12
C TRP C 249 47.50 0.82 -20.32
N GLN C 250 47.21 1.25 -19.10
CA GLN C 250 46.21 0.58 -18.27
C GLN C 250 45.26 1.63 -17.74
N TYR C 251 43.98 1.47 -18.07
CA TYR C 251 42.89 2.24 -17.48
C TYR C 251 42.30 1.39 -16.34
N LYS C 252 42.10 2.01 -15.18
CA LYS C 252 41.58 1.28 -14.03
C LYS C 252 40.51 2.11 -13.36
N LEU C 253 39.38 1.46 -13.07
CA LEU C 253 38.32 2.06 -12.27
C LEU C 253 38.18 1.18 -11.04
N GLY C 254 38.16 1.81 -9.88
CA GLY C 254 38.10 1.07 -8.62
C GLY C 254 37.01 1.61 -7.71
N TYR C 255 36.37 0.70 -7.00
CA TYR C 255 35.37 1.12 -6.03
C TYR C 255 35.38 0.16 -4.84
N ALA C 256 35.28 0.71 -3.64
CA ALA C 256 35.18 -0.08 -2.42
C ALA C 256 34.29 0.64 -1.42
N ALA C 257 33.66 -0.15 -0.55
CA ALA C 257 32.81 0.43 0.48
C ALA C 257 32.75 -0.47 1.70
N ASN C 258 32.78 0.16 2.88
CA ASN C 258 32.32 -0.44 4.12
C ASN C 258 30.91 0.07 4.36
N PHE C 259 30.06 -0.83 4.81
CA PHE C 259 28.68 -0.47 5.08
C PHE C 259 28.48 -0.24 6.58
N ASP C 260 27.31 0.32 6.89
CA ASP C 260 26.95 0.66 8.26
C ASP C 260 27.18 -0.52 9.18
N LEU C 261 27.78 -0.23 10.33
CA LEU C 261 28.06 -1.22 11.36
C LEU C 261 26.80 -1.57 12.14
N GLU C 262 26.65 -2.84 12.48
CA GLU C 262 25.55 -3.32 13.29
C GLU C 262 26.09 -3.70 14.66
N ARG C 263 25.56 -3.08 15.71
CA ARG C 263 25.96 -3.40 17.07
C ARG C 263 24.75 -3.92 17.84
N ASP C 264 24.84 -5.17 18.30
CA ASP C 264 23.79 -5.79 19.10
C ASP C 264 22.43 -5.60 18.45
N GLY C 265 22.36 -5.82 17.15
CA GLY C 265 21.14 -5.70 16.39
C GLY C 265 20.79 -4.30 15.91
N LYS C 266 21.39 -3.25 16.47
CA LYS C 266 21.10 -1.91 16.00
C LYS C 266 22.06 -1.48 14.89
N THR C 267 21.50 -1.01 13.77
CA THR C 267 22.29 -0.36 12.73
C THR C 267 22.72 1.01 13.21
N LEU C 268 24.00 1.29 13.16
CA LEU C 268 24.48 2.62 13.55
C LEU C 268 24.47 3.49 12.30
N SER C 269 23.75 4.61 12.38
CA SER C 269 23.58 5.45 11.22
C SER C 269 24.90 6.12 10.84
N ASN C 270 25.15 6.17 9.53
CA ASN C 270 26.28 6.88 8.96
C ASN C 270 27.63 6.39 9.49
N THR C 271 27.78 5.07 9.63
CA THR C 271 29.05 4.44 9.93
C THR C 271 29.63 3.72 8.70
N SER C 272 29.26 4.15 7.51
CA SER C 272 29.72 3.57 6.25
C SER C 272 30.75 4.47 5.57
N ASP C 273 31.63 3.83 4.80
CA ASP C 273 32.62 4.51 3.96
C ASP C 273 32.49 4.02 2.53
N ASP C 274 32.84 4.89 1.58
CA ASP C 274 33.04 4.40 0.22
C ASP C 274 34.06 5.29 -0.50
N VAL C 275 34.71 4.69 -1.50
CA VAL C 275 35.73 5.39 -2.28
C VAL C 275 35.58 4.97 -3.73
N VAL C 276 35.64 5.94 -4.63
CA VAL C 276 35.68 5.66 -6.06
C VAL C 276 37.01 6.17 -6.60
N SER C 277 37.60 5.41 -7.50
CA SER C 277 38.96 5.71 -7.94
C SER C 277 39.14 5.38 -9.41
N ALA C 278 39.86 6.27 -10.10
CA ALA C 278 40.23 6.10 -11.49
C ALA C 278 41.74 6.25 -11.61
N GLN C 279 42.36 5.41 -12.44
CA GLN C 279 43.81 5.45 -12.59
C GLN C 279 44.21 5.18 -14.03
N ILE C 280 45.09 6.03 -14.55
CA ILE C 280 45.70 5.80 -15.85
C ILE C 280 47.19 5.48 -15.62
N MET C 281 47.63 4.33 -16.12
CA MET C 281 48.99 3.87 -15.90
C MET C 281 49.70 3.67 -17.23
N TYR C 282 50.96 4.09 -17.30
CA TYR C 282 51.77 3.99 -18.52
C TYR C 282 52.91 3.01 -18.24
N PHE C 283 53.00 1.95 -19.04
CA PHE C 283 54.07 0.96 -18.89
C PHE C 283 55.34 1.52 -19.53
N VAL C 284 56.03 2.35 -18.75
CA VAL C 284 57.17 3.11 -19.23
C VAL C 284 58.41 2.24 -19.47
N ASP C 285 58.43 1.01 -18.98
CA ASP C 285 59.57 0.12 -19.14
C ASP C 285 59.18 -1.25 -18.60
N PRO C 286 59.82 -2.32 -19.07
CA PRO C 286 59.50 -3.64 -18.52
C PRO C 286 59.64 -3.72 -17.00
N SER C 287 60.34 -2.78 -16.39
CA SER C 287 60.56 -2.82 -14.95
C SER C 287 60.00 -1.60 -14.24
N ALA C 288 59.21 -0.77 -14.91
CA ALA C 288 58.77 0.45 -14.25
C ALA C 288 57.42 0.89 -14.81
N VAL C 289 56.72 1.69 -14.01
CA VAL C 289 55.43 2.26 -14.42
C VAL C 289 55.38 3.72 -14.02
N LEU C 290 54.68 4.51 -14.83
CA LEU C 290 54.21 5.82 -14.44
C LEU C 290 52.70 5.72 -14.25
N TYR C 291 52.14 6.58 -13.40
CA TYR C 291 50.69 6.54 -13.26
C TYR C 291 50.15 7.87 -12.75
N ALA C 292 48.92 8.15 -13.12
CA ALA C 292 48.14 9.25 -12.56
C ALA C 292 46.84 8.66 -12.07
N ARG C 293 46.35 9.18 -10.94
CA ARG C 293 45.23 8.56 -10.24
C ARG C 293 44.42 9.64 -9.55
N ALA C 294 43.10 9.48 -9.58
CA ALA C 294 42.19 10.33 -8.83
C ALA C 294 41.23 9.46 -8.06
N ARG C 295 40.88 9.92 -6.85
CA ARG C 295 39.97 9.17 -6.00
C ARG C 295 39.20 10.13 -5.09
N MET C 296 38.05 9.66 -4.65
CA MET C 296 37.17 10.40 -3.76
C MET C 296 36.90 9.52 -2.55
N ASN C 297 37.27 9.99 -1.36
CA ASN C 297 36.96 9.27 -0.13
C ASN C 297 35.83 10.00 0.59
N ASP C 298 34.73 9.30 0.81
CA ASP C 298 33.60 9.76 1.64
C ASP C 298 33.53 8.81 2.81
N PHE C 299 33.97 9.27 3.99
CA PHE C 299 34.09 8.46 5.20
C PHE C 299 32.88 8.62 6.12
N ASN C 300 32.76 7.65 7.04
CA ASN C 300 31.78 7.63 8.11
C ASN C 300 31.81 8.89 8.97
N GLU C 301 30.71 9.14 9.71
CA GLU C 301 30.48 10.36 10.49
C GLU C 301 30.84 10.20 11.97
N GLY C 302 31.34 9.04 12.39
CA GLY C 302 31.83 8.86 13.75
C GLY C 302 31.09 7.79 14.53
N LEU C 303 31.74 7.19 15.54
CA LEU C 303 31.08 6.25 16.42
C LEU C 303 31.89 6.07 17.69
N ASP C 304 31.21 5.78 18.79
CA ASP C 304 31.86 5.49 20.06
C ASP C 304 32.00 3.98 20.23
N GLY C 305 33.08 3.57 20.89
CA GLY C 305 33.32 2.19 21.24
C GLY C 305 32.61 1.81 22.52
N LEU C 306 33.07 0.72 23.13
CA LEU C 306 32.42 0.20 24.33
C LEU C 306 32.99 0.81 25.63
N ASP C 307 33.92 1.76 25.54
CA ASP C 307 34.36 2.55 26.67
C ASP C 307 33.79 3.96 26.64
N ASP C 308 32.75 4.18 25.83
CA ASP C 308 32.05 5.47 25.70
C ASP C 308 32.96 6.59 25.20
N ALA C 309 34.06 6.23 24.55
CA ALA C 309 34.93 7.18 23.87
C ALA C 309 34.89 6.95 22.37
N ALA C 310 35.26 7.98 21.61
CA ALA C 310 35.29 7.85 20.16
C ALA C 310 36.23 6.72 19.77
N ARG C 311 35.78 5.91 18.81
CA ARG C 311 36.59 4.83 18.26
C ARG C 311 37.25 5.32 16.98
N TRP C 312 38.57 5.16 16.91
CA TRP C 312 39.29 5.68 15.77
C TRP C 312 38.98 4.88 14.50
N THR C 313 38.82 5.59 13.38
CA THR C 313 38.69 4.99 12.04
C THR C 313 39.47 5.83 11.03
N SER C 314 39.55 5.35 9.79
CA SER C 314 40.13 6.14 8.71
C SER C 314 39.31 7.37 8.38
N GLY C 315 38.11 7.49 8.94
CA GLY C 315 37.27 8.65 8.75
C GLY C 315 37.46 9.73 9.76
N THR C 316 38.16 9.40 10.85
CA THR C 316 38.41 10.36 11.92
C THR C 316 38.89 11.70 11.39
N ASN C 317 39.79 11.68 10.41
CA ASN C 317 40.43 12.90 9.95
C ASN C 317 39.62 13.69 8.94
N GLY C 318 38.55 13.13 8.38
CA GLY C 318 37.73 13.86 7.43
C GLY C 318 37.70 13.31 6.02
N ASP C 319 36.69 13.71 5.26
CA ASP C 319 36.60 13.39 3.83
C ASP C 319 37.72 14.07 3.05
N TYR C 320 38.18 13.42 1.98
CA TYR C 320 39.15 14.09 1.13
C TYR C 320 39.15 13.48 -0.26
N ASN C 321 39.58 14.30 -1.21
CA ASN C 321 39.91 13.86 -2.56
C ASN C 321 41.42 13.94 -2.74
N GLU C 322 41.92 13.13 -3.66
CA GLU C 322 43.35 13.02 -3.88
C GLU C 322 43.58 12.96 -5.39
N TYR C 323 44.46 13.82 -5.88
CA TYR C 323 44.96 13.76 -7.24
C TYR C 323 46.46 13.56 -7.16
N SER C 324 46.97 12.58 -7.89
CA SER C 324 48.34 12.17 -7.67
C SER C 324 48.93 11.61 -8.96
N VAL C 325 50.24 11.83 -9.11
CA VAL C 325 51.06 11.14 -10.09
C VAL C 325 52.14 10.39 -9.34
N GLY C 326 52.67 9.34 -9.98
CA GLY C 326 53.68 8.53 -9.33
C GLY C 326 54.44 7.68 -10.32
N VAL C 327 55.52 7.06 -9.80
CA VAL C 327 56.42 6.18 -10.52
C VAL C 327 56.81 5.04 -9.62
N GLU C 328 56.94 3.84 -10.18
CA GLU C 328 57.45 2.69 -9.47
C GLU C 328 58.46 1.98 -10.36
N TYR C 329 59.62 1.64 -9.80
CA TYR C 329 60.69 0.98 -10.55
C TYR C 329 61.15 -0.21 -9.71
N TYR C 330 61.24 -1.38 -10.33
CA TYR C 330 61.65 -2.60 -9.64
C TYR C 330 63.02 -3.06 -10.14
N PHE C 331 63.86 -3.49 -9.19
CA PHE C 331 65.15 -4.11 -9.53
C PHE C 331 65.47 -5.21 -8.53
N GLU D 1 -6.43 63.78 26.75
CA GLU D 1 -5.86 62.84 27.71
C GLU D 1 -4.64 62.11 27.13
N VAL D 2 -3.68 61.80 27.99
CA VAL D 2 -2.60 60.89 27.67
C VAL D 2 -2.96 59.54 28.26
N TYR D 3 -2.67 58.48 27.52
CA TYR D 3 -2.92 57.12 27.99
C TYR D 3 -1.77 56.23 27.52
N GLY D 4 -1.62 55.09 28.18
CA GLY D 4 -0.58 54.19 27.80
C GLY D 4 -0.91 52.76 28.17
N ILE D 5 -0.21 51.84 27.51
CA ILE D 5 -0.14 50.46 27.94
C ILE D 5 1.33 50.17 28.18
N ILE D 6 1.67 49.87 29.42
CA ILE D 6 3.03 49.47 29.78
C ILE D 6 3.02 47.95 29.77
N ALA D 7 3.75 47.37 28.82
CA ALA D 7 3.68 45.93 28.56
C ALA D 7 5.07 45.41 28.24
N MET D 8 5.57 44.52 29.11
CA MET D 8 6.91 43.97 29.00
C MET D 8 6.81 42.46 29.06
N GLN D 9 7.50 41.79 28.14
CA GLN D 9 7.46 40.33 28.09
C GLN D 9 8.86 39.80 28.01
N ALA D 10 9.22 38.94 28.95
CA ALA D 10 10.48 38.19 28.92
C ALA D 10 10.18 36.83 28.33
N ALA D 11 10.76 36.53 27.17
CA ALA D 11 10.42 35.30 26.45
C ALA D 11 11.68 34.53 26.09
N TYR D 12 11.75 33.25 26.46
CA TYR D 12 12.79 32.36 25.94
C TYR D 12 12.21 31.57 24.78
N ARG D 13 12.88 31.64 23.64
CA ARG D 13 12.45 30.92 22.45
C ARG D 13 13.47 29.84 22.10
N ASP D 14 12.99 28.60 21.95
CA ASP D 14 13.79 27.50 21.44
C ASP D 14 13.34 27.18 20.04
N TYR D 15 14.21 27.44 19.08
CA TYR D 15 13.86 27.17 17.71
C TYR D 15 14.34 25.77 17.36
N ASP D 16 13.73 25.22 16.33
CA ASP D 16 14.00 23.90 15.81
C ASP D 16 13.79 24.07 14.30
N SER D 17 14.79 24.67 13.64
CA SER D 17 14.65 25.09 12.26
C SER D 17 15.37 24.21 11.26
N GLY D 18 16.18 23.26 11.70
CA GLY D 18 16.98 22.47 10.77
C GLY D 18 18.35 23.04 10.49
N ASP D 19 18.70 24.19 11.08
CA ASP D 19 20.02 24.80 11.01
C ASP D 19 20.43 25.21 12.42
N ALA D 20 21.61 24.75 12.85
CA ALA D 20 22.15 25.09 14.16
C ALA D 20 22.28 26.60 14.35
N LYS D 21 23.23 27.24 13.64
CA LYS D 21 23.39 28.69 13.71
C LYS D 21 22.05 29.43 13.73
N GLN D 22 21.11 29.04 12.85
CA GLN D 22 19.80 29.70 12.84
C GLN D 22 19.06 29.53 14.17
N ASP D 23 19.05 28.31 14.73
CA ASP D 23 18.50 28.15 16.07
C ASP D 23 19.20 29.07 17.07
N ASP D 24 20.49 29.29 16.89
CA ASP D 24 21.24 30.16 17.79
C ASP D 24 20.82 31.60 17.64
N ASN D 25 20.69 32.06 16.40
CA ASN D 25 20.36 33.46 16.16
C ASN D 25 18.91 33.78 16.53
N LEU D 26 17.96 33.04 15.97
CA LEU D 26 16.55 33.31 16.23
C LEU D 26 16.14 33.03 17.68
N GLY D 27 16.72 32.01 18.31
CA GLY D 27 16.36 31.64 19.66
C GLY D 27 17.18 32.37 20.71
N GLY D 28 16.85 32.08 21.96
CA GLY D 28 17.44 32.74 23.11
C GLY D 28 16.41 33.50 23.93
N MET D 29 16.92 34.20 24.94
CA MET D 29 16.16 35.08 25.79
C MET D 29 16.07 36.47 25.15
N GLN D 30 14.88 37.05 25.17
CA GLN D 30 14.70 38.43 24.73
C GLN D 30 13.66 39.12 25.58
N LEU D 31 13.75 40.45 25.65
CA LEU D 31 12.69 41.25 26.25
C LEU D 31 11.90 41.89 25.11
N ASN D 32 10.62 41.65 25.10
CA ASN D 32 9.69 42.18 24.12
C ASN D 32 8.86 43.25 24.82
N ASN D 33 9.25 44.51 24.64
CA ASN D 33 8.65 45.66 25.30
C ASN D 33 7.63 46.29 24.36
N GLU D 34 6.36 45.96 24.56
CA GLU D 34 5.28 46.49 23.74
C GLU D 34 4.62 47.71 24.37
N SER D 35 5.33 48.40 25.24
CA SER D 35 4.80 49.63 25.82
C SER D 35 4.52 50.66 24.72
N ARG D 36 3.48 51.45 24.94
CA ARG D 36 3.13 52.49 23.99
C ARG D 36 2.42 53.60 24.76
N ILE D 37 2.62 54.82 24.29
CA ILE D 37 2.01 56.04 24.81
C ILE D 37 1.04 56.55 23.78
N GLY D 38 -0.07 57.15 24.22
CA GLY D 38 -1.04 57.68 23.30
C GLY D 38 -1.66 58.97 23.79
N PHE D 39 -2.17 59.74 22.84
CA PHE D 39 -2.94 60.94 23.13
C PHE D 39 -4.27 60.85 22.41
N ARG D 40 -5.34 61.28 23.07
CA ARG D 40 -6.65 61.27 22.43
C ARG D 40 -7.50 62.33 23.12
N GLY D 41 -8.53 62.77 22.41
CA GLY D 41 -9.44 63.78 22.91
C GLY D 41 -10.70 63.81 22.08
N LYS D 42 -11.73 64.44 22.65
CA LYS D 42 -12.96 64.77 21.94
C LYS D 42 -13.13 66.29 21.87
N LYS D 43 -14.01 66.75 20.99
CA LYS D 43 -14.29 68.17 20.90
C LYS D 43 -15.67 68.36 20.27
N GLN D 44 -16.53 69.09 20.96
CA GLN D 44 -17.85 69.43 20.45
C GLN D 44 -17.74 70.75 19.70
N PHE D 45 -17.79 70.68 18.38
CA PHE D 45 -17.72 71.90 17.57
C PHE D 45 -18.99 72.72 17.72
N ALA D 46 -18.84 74.05 17.70
CA ALA D 46 -20.00 74.91 17.88
C ALA D 46 -21.01 74.79 16.74
N ASN D 47 -20.54 74.51 15.51
CA ASN D 47 -21.41 74.53 14.33
C ASN D 47 -21.48 73.14 13.69
N PHE D 48 -21.42 72.08 14.47
CA PHE D 48 -21.50 70.74 13.90
C PHE D 48 -21.94 69.80 15.01
N GLU D 49 -23.06 69.11 14.78
CA GLU D 49 -23.69 68.27 15.79
C GLU D 49 -22.82 67.10 16.27
N PRO D 50 -22.38 66.19 15.39
CA PRO D 50 -21.59 65.04 15.89
C PRO D 50 -20.29 65.48 16.51
N THR D 51 -19.91 64.81 17.59
CA THR D 51 -18.71 65.19 18.32
C THR D 51 -17.44 64.79 17.56
N PHE D 52 -16.47 65.71 17.51
CA PHE D 52 -15.19 65.42 16.88
C PHE D 52 -14.33 64.55 17.81
N ILE D 53 -13.72 63.51 17.25
CA ILE D 53 -12.83 62.65 18.02
C ILE D 53 -11.52 62.52 17.26
N TRP D 54 -10.44 62.27 18.00
CA TRP D 54 -9.14 62.07 17.39
C TRP D 54 -8.27 61.25 18.32
N GLN D 55 -7.31 60.55 17.72
CA GLN D 55 -6.38 59.76 18.51
C GLN D 55 -5.06 59.67 17.77
N ILE D 56 -3.97 59.61 18.55
CA ILE D 56 -2.62 59.40 18.05
C ILE D 56 -1.98 58.43 19.02
N GLU D 57 -1.74 57.18 18.58
CA GLU D 57 -1.14 56.17 19.44
C GLU D 57 0.26 55.84 18.94
N GLY D 58 1.21 55.70 19.87
CA GLY D 58 2.55 55.34 19.47
C GLY D 58 2.73 53.85 19.24
N GLY D 59 3.86 53.50 18.62
CA GLY D 59 4.19 52.11 18.39
C GLY D 59 4.90 51.48 19.59
N TYR D 60 5.15 50.17 19.47
CA TYR D 60 5.90 49.45 20.48
C TYR D 60 7.31 50.05 20.64
N VAL D 61 7.67 50.42 21.86
CA VAL D 61 8.91 51.18 22.07
C VAL D 61 10.19 50.34 21.98
N ASP D 62 10.13 49.01 22.18
CA ASP D 62 11.30 48.15 21.93
C ASP D 62 10.85 46.68 21.89
N PRO D 63 10.21 46.25 20.81
CA PRO D 63 9.76 44.86 20.72
C PRO D 63 10.93 43.92 20.50
N SER D 64 10.69 42.64 20.78
CA SER D 64 11.66 41.62 20.43
C SER D 64 11.88 41.57 18.93
N PHE D 65 13.08 41.15 18.54
CA PHE D 65 13.53 41.04 17.15
C PHE D 65 13.52 42.38 16.44
N GLY D 66 13.41 43.48 17.19
CA GLY D 66 13.46 44.79 16.59
C GLY D 66 14.29 45.73 17.45
N GLY D 67 14.72 46.83 16.82
CA GLY D 67 15.42 47.85 17.54
C GLY D 67 14.48 48.70 18.36
N GLU D 68 15.07 49.54 19.19
CA GLU D 68 14.35 50.42 20.10
C GLU D 68 13.86 51.66 19.37
N GLY D 69 12.82 52.28 19.94
CA GLY D 69 12.29 53.53 19.42
C GLY D 69 11.05 53.37 18.56
N ALA D 70 10.04 54.19 18.85
CA ALA D 70 8.78 54.18 18.11
C ALA D 70 8.31 55.60 17.91
N GLY D 71 7.66 55.86 16.77
CA GLY D 71 7.13 57.18 16.50
C GLY D 71 5.69 57.31 16.98
N LEU D 72 5.26 58.56 17.18
CA LEU D 72 3.85 58.80 17.47
C LEU D 72 3.11 58.63 16.15
N GLY D 73 2.05 57.82 16.15
CA GLY D 73 1.28 57.60 14.93
C GLY D 73 1.36 56.21 14.33
N GLU D 74 2.17 55.29 14.90
CA GLU D 74 2.36 53.96 14.33
C GLU D 74 1.18 53.01 14.59
N ARG D 75 0.37 53.26 15.61
CA ARG D 75 -0.81 52.45 15.92
C ARG D 75 -2.09 53.24 15.58
N ASP D 76 -3.22 52.86 16.20
CA ASP D 76 -4.49 53.47 15.82
C ASP D 76 -4.39 54.99 15.92
N THR D 77 -4.46 55.65 14.78
CA THR D 77 -4.31 57.10 14.71
C THR D 77 -5.33 57.62 13.71
N PHE D 78 -6.22 58.52 14.14
CA PHE D 78 -7.39 58.82 13.31
C PHE D 78 -8.06 60.12 13.77
N VAL D 79 -8.93 60.65 12.91
CA VAL D 79 -9.95 61.62 13.29
C VAL D 79 -11.31 60.99 13.02
N GLY D 80 -12.36 61.62 13.53
CA GLY D 80 -13.68 61.06 13.27
C GLY D 80 -14.78 61.87 13.92
N PHE D 81 -16.00 61.38 13.76
CA PHE D 81 -17.17 61.96 14.36
C PHE D 81 -18.02 60.87 14.99
N GLU D 82 -18.69 61.20 16.09
CA GLU D 82 -19.55 60.23 16.73
C GLU D 82 -20.84 60.88 17.19
N SER D 83 -21.94 60.11 17.10
CA SER D 83 -23.27 60.52 17.55
C SER D 83 -23.94 59.34 18.24
N ALA D 84 -24.77 59.65 19.24
CA ALA D 84 -25.46 58.56 19.93
C ALA D 84 -26.36 57.78 18.99
N SER D 85 -26.90 58.44 17.95
CA SER D 85 -27.86 57.78 17.08
C SER D 85 -27.18 56.86 16.07
N TRP D 86 -26.13 57.32 15.39
CA TRP D 86 -25.57 56.53 14.29
C TRP D 86 -24.16 55.99 14.53
N GLY D 87 -23.65 56.05 15.76
CA GLY D 87 -22.35 55.43 16.04
C GLY D 87 -21.16 56.35 15.80
N GLN D 88 -20.09 55.82 15.22
CA GLN D 88 -18.94 56.67 14.96
C GLN D 88 -18.28 56.31 13.64
N VAL D 89 -17.77 57.36 12.98
CA VAL D 89 -16.99 57.22 11.76
C VAL D 89 -15.57 57.61 12.09
N ARG D 90 -14.61 56.87 11.56
CA ARG D 90 -13.20 57.15 11.79
C ARG D 90 -12.46 57.19 10.47
N LEU D 91 -11.63 58.22 10.28
CA LEU D 91 -10.76 58.33 9.13
C LEU D 91 -9.33 58.26 9.65
N GLY D 92 -8.51 57.42 9.01
CA GLY D 92 -7.10 57.38 9.34
C GLY D 92 -6.49 55.99 9.36
N ARG D 93 -5.86 55.66 10.48
CA ARG D 93 -5.16 54.40 10.64
C ARG D 93 -5.94 53.66 11.71
N VAL D 94 -6.57 52.55 11.32
CA VAL D 94 -7.47 51.82 12.21
C VAL D 94 -7.45 50.35 11.86
N LEU D 95 -8.05 49.51 12.71
CA LEU D 95 -8.16 48.09 12.39
C LEU D 95 -9.29 47.86 11.40
N THR D 96 -9.10 46.91 10.47
CA THR D 96 -10.20 46.52 9.59
C THR D 96 -11.23 45.69 10.37
N PRO D 97 -12.52 45.78 10.01
CA PRO D 97 -13.55 45.01 10.73
C PRO D 97 -13.24 43.53 10.86
N MET D 98 -12.64 42.97 9.82
CA MET D 98 -12.25 41.57 9.87
C MET D 98 -11.07 41.38 10.80
N TYR D 99 -10.01 42.17 10.62
CA TYR D 99 -8.81 41.94 11.40
C TYR D 99 -9.08 42.03 12.90
N GLU D 100 -9.93 42.97 13.32
CA GLU D 100 -10.14 43.16 14.75
C GLU D 100 -10.60 41.87 15.43
N LEU D 101 -11.39 41.05 14.74
CA LEU D 101 -11.85 39.78 15.31
C LEU D 101 -10.78 38.72 15.24
N VAL D 102 -9.98 38.71 14.17
CA VAL D 102 -8.86 37.79 14.08
C VAL D 102 -7.88 38.03 15.22
N ASP D 103 -7.65 39.30 15.58
CA ASP D 103 -6.70 39.59 16.63
C ASP D 103 -7.28 39.24 17.99
N TRP D 104 -8.47 39.76 18.29
CA TRP D 104 -9.16 39.52 19.53
C TRP D 104 -10.54 38.95 19.25
N PRO D 105 -10.91 37.81 19.84
CA PRO D 105 -10.19 37.05 20.86
C PRO D 105 -9.25 35.99 20.28
N ALA D 106 -9.23 35.90 18.96
CA ALA D 106 -8.73 34.72 18.27
C ALA D 106 -7.22 34.61 18.21
N SER D 107 -6.46 35.67 18.50
CA SER D 107 -5.00 35.56 18.47
C SER D 107 -4.36 35.45 19.86
N ASN D 108 -5.15 35.51 20.91
CA ASN D 108 -4.61 35.42 22.25
C ASN D 108 -4.90 34.04 22.84
N PRO D 109 -3.94 33.38 23.51
CA PRO D 109 -2.60 33.83 23.91
C PRO D 109 -1.46 33.25 23.07
N GLY D 110 -0.77 34.10 22.32
CA GLY D 110 0.30 33.63 21.47
C GLY D 110 -0.11 32.79 20.29
N LEU D 111 -1.34 32.94 19.80
CA LEU D 111 -1.82 32.27 18.60
C LEU D 111 -1.57 33.07 17.33
N GLY D 112 -0.87 34.20 17.42
CA GLY D 112 -0.80 35.11 16.28
C GLY D 112 0.03 34.60 15.11
N ASP D 113 1.16 33.95 15.38
CA ASP D 113 1.98 33.42 14.29
C ASP D 113 1.19 32.52 13.35
N VAL D 114 0.18 31.81 13.85
CA VAL D 114 -0.59 30.95 12.97
C VAL D 114 -1.81 31.69 12.45
N TYR D 115 -2.64 32.21 13.36
CA TYR D 115 -3.97 32.70 13.01
C TYR D 115 -4.01 34.18 12.67
N ASP D 116 -3.01 34.94 13.10
CA ASP D 116 -3.01 36.38 12.85
C ASP D 116 -2.41 36.60 11.46
N TRP D 117 -1.08 36.56 11.35
CA TRP D 117 -0.43 36.76 10.05
C TRP D 117 0.08 35.47 9.43
N GLY D 118 -0.17 34.31 10.06
CA GLY D 118 0.20 33.05 9.46
C GLY D 118 -0.72 32.63 8.34
N GLY D 119 -0.35 31.56 7.65
CA GLY D 119 -1.07 31.10 6.49
C GLY D 119 -0.22 31.12 5.25
N ALA D 120 -0.60 30.36 4.22
CA ALA D 120 0.21 30.21 3.02
C ALA D 120 -0.41 30.84 1.78
N ILE D 121 -1.60 31.41 1.88
CA ILE D 121 -2.31 31.89 0.70
C ILE D 121 -1.56 33.03 0.05
N GLY D 122 -1.76 33.20 -1.27
CA GLY D 122 -1.16 34.28 -2.01
C GLY D 122 -2.00 35.55 -1.92
N GLY D 123 -1.44 36.64 -2.44
CA GLY D 123 -2.09 37.94 -2.34
C GLY D 123 -1.99 38.53 -0.93
N ALA D 124 -3.13 38.97 -0.41
CA ALA D 124 -3.21 39.58 0.92
C ALA D 124 -4.50 39.11 1.58
N LYS D 125 -4.41 38.14 2.49
CA LYS D 125 -5.60 37.57 3.11
C LYS D 125 -6.50 38.68 3.67
N TYR D 126 -5.91 39.64 4.37
CA TYR D 126 -6.61 40.81 4.88
C TYR D 126 -5.57 41.84 5.31
N GLN D 127 -6.03 43.08 5.51
CA GLN D 127 -5.21 44.09 6.18
C GLN D 127 -5.38 43.94 7.68
N ASP D 128 -4.49 44.57 8.44
CA ASP D 128 -4.63 44.51 9.88
C ASP D 128 -4.90 45.92 10.40
N ARG D 129 -3.84 46.65 10.73
CA ARG D 129 -3.96 48.10 10.95
C ARG D 129 -3.62 48.73 9.61
N GLN D 130 -4.53 49.52 9.08
CA GLN D 130 -4.31 50.03 7.75
C GLN D 130 -4.49 51.53 7.75
N SER D 131 -3.53 52.21 7.15
CA SER D 131 -3.68 53.63 6.93
C SER D 131 -4.70 53.84 5.82
N ASN D 132 -5.04 55.11 5.59
CA ASN D 132 -5.89 55.49 4.48
C ASN D 132 -7.19 54.71 4.49
N THR D 133 -7.84 54.68 5.65
CA THR D 133 -9.03 53.87 5.86
C THR D 133 -10.13 54.75 6.44
N ILE D 134 -11.35 54.51 5.98
CA ILE D 134 -12.55 55.04 6.62
C ILE D 134 -13.33 53.85 7.13
N ARG D 135 -13.70 53.89 8.41
CA ARG D 135 -14.35 52.77 9.08
C ARG D 135 -15.52 53.31 9.87
N TRP D 136 -16.69 52.69 9.68
CA TRP D 136 -17.89 53.05 10.42
C TRP D 136 -18.17 51.98 11.47
N ASP D 137 -18.43 52.44 12.70
CA ASP D 137 -18.85 51.58 13.80
C ASP D 137 -20.24 51.99 14.24
N SER D 138 -21.23 51.14 13.95
CA SER D 138 -22.61 51.35 14.37
C SER D 138 -22.72 51.24 15.89
N PRO D 139 -23.77 51.82 16.48
CA PRO D 139 -24.01 51.57 17.91
C PRO D 139 -24.51 50.14 18.12
N MET D 140 -24.56 49.74 19.40
CA MET D 140 -25.09 48.44 19.79
C MET D 140 -26.62 48.55 19.81
N TYR D 141 -27.21 48.41 18.63
CA TYR D 141 -28.66 48.51 18.45
C TYR D 141 -29.40 47.52 19.36
N ALA D 142 -30.36 48.03 20.15
CA ALA D 142 -31.16 47.23 21.07
C ALA D 142 -30.29 46.48 22.09
N ASP D 143 -29.08 46.99 22.35
CA ASP D 143 -28.07 46.35 23.20
C ASP D 143 -27.91 44.87 22.85
N LYS D 144 -28.03 44.59 21.55
CA LYS D 144 -28.10 43.25 20.98
C LYS D 144 -27.24 43.04 19.73
N PHE D 145 -27.05 44.03 18.87
CA PHE D 145 -26.51 43.77 17.54
C PHE D 145 -25.71 44.97 17.01
N SER D 146 -24.53 44.71 16.46
CA SER D 146 -23.60 45.77 16.07
C SER D 146 -22.97 45.49 14.70
N ILE D 147 -22.60 46.56 14.00
CA ILE D 147 -21.97 46.49 12.68
C ILE D 147 -20.65 47.26 12.72
N ASP D 148 -19.61 46.69 12.10
CA ASP D 148 -18.35 47.36 11.80
C ASP D 148 -18.16 47.30 10.29
N ALA D 149 -17.87 48.44 9.65
CA ALA D 149 -17.72 48.48 8.19
C ALA D 149 -16.62 49.45 7.79
N ALA D 150 -15.79 49.07 6.83
CA ALA D 150 -14.68 49.92 6.44
C ALA D 150 -14.24 49.68 5.00
N VAL D 151 -13.72 50.73 4.37
CA VAL D 151 -13.03 50.65 3.09
C VAL D 151 -11.74 51.43 3.23
N GLY D 152 -10.73 51.05 2.43
CA GLY D 152 -9.48 51.77 2.53
C GLY D 152 -8.56 51.49 1.36
N ALA D 153 -7.53 52.33 1.27
CA ALA D 153 -6.47 52.11 0.30
C ALA D 153 -5.53 51.02 0.78
N GLY D 154 -4.83 50.42 -0.17
CA GLY D 154 -3.95 49.31 0.13
C GLY D 154 -2.55 49.75 0.49
N ASP D 155 -1.73 48.76 0.82
CA ASP D 155 -0.35 49.04 1.26
C ASP D 155 0.43 49.80 0.18
N LYS D 156 0.39 49.35 -1.08
CA LYS D 156 1.16 50.04 -2.12
C LYS D 156 0.55 51.42 -2.46
N ALA D 157 -0.77 51.51 -2.48
CA ALA D 157 -1.45 52.76 -2.84
C ALA D 157 -1.14 53.88 -1.86
N GLY D 158 -0.94 53.54 -0.59
CA GLY D 158 -0.60 54.50 0.42
C GLY D 158 0.78 55.08 0.27
N LEU D 159 1.57 54.57 -0.67
CA LEU D 159 2.87 55.17 -0.99
C LEU D 159 2.89 55.82 -2.37
N GLY D 160 1.74 55.90 -3.05
CA GLY D 160 1.74 56.34 -4.42
C GLY D 160 2.43 55.36 -5.36
N ALA D 161 2.47 54.07 -4.98
CA ALA D 161 3.17 53.04 -5.75
C ALA D 161 2.23 51.93 -6.22
N GLY D 162 0.93 52.18 -6.23
CA GLY D 162 -0.01 51.15 -6.62
C GLY D 162 -1.43 51.68 -6.58
N ASP D 163 -2.37 50.76 -6.84
CA ASP D 163 -3.79 51.06 -6.76
C ASP D 163 -4.55 49.93 -6.05
N ASP D 164 -3.89 49.24 -5.11
CA ASP D 164 -4.60 48.26 -4.28
C ASP D 164 -5.57 48.96 -3.35
N TYR D 165 -6.65 48.25 -3.02
CA TYR D 165 -7.69 48.77 -2.14
C TYR D 165 -8.48 47.59 -1.62
N TRP D 166 -9.35 47.86 -0.66
CA TRP D 166 -10.01 46.77 0.04
C TRP D 166 -11.22 47.34 0.74
N GLY D 167 -12.18 46.46 1.00
CA GLY D 167 -13.30 46.79 1.85
C GLY D 167 -13.66 45.61 2.72
N GLY D 168 -14.34 45.90 3.82
CA GLY D 168 -14.64 44.85 4.79
C GLY D 168 -15.80 45.24 5.67
N ILE D 169 -16.41 44.22 6.28
CA ILE D 169 -17.60 44.38 7.09
C ILE D 169 -17.61 43.30 8.16
N ALA D 170 -18.15 43.63 9.32
CA ALA D 170 -18.25 42.66 10.40
C ALA D 170 -19.50 42.96 11.21
N ALA D 171 -20.03 41.92 11.86
CA ALA D 171 -21.24 42.05 12.63
C ALA D 171 -21.13 41.18 13.88
N HIS D 172 -21.79 41.62 14.93
CA HIS D 172 -21.84 40.88 16.19
C HIS D 172 -23.29 40.83 16.66
N TYR D 173 -23.71 39.68 17.16
CA TYR D 173 -25.06 39.50 17.69
C TYR D 173 -24.91 38.82 19.04
N LYS D 174 -25.42 39.47 20.10
CA LYS D 174 -25.43 38.94 21.46
C LYS D 174 -26.68 38.09 21.66
N LEU D 175 -26.48 36.85 22.12
CA LEU D 175 -27.54 35.87 22.36
C LEU D 175 -27.33 35.29 23.76
N GLY D 176 -27.96 35.90 24.76
CA GLY D 176 -27.75 35.49 26.13
C GLY D 176 -26.28 35.59 26.52
N PRO D 177 -25.67 34.45 26.83
CA PRO D 177 -24.23 34.41 27.14
C PRO D 177 -23.33 34.24 25.92
N LEU D 178 -23.89 34.16 24.72
CA LEU D 178 -23.09 33.96 23.52
C LEU D 178 -23.08 35.22 22.67
N GLN D 179 -22.01 35.38 21.89
CA GLN D 179 -21.96 36.42 20.86
C GLN D 179 -21.60 35.77 19.53
N LEU D 180 -22.47 35.95 18.54
CA LEU D 180 -22.22 35.42 17.20
C LEU D 180 -21.47 36.46 16.41
N ASP D 181 -20.43 36.03 15.71
CA ASP D 181 -19.55 36.93 14.97
C ASP D 181 -19.47 36.46 13.52
N ALA D 182 -19.59 37.41 12.59
CA ALA D 182 -19.32 37.16 11.19
C ALA D 182 -18.56 38.37 10.64
N ALA D 183 -17.58 38.11 9.79
CA ALA D 183 -16.82 39.17 9.17
C ALA D 183 -16.39 38.73 7.78
N TYR D 184 -16.20 39.71 6.90
CA TYR D 184 -15.75 39.49 5.53
C TYR D 184 -14.76 40.60 5.20
N GLU D 185 -13.78 40.27 4.35
CA GLU D 185 -12.90 41.30 3.80
C GLU D 185 -12.50 40.92 2.40
N GLY D 186 -12.55 41.88 1.49
CA GLY D 186 -12.04 41.68 0.15
C GLY D 186 -10.96 42.66 -0.26
N ASN D 187 -9.79 42.15 -0.66
CA ASN D 187 -8.71 42.98 -1.16
C ASN D 187 -8.66 42.85 -2.66
N ARG D 188 -8.33 43.95 -3.33
CA ARG D 188 -8.35 43.99 -4.77
C ARG D 188 -7.07 44.63 -5.28
N ASN D 189 -6.69 44.28 -6.50
CA ASN D 189 -5.54 44.88 -7.17
C ASN D 189 -4.23 44.64 -6.40
N ILE D 190 -4.12 43.50 -5.72
CA ILE D 190 -2.91 43.20 -4.95
C ILE D 190 -1.83 42.72 -5.90
N GLU D 191 -0.76 43.49 -6.04
CA GLU D 191 0.37 43.12 -6.88
C GLU D 191 1.35 42.34 -6.02
N ALA D 192 1.59 41.07 -6.36
CA ALA D 192 2.59 40.24 -5.71
C ALA D 192 2.94 39.07 -6.61
N GLU D 193 4.20 38.62 -6.52
CA GLU D 193 4.73 37.46 -7.24
C GLU D 193 4.59 37.58 -8.75
N GLY D 194 4.66 38.81 -9.29
CA GLY D 194 4.50 39.00 -10.73
C GLY D 194 3.08 38.88 -11.24
N GLN D 195 2.08 38.72 -10.36
CA GLN D 195 0.67 38.62 -10.72
C GLN D 195 -0.13 39.75 -10.07
N THR D 196 -1.45 39.74 -10.30
CA THR D 196 -2.36 40.67 -9.63
C THR D 196 -3.48 39.85 -9.00
N TRP D 197 -3.64 39.98 -7.68
CA TRP D 197 -4.47 39.09 -6.91
C TRP D 197 -5.78 39.75 -6.49
N GLU D 198 -6.77 38.90 -6.23
CA GLU D 198 -7.96 39.27 -5.48
C GLU D 198 -8.10 38.28 -4.33
N ASN D 199 -8.26 38.78 -3.13
CA ASN D 199 -8.47 37.91 -1.99
C ASN D 199 -9.87 38.16 -1.44
N ASN D 200 -10.49 37.10 -0.95
CA ASN D 200 -11.77 37.20 -0.27
C ASN D 200 -11.65 36.31 0.94
N THR D 201 -11.79 36.90 2.11
CA THR D 201 -11.68 36.20 3.36
C THR D 201 -13.02 36.30 4.09
N TYR D 202 -13.44 35.21 4.70
CA TYR D 202 -14.69 35.12 5.44
C TYR D 202 -14.41 34.52 6.80
N LEU D 203 -15.20 34.96 7.78
CA LEU D 203 -15.03 34.54 9.16
C LEU D 203 -16.39 34.34 9.80
N VAL D 204 -16.51 33.26 10.57
CA VAL D 204 -17.63 33.07 11.48
C VAL D 204 -17.01 32.69 12.81
N GLY D 205 -17.70 33.03 13.89
CA GLY D 205 -17.15 32.72 15.20
C GLY D 205 -18.19 32.88 16.28
N VAL D 206 -17.87 32.32 17.44
CA VAL D 206 -18.72 32.41 18.62
C VAL D 206 -17.81 32.75 19.79
N GLN D 207 -18.33 33.57 20.71
CA GLN D 207 -17.72 33.84 22.01
C GLN D 207 -18.75 33.60 23.11
N GLY D 208 -18.28 33.11 24.25
CA GLY D 208 -19.19 32.92 25.38
C GLY D 208 -18.62 33.32 26.72
N TRP D 209 -19.42 33.97 27.57
CA TRP D 209 -19.06 34.23 28.95
C TRP D 209 -20.17 33.71 29.85
N PHE D 210 -19.82 32.82 30.79
CA PHE D 210 -20.78 32.13 31.64
C PHE D 210 -20.55 32.51 33.09
N GLU D 211 -21.64 32.54 33.85
CA GLU D 211 -21.61 33.06 35.22
C GLU D 211 -20.68 32.29 36.14
N ASN D 212 -20.37 31.04 35.84
CA ASN D 212 -19.45 30.26 36.68
C ASN D 212 -17.99 30.56 36.41
N GLY D 213 -17.67 31.44 35.47
CA GLY D 213 -16.28 31.73 35.17
C GLY D 213 -15.75 31.11 33.90
N ILE D 214 -16.54 30.29 33.21
CA ILE D 214 -16.11 29.74 31.93
C ILE D 214 -16.33 30.79 30.85
N SER D 215 -15.31 30.94 29.99
CA SER D 215 -15.41 31.70 28.75
C SER D 215 -14.68 30.94 27.66
N PHE D 216 -15.10 31.17 26.42
CA PHE D 216 -14.50 30.48 25.29
C PHE D 216 -14.74 31.32 24.04
N PHE D 217 -13.92 31.07 23.03
CA PHE D 217 -14.15 31.59 21.70
C PHE D 217 -13.81 30.51 20.68
N ALA D 218 -14.45 30.59 19.52
CA ALA D 218 -14.09 29.69 18.44
C ALA D 218 -14.45 30.35 17.13
N GLN D 219 -13.52 30.31 16.19
CA GLN D 219 -13.70 30.98 14.91
C GLN D 219 -13.32 30.03 13.79
N TYR D 220 -14.00 30.20 12.66
CA TYR D 220 -13.64 29.49 11.44
C TYR D 220 -13.31 30.52 10.37
N LYS D 221 -12.15 30.37 9.74
CA LYS D 221 -11.64 31.38 8.80
C LYS D 221 -11.47 30.73 7.43
N TYR D 222 -12.03 31.37 6.41
CA TYR D 222 -12.03 30.86 5.04
C TYR D 222 -11.39 31.90 4.13
N MET D 223 -10.30 31.50 3.50
CA MET D 223 -9.51 32.39 2.67
C MET D 223 -9.57 31.94 1.21
N GLU D 224 -10.01 32.83 0.35
CA GLU D 224 -9.96 32.62 -1.09
C GLU D 224 -9.00 33.63 -1.70
N ALA D 225 -8.38 33.24 -2.81
CA ALA D 225 -7.48 34.13 -3.52
C ALA D 225 -7.45 33.71 -4.98
N ASP D 226 -7.39 34.70 -5.88
CA ASP D 226 -7.40 34.47 -7.33
C ASP D 226 -6.35 35.36 -7.98
N ALA D 227 -5.40 34.75 -8.68
CA ALA D 227 -4.38 35.47 -9.43
C ALA D 227 -4.82 35.76 -10.86
N SER D 228 -4.16 36.74 -11.48
CA SER D 228 -4.55 37.19 -12.82
C SER D 228 -4.16 36.21 -13.93
N ASN D 229 -3.28 35.25 -13.67
CA ASN D 229 -2.95 34.20 -14.64
C ASN D 229 -3.87 32.99 -14.54
N GLY D 230 -4.99 33.10 -13.82
CA GLY D 230 -5.99 32.06 -13.73
C GLY D 230 -5.88 31.16 -12.52
N VAL D 231 -4.77 31.22 -11.77
CA VAL D 231 -4.59 30.39 -10.58
C VAL D 231 -5.62 30.75 -9.52
N ASN D 232 -6.13 29.74 -8.84
CA ASN D 232 -7.05 29.92 -7.73
C ASN D 232 -6.44 29.27 -6.49
N GLU D 233 -6.53 29.94 -5.36
CA GLU D 233 -6.02 29.42 -4.09
C GLU D 233 -7.10 29.49 -3.03
N LYS D 234 -7.08 28.52 -2.12
CA LYS D 234 -8.05 28.43 -1.02
C LYS D 234 -7.33 27.85 0.18
N GLN D 235 -7.58 28.40 1.37
CA GLN D 235 -7.04 27.87 2.61
C GLN D 235 -8.05 28.16 3.70
N ASP D 236 -8.22 27.19 4.60
CA ASP D 236 -9.15 27.30 5.71
C ASP D 236 -8.32 27.43 6.99
N ALA D 237 -8.90 28.06 8.00
CA ALA D 237 -8.20 28.19 9.27
C ALA D 237 -9.22 28.15 10.40
N MET D 238 -8.70 27.88 11.60
CA MET D 238 -9.55 27.90 12.77
C MET D 238 -8.75 28.36 13.98
N SER D 239 -9.48 28.76 15.02
CA SER D 239 -8.89 29.21 16.27
C SER D 239 -9.93 29.01 17.37
N ALA D 240 -9.46 28.57 18.54
CA ALA D 240 -10.35 28.36 19.66
C ALA D 240 -9.58 28.54 20.96
N GLY D 241 -10.30 28.96 21.98
CA GLY D 241 -9.71 29.19 23.28
C GLY D 241 -10.71 28.88 24.36
N LEU D 242 -10.20 28.42 25.50
CA LEU D 242 -11.00 28.04 26.66
C LEU D 242 -10.44 28.73 27.90
N MET D 243 -11.32 29.33 28.69
CA MET D 243 -10.90 30.19 29.81
C MET D 243 -11.73 29.95 31.06
N TYR D 244 -11.05 29.91 32.21
CA TYR D 244 -11.67 29.89 33.54
C TYR D 244 -11.14 31.05 34.39
N THR D 245 -12.04 31.94 34.82
CA THR D 245 -11.70 33.09 35.67
C THR D 245 -12.30 32.94 37.07
N THR D 246 -11.46 32.77 38.08
CA THR D 246 -11.91 32.76 39.48
C THR D 246 -10.99 33.65 40.30
N GLY D 247 -11.57 34.63 40.99
CA GLY D 247 -10.80 35.47 41.88
C GLY D 247 -9.76 36.27 41.12
N ASP D 248 -8.49 36.12 41.50
CA ASP D 248 -7.41 36.86 40.88
C ASP D 248 -6.69 36.08 39.80
N TRP D 249 -7.30 35.02 39.25
CA TRP D 249 -6.60 34.15 38.30
C TRP D 249 -7.47 33.85 37.09
N GLN D 250 -6.81 33.69 35.94
CA GLN D 250 -7.46 33.21 34.73
C GLN D 250 -6.55 32.17 34.09
N TYR D 251 -7.11 30.98 33.88
CA TYR D 251 -6.44 29.92 33.14
C TYR D 251 -6.91 29.94 31.70
N LYS D 252 -5.97 29.81 30.77
CA LYS D 252 -6.31 29.89 29.35
C LYS D 252 -5.64 28.76 28.59
N LEU D 253 -6.42 28.07 27.76
CA LEU D 253 -5.91 27.07 26.84
C LEU D 253 -6.32 27.49 25.44
N GLY D 254 -5.35 27.55 24.54
CA GLY D 254 -5.61 28.04 23.19
C GLY D 254 -5.01 27.15 22.11
N TYR D 255 -5.75 27.02 21.01
CA TYR D 255 -5.32 26.24 19.86
C TYR D 255 -5.80 26.94 18.60
N ALA D 256 -4.93 26.95 17.58
CA ALA D 256 -5.34 27.47 16.28
C ALA D 256 -4.55 26.76 15.20
N ALA D 257 -5.15 26.65 14.02
CA ALA D 257 -4.47 25.97 12.94
C ALA D 257 -4.91 26.52 11.59
N ASN D 258 -3.96 26.55 10.67
CA ASN D 258 -4.23 26.66 9.24
C ASN D 258 -4.14 25.29 8.61
N PHE D 259 -5.01 25.04 7.65
CA PHE D 259 -4.97 23.76 6.98
C PHE D 259 -4.21 23.90 5.68
N ASP D 260 -3.87 22.75 5.09
CA ASP D 260 -3.07 22.71 3.88
C ASP D 260 -3.65 23.63 2.80
N LEU D 261 -2.77 24.33 2.09
CA LEU D 261 -3.24 25.21 1.04
C LEU D 261 -3.68 24.40 -0.18
N GLU D 262 -4.78 24.81 -0.77
CA GLU D 262 -5.34 24.19 -1.96
C GLU D 262 -5.11 25.14 -3.12
N ARG D 263 -4.34 24.71 -4.11
CA ARG D 263 -4.02 25.55 -5.27
C ARG D 263 -4.55 24.91 -6.55
N ASP D 264 -5.42 25.62 -7.25
CA ASP D 264 -5.98 25.12 -8.49
C ASP D 264 -6.58 23.73 -8.26
N GLY D 265 -7.32 23.59 -7.17
CA GLY D 265 -7.99 22.35 -6.83
C GLY D 265 -7.12 21.28 -6.22
N LYS D 266 -5.80 21.38 -6.38
CA LYS D 266 -4.86 20.40 -5.84
C LYS D 266 -4.42 20.83 -4.45
N THR D 267 -4.53 19.92 -3.49
CA THR D 267 -3.99 20.14 -2.14
C THR D 267 -2.47 20.04 -2.12
N LEU D 268 -1.82 21.01 -1.47
CA LEU D 268 -0.37 21.00 -1.24
C LEU D 268 -0.07 20.34 0.10
N SER D 269 0.81 19.35 0.09
CA SER D 269 1.06 18.60 1.30
C SER D 269 1.82 19.43 2.34
N ASN D 270 1.37 19.32 3.59
CA ASN D 270 2.07 19.91 4.73
C ASN D 270 2.38 21.40 4.52
N THR D 271 1.34 22.12 4.08
CA THR D 271 1.31 23.58 4.08
C THR D 271 0.40 24.09 5.19
N SER D 272 0.20 23.28 6.24
CA SER D 272 -0.63 23.59 7.38
C SER D 272 0.25 24.01 8.56
N ASP D 273 -0.31 24.82 9.44
CA ASP D 273 0.35 25.22 10.67
C ASP D 273 -0.58 24.94 11.83
N ASP D 274 0.00 24.75 13.01
CA ASP D 274 -0.82 24.82 14.21
C ASP D 274 0.03 25.21 15.40
N VAL D 275 -0.65 25.76 16.41
CA VAL D 275 -0.06 26.27 17.64
C VAL D 275 -0.95 25.84 18.79
N VAL D 276 -0.32 25.40 19.88
CA VAL D 276 -1.02 25.16 21.14
C VAL D 276 -0.44 26.09 22.20
N SER D 277 -1.29 26.63 23.06
CA SER D 277 -0.80 27.60 24.02
C SER D 277 -1.57 27.54 25.32
N ALA D 278 -0.83 27.67 26.42
CA ALA D 278 -1.38 27.74 27.76
C ALA D 278 -0.84 28.97 28.46
N GLN D 279 -1.71 29.65 29.18
CA GLN D 279 -1.33 30.89 29.84
C GLN D 279 -2.04 30.94 31.19
N ILE D 280 -1.28 31.25 32.23
CA ILE D 280 -1.81 31.49 33.55
C ILE D 280 -1.66 32.98 33.84
N MET D 281 -2.77 33.64 34.21
CA MET D 281 -2.77 35.07 34.43
C MET D 281 -3.20 35.41 35.85
N TYR D 282 -2.49 36.38 36.44
CA TYR D 282 -2.73 36.87 37.78
C TYR D 282 -3.19 38.31 37.67
N PHE D 283 -4.39 38.60 38.16
CA PHE D 283 -4.92 39.97 38.20
C PHE D 283 -4.30 40.67 39.40
N VAL D 284 -3.08 41.18 39.19
CA VAL D 284 -2.33 41.76 40.28
C VAL D 284 -2.87 43.11 40.75
N ASP D 285 -3.76 43.72 39.97
CA ASP D 285 -4.30 45.04 40.25
C ASP D 285 -5.44 45.31 39.25
N PRO D 286 -6.38 46.19 39.59
CA PRO D 286 -7.43 46.51 38.63
C PRO D 286 -6.89 47.03 37.33
N SER D 287 -5.65 47.51 37.31
CA SER D 287 -5.07 48.15 36.15
C SER D 287 -3.89 47.39 35.56
N ALA D 288 -3.62 46.18 36.01
CA ALA D 288 -2.44 45.48 35.52
C ALA D 288 -2.63 43.96 35.68
N VAL D 289 -1.86 43.20 34.92
CA VAL D 289 -1.83 41.75 35.05
C VAL D 289 -0.39 41.26 34.92
N LEU D 290 -0.07 40.19 35.65
CA LEU D 290 1.11 39.39 35.40
C LEU D 290 0.67 38.09 34.75
N TYR D 291 1.53 37.52 33.93
CA TYR D 291 1.10 36.29 33.27
C TYR D 291 2.31 35.44 32.91
N ALA D 292 2.09 34.13 32.86
CA ALA D 292 3.06 33.17 32.37
C ALA D 292 2.41 32.37 31.25
N ARG D 293 3.20 32.07 30.22
CA ARG D 293 2.66 31.47 29.01
C ARG D 293 3.70 30.53 28.40
N ALA D 294 3.21 29.37 27.92
CA ALA D 294 4.03 28.47 27.11
C ALA D 294 3.22 28.10 25.86
N ARG D 295 3.90 28.02 24.73
CA ARG D 295 3.23 27.70 23.48
C ARG D 295 4.22 27.00 22.54
N MET D 296 3.67 26.16 21.65
CA MET D 296 4.46 25.41 20.67
C MET D 296 3.89 25.66 19.28
N ASN D 297 4.74 26.17 18.38
CA ASN D 297 4.35 26.41 16.99
C ASN D 297 4.94 25.34 16.07
N ASP D 298 4.05 24.61 15.36
CA ASP D 298 4.45 23.68 14.29
C ASP D 298 3.94 24.28 12.98
N PHE D 299 4.87 24.84 12.18
CA PHE D 299 4.56 25.53 10.93
C PHE D 299 4.78 24.63 9.72
N ASN D 300 4.17 25.04 8.61
CA ASN D 300 4.35 24.41 7.31
C ASN D 300 5.84 24.37 6.96
N GLU D 301 6.23 23.47 6.07
CA GLU D 301 7.64 23.24 5.77
C GLU D 301 8.12 23.98 4.54
N GLY D 302 7.29 24.84 3.94
CA GLY D 302 7.66 25.68 2.81
C GLY D 302 6.77 25.51 1.60
N LEU D 303 6.70 26.54 0.74
CA LEU D 303 5.94 26.43 -0.50
C LEU D 303 6.35 27.56 -1.45
N ASP D 304 6.22 27.30 -2.74
CA ASP D 304 6.55 28.27 -3.77
C ASP D 304 5.32 29.05 -4.21
N GLY D 305 5.54 30.31 -4.58
CA GLY D 305 4.52 31.14 -5.19
C GLY D 305 4.44 30.92 -6.69
N LEU D 306 3.81 31.88 -7.37
CA LEU D 306 3.59 31.79 -8.81
C LEU D 306 4.74 32.34 -9.63
N ASP D 307 5.82 32.80 -9.00
CA ASP D 307 7.05 33.12 -9.70
C ASP D 307 8.16 32.10 -9.43
N ASP D 308 7.79 30.94 -8.85
CA ASP D 308 8.65 29.79 -8.55
C ASP D 308 9.78 30.08 -7.56
N ALA D 309 9.62 31.09 -6.71
CA ALA D 309 10.51 31.30 -5.57
C ALA D 309 9.73 31.01 -4.30
N ALA D 310 10.45 30.72 -3.23
CA ALA D 310 9.78 30.42 -1.96
C ALA D 310 8.85 31.57 -1.60
N ARG D 311 7.64 31.23 -1.17
CA ARG D 311 6.69 32.23 -0.72
C ARG D 311 6.85 32.39 0.79
N TRP D 312 7.03 33.63 1.23
CA TRP D 312 7.29 33.84 2.64
C TRP D 312 6.05 33.51 3.45
N THR D 313 6.25 32.81 4.55
CA THR D 313 5.17 32.55 5.49
C THR D 313 5.70 32.71 6.90
N SER D 314 4.78 32.56 7.85
CA SER D 314 5.09 32.54 9.26
C SER D 314 6.00 31.37 9.64
N GLY D 315 6.18 30.40 8.76
CA GLY D 315 7.06 29.28 9.06
C GLY D 315 8.48 29.40 8.55
N THR D 316 8.70 30.36 7.64
CA THR D 316 9.99 30.52 7.00
C THR D 316 11.16 30.44 7.97
N ASN D 317 11.01 31.03 9.16
CA ASN D 317 12.10 31.07 10.11
C ASN D 317 12.25 29.77 10.88
N GLY D 318 11.24 28.90 10.87
CA GLY D 318 11.31 27.63 11.55
C GLY D 318 10.32 27.44 12.70
N ASP D 319 10.06 26.19 13.09
CA ASP D 319 9.26 25.89 14.26
C ASP D 319 9.99 26.39 15.51
N TYR D 320 9.22 26.77 16.53
CA TYR D 320 9.83 27.16 17.80
C TYR D 320 8.81 27.02 18.92
N ASN D 321 9.34 26.86 20.12
CA ASN D 321 8.59 26.94 21.37
C ASN D 321 8.99 28.22 22.11
N GLU D 322 8.09 28.70 22.97
CA GLU D 322 8.36 29.92 23.72
C GLU D 322 7.75 29.84 25.10
N TYR D 323 8.55 30.15 26.11
CA TYR D 323 8.11 30.27 27.48
C TYR D 323 8.36 31.70 27.93
N SER D 324 7.35 32.32 28.54
CA SER D 324 7.45 33.74 28.83
C SER D 324 6.60 34.12 30.02
N VAL D 325 7.12 35.07 30.79
CA VAL D 325 6.34 35.78 31.79
C VAL D 325 6.32 37.24 31.34
N GLY D 326 5.32 37.98 31.84
CA GLY D 326 5.19 39.35 31.43
C GLY D 326 4.26 40.13 32.34
N VAL D 327 4.23 41.45 32.11
CA VAL D 327 3.41 42.38 32.88
C VAL D 327 2.74 43.35 31.90
N GLU D 328 1.50 43.71 32.18
CA GLU D 328 0.81 44.75 31.43
C GLU D 328 0.14 45.70 32.41
N TYR D 329 0.32 47.00 32.20
CA TYR D 329 -0.21 48.06 33.06
C TYR D 329 -0.92 49.09 32.21
N TYR D 330 -2.14 49.48 32.59
CA TYR D 330 -2.95 50.41 31.83
C TYR D 330 -3.15 51.73 32.57
N PHE D 331 -3.02 52.83 31.86
CA PHE D 331 -3.37 54.10 32.49
C PHE D 331 -4.02 55.04 31.50
N GLU E 1 -14.59 -19.47 -38.18
CA GLU E 1 -13.50 -18.56 -38.49
C GLU E 1 -13.19 -17.65 -37.31
N VAL E 2 -11.93 -17.25 -37.20
CA VAL E 2 -11.53 -16.21 -36.26
C VAL E 2 -11.49 -14.90 -37.03
N TYR E 3 -11.91 -13.82 -36.39
CA TYR E 3 -11.78 -12.50 -36.98
C TYR E 3 -11.45 -11.54 -35.85
N GLY E 4 -10.98 -10.36 -36.24
CA GLY E 4 -10.67 -9.35 -35.24
C GLY E 4 -10.76 -7.97 -35.85
N ILE E 5 -10.87 -6.98 -34.98
CA ILE E 5 -10.67 -5.59 -35.33
C ILE E 5 -9.58 -5.08 -34.39
N ILE E 6 -8.42 -4.71 -34.97
CA ILE E 6 -7.31 -4.16 -34.20
C ILE E 6 -7.40 -2.64 -34.28
N ALA E 7 -7.62 -2.00 -33.13
CA ALA E 7 -7.96 -0.58 -33.10
C ALA E 7 -7.31 0.12 -31.91
N MET E 8 -6.44 1.09 -32.21
CA MET E 8 -5.70 1.86 -31.22
C MET E 8 -5.90 3.33 -31.52
N GLN E 9 -6.24 4.10 -30.50
CA GLN E 9 -6.42 5.52 -30.66
C GLN E 9 -5.71 6.20 -29.51
N ALA E 10 -4.78 7.10 -29.84
CA ALA E 10 -4.10 7.93 -28.87
C ALA E 10 -4.85 9.24 -28.80
N ALA E 11 -5.50 9.53 -27.67
CA ALA E 11 -6.41 10.66 -27.55
C ALA E 11 -5.99 11.55 -26.38
N TYR E 12 -5.81 12.83 -26.67
CA TYR E 12 -5.57 13.81 -25.63
C TYR E 12 -6.88 14.52 -25.33
N ARG E 13 -7.26 14.54 -24.07
CA ARG E 13 -8.48 15.19 -23.64
C ARG E 13 -8.11 16.39 -22.79
N ASP E 14 -8.65 17.55 -23.16
CA ASP E 14 -8.50 18.79 -22.42
C ASP E 14 -9.84 19.11 -21.78
N TYR E 15 -9.92 19.03 -20.45
CA TYR E 15 -11.17 19.30 -19.77
C TYR E 15 -11.19 20.74 -19.26
N ASP E 16 -12.41 21.27 -19.15
CA ASP E 16 -12.72 22.60 -18.62
C ASP E 16 -14.06 22.44 -17.91
N SER E 17 -13.99 21.84 -16.72
CA SER E 17 -15.14 21.41 -15.95
C SER E 17 -15.47 22.29 -14.76
N GLY E 18 -14.65 23.28 -14.44
CA GLY E 18 -14.83 24.05 -13.23
C GLY E 18 -14.05 23.55 -12.02
N ASP E 19 -13.28 22.47 -12.16
CA ASP E 19 -12.37 21.99 -11.13
C ASP E 19 -11.05 21.67 -11.78
N ALA E 20 -10.00 22.40 -11.43
CA ALA E 20 -8.68 22.14 -12.00
C ALA E 20 -8.13 20.76 -11.65
N LYS E 21 -8.44 20.24 -10.46
CA LYS E 21 -7.97 18.90 -10.10
C LYS E 21 -8.69 17.85 -10.93
N GLN E 22 -10.00 17.99 -11.04
CA GLN E 22 -10.77 17.08 -11.87
C GLN E 22 -10.30 17.12 -13.32
N ASP E 23 -10.07 18.33 -13.86
CA ASP E 23 -9.52 18.45 -15.22
C ASP E 23 -8.21 17.70 -15.41
N ASP E 24 -7.33 17.73 -14.42
CA ASP E 24 -6.07 17.00 -14.54
C ASP E 24 -6.32 15.48 -14.50
N ASN E 25 -7.29 15.04 -13.70
CA ASN E 25 -7.57 13.61 -13.58
C ASN E 25 -8.17 13.07 -14.87
N LEU E 26 -9.28 13.66 -15.31
CA LEU E 26 -9.95 13.17 -16.50
C LEU E 26 -9.13 13.40 -17.76
N GLY E 27 -8.39 14.49 -17.83
CA GLY E 27 -7.68 14.86 -19.03
C GLY E 27 -6.29 14.28 -19.13
N GLY E 28 -5.65 14.55 -20.25
CA GLY E 28 -4.33 14.01 -20.52
C GLY E 28 -4.36 13.04 -21.69
N MET E 29 -3.20 12.46 -21.96
CA MET E 29 -3.06 11.47 -23.01
C MET E 29 -3.45 10.10 -22.47
N GLN E 30 -4.21 9.35 -23.28
CA GLN E 30 -4.54 7.96 -22.99
C GLN E 30 -4.54 7.18 -24.30
N LEU E 31 -4.33 5.87 -24.21
CA LEU E 31 -4.51 5.01 -25.37
C LEU E 31 -5.84 4.31 -25.20
N ASN E 32 -6.66 4.40 -26.22
CA ASN E 32 -7.98 3.77 -26.23
C ASN E 32 -7.86 2.57 -27.15
N ASN E 33 -7.69 1.40 -26.59
CA ASN E 33 -7.43 0.18 -27.35
C ASN E 33 -8.75 -0.56 -27.51
N GLU E 34 -9.41 -0.37 -28.65
CA GLU E 34 -10.71 -0.99 -28.87
C GLU E 34 -10.59 -2.28 -29.65
N SER E 35 -9.41 -2.90 -29.60
CA SER E 35 -9.21 -4.18 -30.27
C SER E 35 -10.12 -5.27 -29.69
N ARG E 36 -10.58 -6.15 -30.56
CA ARG E 36 -11.45 -7.24 -30.15
C ARG E 36 -11.24 -8.41 -31.09
N ILE E 37 -11.44 -9.60 -30.55
CA ILE E 37 -11.35 -10.86 -31.25
C ILE E 37 -12.73 -11.49 -31.21
N GLY E 38 -13.08 -12.19 -32.29
CA GLY E 38 -14.35 -12.87 -32.34
C GLY E 38 -14.23 -14.17 -33.10
N PHE E 39 -15.20 -15.02 -32.87
CA PHE E 39 -15.35 -16.26 -33.61
C PHE E 39 -16.76 -16.29 -34.19
N ARG E 40 -16.87 -16.83 -35.39
CA ARG E 40 -18.16 -16.94 -36.06
C ARG E 40 -18.12 -18.12 -37.03
N GLY E 41 -19.29 -18.58 -37.41
CA GLY E 41 -19.36 -19.68 -38.35
C GLY E 41 -20.76 -19.80 -38.90
N LYS E 42 -20.86 -20.49 -40.03
CA LYS E 42 -22.12 -20.92 -40.60
C LYS E 42 -22.15 -22.44 -40.61
N LYS E 43 -23.34 -23.02 -40.72
CA LYS E 43 -23.44 -24.47 -40.76
C LYS E 43 -24.78 -24.88 -41.34
N GLN E 44 -24.74 -25.72 -42.36
CA GLN E 44 -25.92 -26.26 -43.00
C GLN E 44 -26.30 -27.56 -42.27
N PHE E 45 -27.32 -27.50 -41.44
CA PHE E 45 -27.82 -28.71 -40.78
C PHE E 45 -28.48 -29.61 -41.83
N ALA E 46 -28.34 -30.93 -41.65
CA ALA E 46 -28.87 -31.88 -42.62
C ALA E 46 -30.39 -31.89 -42.69
N ASN E 47 -31.06 -31.58 -41.58
CA ASN E 47 -32.50 -31.73 -41.47
C ASN E 47 -33.18 -30.39 -41.16
N PHE E 48 -32.67 -29.30 -41.74
CA PHE E 48 -33.28 -27.99 -41.55
C PHE E 48 -32.77 -27.08 -42.66
N GLU E 49 -33.66 -26.58 -43.52
CA GLU E 49 -33.20 -25.81 -44.68
C GLU E 49 -32.48 -24.53 -44.30
N PRO E 50 -33.02 -23.63 -43.47
CA PRO E 50 -32.33 -22.36 -43.23
C PRO E 50 -30.97 -22.58 -42.59
N THR E 51 -30.00 -21.81 -43.04
CA THR E 51 -28.62 -21.99 -42.58
C THR E 51 -28.42 -21.46 -41.17
N PHE E 52 -27.73 -22.26 -40.34
CA PHE E 52 -27.42 -21.87 -38.97
C PHE E 52 -26.24 -20.90 -38.98
N ILE E 53 -26.36 -19.82 -38.20
CA ILE E 53 -25.26 -18.87 -38.08
C ILE E 53 -25.01 -18.61 -36.60
N TRP E 54 -23.78 -18.21 -36.28
CA TRP E 54 -23.46 -17.88 -34.89
C TRP E 54 -22.23 -16.99 -34.84
N GLN E 55 -22.12 -16.18 -33.79
CA GLN E 55 -20.96 -15.32 -33.59
C GLN E 55 -20.71 -15.17 -32.09
N ILE E 56 -19.43 -15.07 -31.70
CA ILE E 56 -19.05 -14.73 -30.32
C ILE E 56 -17.93 -13.70 -30.41
N GLU E 57 -18.21 -12.44 -30.09
CA GLU E 57 -17.24 -11.36 -30.23
C GLU E 57 -16.77 -10.88 -28.87
N GLY E 58 -15.47 -10.62 -28.75
CA GLY E 58 -14.92 -10.16 -27.50
C GLY E 58 -15.11 -8.68 -27.32
N GLY E 59 -14.88 -8.21 -26.10
CA GLY E 59 -14.98 -6.80 -25.81
C GLY E 59 -13.71 -6.07 -26.17
N TYR E 60 -13.73 -4.76 -25.94
CA TYR E 60 -12.53 -3.96 -26.10
C TYR E 60 -11.47 -4.43 -25.11
N VAL E 61 -10.27 -4.74 -25.61
CA VAL E 61 -9.29 -5.36 -24.71
C VAL E 61 -8.64 -4.39 -23.73
N ASP E 62 -8.66 -3.06 -24.00
CA ASP E 62 -8.14 -2.01 -23.11
C ASP E 62 -8.61 -0.61 -23.47
N PRO E 63 -9.87 -0.27 -23.23
CA PRO E 63 -10.34 1.08 -23.57
C PRO E 63 -9.75 2.12 -22.64
N SER E 64 -9.78 3.36 -23.11
CA SER E 64 -9.43 4.48 -22.24
C SER E 64 -10.41 4.55 -21.08
N PHE E 65 -9.95 5.13 -19.97
CA PHE E 65 -10.78 5.28 -18.78
C PHE E 65 -11.27 3.96 -18.22
N GLY E 66 -10.66 2.85 -18.63
CA GLY E 66 -11.05 1.55 -18.12
C GLY E 66 -9.85 0.66 -17.89
N GLY E 67 -10.09 -0.40 -17.14
CA GLY E 67 -9.08 -1.41 -16.96
C GLY E 67 -8.93 -2.33 -18.15
N GLU E 68 -7.86 -3.11 -18.09
CA GLU E 68 -7.50 -4.04 -19.15
C GLU E 68 -8.29 -5.34 -19.01
N GLY E 69 -8.43 -6.02 -20.14
CA GLY E 69 -9.05 -7.33 -20.15
C GLY E 69 -10.49 -7.24 -20.57
N ALA E 70 -10.91 -8.15 -21.47
CA ALA E 70 -12.28 -8.25 -21.93
C ALA E 70 -12.63 -9.72 -22.10
N GLY E 71 -13.91 -10.06 -21.86
CA GLY E 71 -14.36 -11.43 -22.03
C GLY E 71 -14.97 -11.72 -23.41
N LEU E 72 -15.02 -13.01 -23.74
CA LEU E 72 -15.77 -13.43 -24.91
C LEU E 72 -17.25 -13.36 -24.60
N GLY E 73 -18.02 -12.71 -25.48
CA GLY E 73 -19.44 -12.53 -25.30
C GLY E 73 -19.86 -11.10 -25.00
N GLU E 74 -18.92 -10.17 -24.86
CA GLU E 74 -19.26 -8.82 -24.47
C GLU E 74 -19.86 -8.02 -25.62
N ARG E 75 -19.51 -8.37 -26.86
CA ARG E 75 -20.05 -7.67 -28.01
C ARG E 75 -21.05 -8.58 -28.74
N ASP E 76 -21.32 -8.28 -30.01
CA ASP E 76 -22.37 -9.01 -30.71
C ASP E 76 -22.13 -10.51 -30.68
N THR E 77 -22.93 -11.25 -29.90
CA THR E 77 -22.77 -12.70 -29.82
C THR E 77 -24.15 -13.35 -29.80
N PHE E 78 -24.40 -14.26 -30.75
CA PHE E 78 -25.75 -14.70 -31.03
C PHE E 78 -25.72 -16.04 -31.75
N VAL E 79 -26.89 -16.66 -31.83
CA VAL E 79 -27.18 -17.71 -32.78
C VAL E 79 -28.34 -17.25 -33.65
N GLY E 80 -28.53 -17.94 -34.76
CA GLY E 80 -29.62 -17.56 -35.64
C GLY E 80 -29.66 -18.41 -36.89
N PHE E 81 -30.66 -18.11 -37.72
CA PHE E 81 -30.88 -18.82 -38.96
C PHE E 81 -31.09 -17.81 -40.08
N GLU E 82 -30.70 -18.19 -41.30
CA GLU E 82 -30.86 -17.31 -42.43
C GLU E 82 -31.31 -18.08 -43.68
N SER E 83 -32.16 -17.42 -44.50
CA SER E 83 -32.66 -17.89 -45.79
C SER E 83 -32.65 -16.71 -46.76
N ALA E 84 -32.49 -17.03 -48.04
CA ALA E 84 -32.40 -15.97 -49.06
C ALA E 84 -33.67 -15.13 -49.16
N SER E 85 -34.85 -15.74 -49.03
CA SER E 85 -36.10 -15.00 -49.24
C SER E 85 -36.52 -14.20 -48.01
N TRP E 86 -36.40 -14.76 -46.80
CA TRP E 86 -36.90 -14.08 -45.62
C TRP E 86 -35.81 -13.53 -44.69
N GLY E 87 -34.56 -13.46 -45.14
CA GLY E 87 -33.54 -12.77 -44.37
C GLY E 87 -32.82 -13.60 -43.32
N GLN E 88 -32.56 -13.00 -42.17
CA GLN E 88 -31.89 -13.70 -41.08
C GLN E 88 -32.53 -13.31 -39.76
N VAL E 89 -32.72 -14.29 -38.89
CA VAL E 89 -33.18 -14.07 -37.53
C VAL E 89 -32.02 -14.40 -36.60
N ARG E 90 -31.83 -13.57 -35.57
CA ARG E 90 -30.75 -13.76 -34.60
C ARG E 90 -31.32 -13.71 -33.19
N LEU E 91 -30.90 -14.66 -32.36
CA LEU E 91 -31.22 -14.67 -30.92
C LEU E 91 -29.94 -14.53 -30.12
N GLY E 92 -29.94 -13.65 -29.12
CA GLY E 92 -28.78 -13.49 -28.26
C GLY E 92 -28.49 -12.03 -27.93
N ARG E 93 -27.26 -11.58 -28.18
CA ARG E 93 -26.85 -10.22 -27.82
C ARG E 93 -26.49 -9.48 -29.09
N VAL E 94 -27.29 -8.49 -29.48
CA VAL E 94 -27.11 -7.78 -30.74
C VAL E 94 -27.57 -6.34 -30.53
N LEU E 95 -27.31 -5.47 -31.51
CA LEU E 95 -27.82 -4.10 -31.43
C LEU E 95 -29.30 -4.04 -31.81
N THR E 96 -30.03 -3.15 -31.13
CA THR E 96 -31.41 -2.87 -31.48
C THR E 96 -31.47 -2.08 -32.80
N PRO E 97 -32.53 -2.29 -33.62
CA PRO E 97 -32.63 -1.56 -34.91
C PRO E 97 -32.55 -0.06 -34.76
N MET E 98 -32.92 0.46 -33.61
CA MET E 98 -32.76 1.91 -33.38
C MET E 98 -31.29 2.26 -33.18
N TYR E 99 -30.61 1.56 -32.26
CA TYR E 99 -29.24 1.90 -31.92
C TYR E 99 -28.32 1.83 -33.12
N GLU E 100 -28.50 0.82 -33.96
CA GLU E 100 -27.59 0.64 -35.08
C GLU E 100 -27.47 1.88 -35.94
N LEU E 101 -28.56 2.66 -36.07
CA LEU E 101 -28.54 3.89 -36.85
C LEU E 101 -27.97 5.07 -36.04
N VAL E 102 -28.27 5.14 -34.74
CA VAL E 102 -27.63 6.16 -33.90
C VAL E 102 -26.12 6.00 -33.94
N ASP E 103 -25.64 4.75 -33.94
CA ASP E 103 -24.21 4.49 -33.93
C ASP E 103 -23.59 4.81 -35.28
N TRP E 104 -24.11 4.20 -36.34
CA TRP E 104 -23.60 4.43 -37.66
C TRP E 104 -24.72 4.93 -38.55
N PRO E 105 -24.55 6.08 -39.23
CA PRO E 105 -23.33 6.89 -39.33
C PRO E 105 -23.25 7.96 -38.30
N ALA E 106 -24.28 8.05 -37.46
CA ALA E 106 -24.55 9.29 -36.77
C ALA E 106 -23.64 9.56 -35.57
N SER E 107 -22.91 8.57 -35.07
CA SER E 107 -21.99 8.83 -33.97
C SER E 107 -20.57 9.03 -34.44
N ASN E 108 -20.32 8.88 -35.72
CA ASN E 108 -18.97 9.06 -36.22
C ASN E 108 -18.86 10.44 -36.89
N PRO E 109 -17.85 11.25 -36.58
CA PRO E 109 -16.64 11.01 -35.76
C PRO E 109 -16.61 11.61 -34.35
N GLY E 110 -16.65 10.74 -33.33
CA GLY E 110 -16.58 11.24 -31.97
C GLY E 110 -17.77 12.05 -31.53
N LEU E 111 -18.94 11.82 -32.14
CA LEU E 111 -20.18 12.47 -31.75
C LEU E 111 -20.94 11.68 -30.70
N GLY E 112 -20.37 10.58 -30.22
CA GLY E 112 -21.12 9.68 -29.35
C GLY E 112 -21.47 10.30 -28.01
N ASP E 113 -20.57 11.12 -27.46
CA ASP E 113 -20.84 11.76 -26.18
C ASP E 113 -22.14 12.54 -26.21
N VAL E 114 -22.50 13.11 -27.36
CA VAL E 114 -23.76 13.84 -27.47
C VAL E 114 -24.87 12.94 -27.98
N TYR E 115 -24.64 12.31 -29.13
CA TYR E 115 -25.72 11.68 -29.87
C TYR E 115 -25.92 10.21 -29.50
N ASP E 116 -24.91 9.57 -28.90
CA ASP E 116 -25.02 8.16 -28.59
C ASP E 116 -25.62 7.96 -27.20
N TRP E 117 -24.83 8.17 -26.14
CA TRP E 117 -25.32 8.03 -24.77
C TRP E 117 -25.55 9.38 -24.11
N GLY E 118 -25.38 10.48 -24.85
CA GLY E 118 -25.69 11.79 -24.35
C GLY E 118 -27.17 12.06 -24.33
N GLY E 119 -27.52 13.19 -23.72
CA GLY E 119 -28.90 13.58 -23.54
C GLY E 119 -29.29 13.59 -22.06
N ALA E 120 -30.35 14.33 -21.77
CA ALA E 120 -30.76 14.50 -20.38
C ALA E 120 -32.05 13.77 -20.04
N ILE E 121 -32.71 13.13 -21.03
CA ILE E 121 -34.02 12.55 -20.81
C ILE E 121 -33.92 11.39 -19.81
N GLY E 122 -35.01 11.17 -19.07
CA GLY E 122 -35.08 10.14 -18.08
C GLY E 122 -35.46 8.79 -18.65
N GLY E 123 -35.44 7.79 -17.77
CA GLY E 123 -35.76 6.43 -18.20
C GLY E 123 -34.65 5.85 -19.05
N ALA E 124 -35.05 5.17 -20.14
CA ALA E 124 -34.11 4.51 -21.04
C ALA E 124 -34.49 4.87 -22.47
N LYS E 125 -33.84 5.93 -22.99
CA LYS E 125 -34.16 6.49 -24.31
C LYS E 125 -34.15 5.41 -25.39
N TYR E 126 -33.12 4.57 -25.38
CA TYR E 126 -33.06 3.38 -26.22
C TYR E 126 -31.97 2.49 -25.65
N GLN E 127 -32.02 1.21 -25.99
CA GLN E 127 -30.95 0.31 -25.67
C GLN E 127 -29.85 0.40 -26.73
N ASP E 128 -28.67 -0.16 -26.46
CA ASP E 128 -27.64 -0.13 -27.51
C ASP E 128 -27.33 -1.55 -27.96
N ARG E 129 -26.38 -2.20 -27.32
CA ARG E 129 -26.17 -3.63 -27.48
C ARG E 129 -26.94 -4.31 -26.36
N GLN E 130 -27.83 -5.22 -26.71
CA GLN E 130 -28.72 -5.79 -25.71
C GLN E 130 -28.66 -7.29 -25.78
N SER E 131 -28.51 -7.92 -24.61
CA SER E 131 -28.67 -9.35 -24.48
C SER E 131 -30.15 -9.69 -24.49
N ASN E 132 -30.45 -10.99 -24.47
CA ASN E 132 -31.82 -11.49 -24.31
C ASN E 132 -32.74 -10.85 -25.36
N THR E 133 -32.27 -10.88 -26.60
CA THR E 133 -32.91 -10.20 -27.71
C THR E 133 -33.10 -11.14 -28.88
N ILE E 134 -34.24 -11.02 -29.56
CA ILE E 134 -34.47 -11.65 -30.85
C ILE E 134 -34.66 -10.56 -31.88
N ARG E 135 -33.90 -10.65 -32.97
CA ARG E 135 -33.90 -9.61 -34.00
C ARG E 135 -34.00 -10.27 -35.37
N TRP E 136 -34.91 -9.74 -36.18
CA TRP E 136 -35.11 -10.15 -37.56
C TRP E 136 -34.55 -9.07 -38.46
N ASP E 137 -33.74 -9.47 -39.44
CA ASP E 137 -33.22 -8.57 -40.46
C ASP E 137 -33.77 -9.06 -41.79
N SER E 138 -34.67 -8.27 -42.38
CA SER E 138 -35.23 -8.61 -43.67
C SER E 138 -34.16 -8.54 -44.74
N PRO E 139 -34.36 -9.21 -45.87
CA PRO E 139 -33.48 -9.00 -47.02
C PRO E 139 -33.74 -7.63 -47.58
N MET E 140 -32.88 -7.20 -48.50
CA MET E 140 -33.10 -5.93 -49.18
C MET E 140 -34.10 -6.20 -50.32
N TYR E 141 -35.39 -6.11 -49.99
CA TYR E 141 -36.47 -6.35 -50.93
C TYR E 141 -36.36 -5.48 -52.18
N ALA E 142 -36.41 -6.13 -53.35
CA ALA E 142 -36.35 -5.46 -54.65
C ALA E 142 -35.12 -4.59 -54.80
N ASP E 143 -34.04 -4.95 -54.09
CA ASP E 143 -32.83 -4.12 -54.03
C ASP E 143 -33.17 -2.66 -53.72
N LYS E 144 -34.21 -2.44 -52.87
CA LYS E 144 -34.69 -1.08 -52.60
C LYS E 144 -34.88 -0.77 -51.11
N PHE E 145 -35.42 -1.70 -50.33
CA PHE E 145 -35.82 -1.32 -48.98
C PHE E 145 -35.74 -2.53 -48.05
N SER E 146 -35.30 -2.28 -46.79
CA SER E 146 -35.04 -3.31 -45.80
C SER E 146 -35.72 -2.97 -44.48
N ILE E 147 -35.99 -4.00 -43.68
CA ILE E 147 -36.62 -3.86 -42.37
C ILE E 147 -35.74 -4.54 -41.34
N ASP E 148 -35.58 -3.88 -40.20
CA ASP E 148 -34.94 -4.45 -39.02
C ASP E 148 -35.96 -4.40 -37.88
N ALA E 149 -36.16 -5.52 -37.19
CA ALA E 149 -37.15 -5.62 -36.12
C ALA E 149 -36.65 -6.53 -35.01
N ALA E 150 -36.88 -6.13 -33.76
CA ALA E 150 -36.39 -6.91 -32.63
C ALA E 150 -37.25 -6.66 -31.39
N VAL E 151 -37.34 -7.68 -30.54
CA VAL E 151 -37.90 -7.54 -29.20
C VAL E 151 -36.94 -8.21 -28.24
N GLY E 152 -36.91 -7.71 -27.01
CA GLY E 152 -36.00 -8.31 -26.04
C GLY E 152 -36.30 -7.84 -24.64
N ALA E 153 -35.68 -8.53 -23.68
CA ALA E 153 -35.73 -8.17 -22.28
C ALA E 153 -34.86 -6.94 -22.01
N GLY E 154 -35.11 -6.30 -20.86
CA GLY E 154 -34.39 -5.11 -20.48
C GLY E 154 -33.20 -5.44 -19.60
N ASP E 155 -32.46 -4.39 -19.25
CA ASP E 155 -31.25 -4.54 -18.45
C ASP E 155 -31.53 -5.28 -17.13
N LYS E 156 -32.58 -4.86 -16.40
CA LYS E 156 -32.87 -5.49 -15.10
C LYS E 156 -33.43 -6.90 -15.28
N ALA E 157 -34.24 -7.14 -16.31
CA ALA E 157 -34.84 -8.46 -16.53
C ALA E 157 -33.79 -9.51 -16.82
N GLY E 158 -32.68 -9.13 -17.46
CA GLY E 158 -31.61 -10.06 -17.72
C GLY E 158 -30.86 -10.53 -16.49
N LEU E 159 -31.13 -9.94 -15.32
CA LEU E 159 -30.60 -10.43 -14.06
C LEU E 159 -31.68 -11.05 -13.18
N GLY E 160 -32.91 -11.16 -13.70
CA GLY E 160 -34.04 -11.55 -12.87
C GLY E 160 -34.41 -10.47 -11.87
N ALA E 161 -34.08 -9.21 -12.16
CA ALA E 161 -34.20 -8.10 -11.23
C ALA E 161 -35.17 -7.02 -11.73
N GLY E 162 -36.05 -7.38 -12.65
CA GLY E 162 -37.00 -6.44 -13.21
C GLY E 162 -37.89 -7.15 -14.20
N ASP E 163 -38.77 -6.37 -14.82
CA ASP E 163 -39.59 -6.90 -15.89
C ASP E 163 -39.60 -5.92 -17.05
N ASP E 164 -38.52 -5.16 -17.19
CA ASP E 164 -38.39 -4.28 -18.33
C ASP E 164 -38.29 -5.10 -19.62
N TYR E 165 -38.69 -4.47 -20.70
CA TYR E 165 -38.65 -5.10 -22.00
C TYR E 165 -38.69 -3.96 -23.00
N TRP E 166 -38.51 -4.30 -24.27
CA TRP E 166 -38.34 -3.27 -25.28
C TRP E 166 -38.64 -3.89 -26.62
N GLY E 167 -39.01 -3.03 -27.56
CA GLY E 167 -39.17 -3.44 -28.93
C GLY E 167 -38.70 -2.32 -29.84
N GLY E 168 -38.39 -2.69 -31.07
CA GLY E 168 -37.88 -1.66 -31.95
C GLY E 168 -38.05 -2.10 -33.38
N ILE E 169 -38.06 -1.13 -34.28
CA ILE E 169 -38.25 -1.37 -35.70
C ILE E 169 -37.50 -0.28 -36.44
N ALA E 170 -36.94 -0.62 -37.60
CA ALA E 170 -36.22 0.36 -38.41
C ALA E 170 -36.36 -0.02 -39.87
N ALA E 171 -36.30 0.99 -40.73
CA ALA E 171 -36.50 0.76 -42.15
C ALA E 171 -35.55 1.64 -42.93
N HIS E 172 -35.11 1.10 -44.06
CA HIS E 172 -34.20 1.80 -44.96
C HIS E 172 -34.77 1.70 -46.37
N TYR E 173 -34.68 2.79 -47.12
CA TYR E 173 -35.19 2.83 -48.48
C TYR E 173 -34.15 3.52 -49.37
N LYS E 174 -33.74 2.83 -50.44
CA LYS E 174 -32.83 3.40 -51.43
C LYS E 174 -33.61 4.16 -52.52
N LEU E 175 -33.26 5.42 -52.72
CA LEU E 175 -33.90 6.28 -53.73
C LEU E 175 -32.72 6.89 -54.46
N GLY E 176 -32.28 6.23 -55.53
CA GLY E 176 -31.11 6.65 -56.24
C GLY E 176 -29.89 6.67 -55.34
N PRO E 177 -29.28 7.84 -55.18
CA PRO E 177 -28.08 7.97 -54.32
C PRO E 177 -28.37 8.22 -52.85
N LEU E 178 -29.64 8.27 -52.45
CA LEU E 178 -30.03 8.55 -51.08
C LEU E 178 -30.61 7.30 -50.44
N GLN E 179 -30.43 7.19 -49.13
CA GLN E 179 -31.09 6.16 -48.35
C GLN E 179 -31.88 6.84 -47.24
N LEU E 180 -33.17 6.60 -47.20
CA LEU E 180 -34.01 7.13 -46.15
C LEU E 180 -34.10 6.09 -45.03
N ASP E 181 -33.92 6.55 -43.79
CA ASP E 181 -33.93 5.69 -42.62
C ASP E 181 -34.99 6.21 -41.66
N ALA E 182 -35.76 5.29 -41.10
CA ALA E 182 -36.69 5.62 -40.04
C ALA E 182 -36.60 4.53 -38.98
N ALA E 183 -36.70 4.91 -37.71
CA ALA E 183 -36.61 3.92 -36.66
C ALA E 183 -37.49 4.32 -35.49
N TYR E 184 -37.86 3.31 -34.71
CA TYR E 184 -38.63 3.49 -33.50
C TYR E 184 -38.11 2.52 -32.45
N GLU E 185 -38.12 2.96 -31.20
CA GLU E 185 -37.84 2.06 -30.07
C GLU E 185 -38.69 2.49 -28.90
N GLY E 186 -39.35 1.52 -28.28
CA GLY E 186 -40.08 1.80 -27.08
C GLY E 186 -39.60 0.90 -25.96
N ASN E 187 -39.18 1.50 -24.86
CA ASN E 187 -38.74 0.77 -23.68
C ASN E 187 -39.82 0.86 -22.63
N ARG E 188 -40.02 -0.25 -21.90
CA ARG E 188 -41.12 -0.34 -20.95
C ARG E 188 -40.60 -0.82 -19.60
N ASN E 189 -41.32 -0.47 -18.54
CA ASN E 189 -41.04 -0.98 -17.20
C ASN E 189 -39.63 -0.61 -16.73
N ILE E 190 -39.16 0.56 -17.11
CA ILE E 190 -37.84 1.01 -16.72
C ILE E 190 -37.89 1.60 -15.32
N GLU E 191 -37.19 0.96 -14.38
CA GLU E 191 -37.15 1.39 -12.99
C GLU E 191 -35.98 2.36 -12.84
N ALA E 192 -36.28 3.62 -12.54
CA ALA E 192 -35.24 4.60 -12.30
C ALA E 192 -35.81 5.74 -11.47
N GLU E 193 -34.96 6.31 -10.61
CA GLU E 193 -35.28 7.49 -9.83
C GLU E 193 -36.52 7.28 -8.97
N GLY E 194 -36.77 6.04 -8.54
CA GLY E 194 -37.96 5.77 -7.76
C GLY E 194 -39.24 5.76 -8.54
N GLN E 195 -39.19 5.87 -9.87
CA GLN E 195 -40.34 5.86 -10.75
C GLN E 195 -40.29 4.64 -11.67
N THR E 196 -41.29 4.55 -12.55
CA THR E 196 -41.34 3.53 -13.59
C THR E 196 -41.61 4.24 -14.91
N TRP E 197 -40.69 4.11 -15.86
CA TRP E 197 -40.77 4.94 -17.04
C TRP E 197 -41.24 4.14 -18.25
N GLU E 198 -41.75 4.89 -19.21
CA GLU E 198 -41.99 4.41 -20.56
C GLU E 198 -41.19 5.31 -21.48
N ASN E 199 -40.42 4.71 -22.37
CA ASN E 199 -39.68 5.50 -23.32
C ASN E 199 -40.16 5.18 -24.72
N ASN E 200 -40.16 6.20 -25.57
CA ASN E 200 -40.47 6.08 -26.98
C ASN E 200 -39.56 7.03 -27.73
N THR E 201 -38.72 6.49 -28.59
CA THR E 201 -37.82 7.31 -29.37
C THR E 201 -38.14 7.09 -30.84
N TYR E 202 -38.09 8.17 -31.60
CA TYR E 202 -38.41 8.15 -33.01
C TYR E 202 -37.22 8.72 -33.76
N LEU E 203 -36.93 8.15 -34.92
CA LEU E 203 -35.78 8.60 -35.69
C LEU E 203 -36.12 8.57 -37.16
N VAL E 204 -35.74 9.64 -37.87
CA VAL E 204 -35.73 9.66 -39.32
C VAL E 204 -34.39 10.24 -39.72
N GLY E 205 -33.89 9.82 -40.88
CA GLY E 205 -32.59 10.30 -41.33
C GLY E 205 -32.35 9.98 -42.79
N VAL E 206 -31.35 10.65 -43.35
CA VAL E 206 -31.00 10.46 -44.75
C VAL E 206 -29.49 10.26 -44.85
N GLN E 207 -29.07 9.35 -45.73
CA GLN E 207 -27.66 9.19 -46.07
C GLN E 207 -27.51 9.26 -47.58
N GLY E 208 -26.45 9.92 -48.04
CA GLY E 208 -26.20 9.97 -49.46
C GLY E 208 -24.75 9.74 -49.83
N TRP E 209 -24.53 8.97 -50.89
CA TRP E 209 -23.20 8.78 -51.46
C TRP E 209 -23.29 9.08 -52.95
N PHE E 210 -22.43 9.99 -53.42
CA PHE E 210 -22.48 10.48 -54.79
C PHE E 210 -21.18 10.15 -55.52
N GLU E 211 -21.28 9.87 -56.82
CA GLU E 211 -20.12 9.46 -57.60
C GLU E 211 -19.02 10.54 -57.61
N ASN E 212 -19.37 11.79 -57.25
CA ASN E 212 -18.40 12.88 -57.23
C ASN E 212 -17.49 12.83 -56.01
N GLY E 213 -17.75 11.94 -55.05
CA GLY E 213 -16.89 11.77 -53.89
C GLY E 213 -17.39 12.44 -52.62
N ILE E 214 -18.44 13.26 -52.70
CA ILE E 214 -19.03 13.84 -51.51
C ILE E 214 -19.95 12.80 -50.89
N SER E 215 -19.94 12.70 -49.56
CA SER E 215 -20.90 11.86 -48.85
C SER E 215 -21.40 12.61 -47.63
N PHE E 216 -22.61 12.29 -47.22
CA PHE E 216 -23.22 13.01 -46.11
C PHE E 216 -24.26 12.13 -45.45
N PHE E 217 -24.54 12.45 -44.19
CA PHE E 217 -25.68 11.89 -43.48
C PHE E 217 -26.29 13.00 -42.64
N ALA E 218 -27.57 12.83 -42.32
CA ALA E 218 -28.26 13.75 -41.45
C ALA E 218 -29.40 13.00 -40.79
N GLN E 219 -29.54 13.18 -39.48
CA GLN E 219 -30.55 12.47 -38.73
C GLN E 219 -31.20 13.44 -37.75
N TYR E 220 -32.49 13.23 -37.52
CA TYR E 220 -33.25 13.92 -36.48
C TYR E 220 -33.86 12.86 -35.57
N LYS E 221 -33.63 13.01 -34.26
CA LYS E 221 -34.02 12.04 -33.24
C LYS E 221 -34.93 12.72 -32.24
N TYR E 222 -36.05 12.07 -31.91
CA TYR E 222 -37.07 12.61 -31.01
C TYR E 222 -37.36 11.62 -29.90
N MET E 223 -37.09 12.02 -28.66
CA MET E 223 -37.24 11.15 -27.50
C MET E 223 -38.34 11.68 -26.60
N GLU E 224 -39.33 10.85 -26.31
CA GLU E 224 -40.33 11.15 -25.32
C GLU E 224 -40.13 10.17 -24.17
N ALA E 225 -40.52 10.59 -22.96
CA ALA E 225 -40.38 9.76 -21.77
C ALA E 225 -41.51 10.07 -20.79
N ASP E 226 -42.03 9.02 -20.13
CA ASP E 226 -43.19 9.14 -19.24
C ASP E 226 -42.91 8.42 -17.93
N ALA E 227 -42.86 9.16 -16.84
CA ALA E 227 -42.67 8.53 -15.54
C ALA E 227 -44.01 8.11 -14.96
N SER E 228 -43.96 7.19 -13.99
CA SER E 228 -45.19 6.62 -13.46
C SER E 228 -45.95 7.56 -12.53
N ASN E 229 -45.32 8.63 -12.04
CA ASN E 229 -46.03 9.64 -11.26
C ASN E 229 -46.57 10.77 -12.12
N GLY E 230 -46.62 10.59 -13.44
CA GLY E 230 -47.27 11.51 -14.34
C GLY E 230 -46.38 12.51 -15.02
N VAL E 231 -45.11 12.64 -14.62
CA VAL E 231 -44.23 13.60 -15.28
C VAL E 231 -44.03 13.20 -16.74
N ASN E 232 -43.90 14.20 -17.61
CA ASN E 232 -43.62 13.96 -19.00
C ASN E 232 -42.34 14.68 -19.42
N GLU E 233 -41.51 13.96 -20.17
CA GLU E 233 -40.26 14.51 -20.66
C GLU E 233 -40.19 14.34 -22.17
N LYS E 234 -39.58 15.32 -22.82
CA LYS E 234 -39.40 15.33 -24.25
C LYS E 234 -38.06 15.98 -24.52
N GLN E 235 -37.29 15.39 -25.45
CA GLN E 235 -36.02 15.99 -25.86
C GLN E 235 -35.80 15.65 -27.31
N ASP E 236 -35.31 16.62 -28.06
CA ASP E 236 -35.03 16.46 -29.48
C ASP E 236 -33.53 16.45 -29.66
N ALA E 237 -33.07 15.73 -30.69
CA ALA E 237 -31.65 15.64 -30.93
C ALA E 237 -31.42 15.57 -32.43
N MET E 238 -30.19 15.88 -32.82
CA MET E 238 -29.84 15.81 -34.23
C MET E 238 -28.38 15.40 -34.37
N SER E 239 -28.04 14.94 -35.57
CA SER E 239 -26.67 14.58 -35.88
C SER E 239 -26.52 14.68 -37.39
N ALA E 240 -25.39 15.22 -37.83
CA ALA E 240 -25.15 15.31 -39.26
C ALA E 240 -23.66 15.26 -39.53
N GLY E 241 -23.31 14.80 -40.72
CA GLY E 241 -21.92 14.76 -41.10
C GLY E 241 -21.72 14.98 -42.58
N LEU E 242 -20.61 15.61 -42.92
CA LEU E 242 -20.27 15.88 -44.30
C LEU E 242 -18.84 15.43 -44.55
N MET E 243 -18.64 14.60 -45.56
CA MET E 243 -17.32 14.05 -45.81
C MET E 243 -17.02 14.08 -47.31
N TYR E 244 -15.76 14.37 -47.63
CA TYR E 244 -15.26 14.32 -48.99
C TYR E 244 -14.15 13.27 -49.09
N THR E 245 -14.38 12.24 -49.91
CA THR E 245 -13.44 11.13 -50.09
C THR E 245 -12.78 11.29 -51.46
N THR E 246 -11.48 11.56 -51.47
CA THR E 246 -10.71 11.68 -52.71
C THR E 246 -9.43 10.86 -52.62
N GLY E 247 -9.26 9.92 -53.54
CA GLY E 247 -8.04 9.12 -53.55
C GLY E 247 -7.93 8.26 -52.30
N ASP E 248 -6.85 8.47 -51.54
CA ASP E 248 -6.58 7.72 -50.32
C ASP E 248 -7.02 8.48 -49.05
N TRP E 249 -7.88 9.50 -49.16
CA TRP E 249 -8.22 10.38 -48.05
C TRP E 249 -9.72 10.63 -47.93
N GLN E 250 -10.19 10.78 -46.69
CA GLN E 250 -11.55 11.20 -46.39
C GLN E 250 -11.49 12.32 -45.36
N TYR E 251 -11.95 13.50 -45.76
CA TYR E 251 -12.11 14.62 -44.85
C TYR E 251 -13.55 14.59 -44.38
N LYS E 252 -13.76 14.78 -43.07
CA LYS E 252 -15.09 14.63 -42.49
C LYS E 252 -15.39 15.74 -41.51
N LEU E 253 -16.59 16.29 -41.61
CA LEU E 253 -17.08 17.26 -40.66
C LEU E 253 -18.34 16.70 -40.02
N GLY E 254 -18.41 16.77 -38.70
CA GLY E 254 -19.54 16.22 -37.97
C GLY E 254 -20.08 17.20 -36.95
N TYR E 255 -21.39 17.23 -36.83
CA TYR E 255 -22.03 18.06 -35.83
C TYR E 255 -23.23 17.30 -35.32
N ALA E 256 -23.42 17.33 -34.01
CA ALA E 256 -24.58 16.72 -33.39
C ALA E 256 -24.93 17.56 -32.17
N ALA E 257 -26.22 17.57 -31.85
CA ALA E 257 -26.70 18.31 -30.69
C ALA E 257 -27.96 17.67 -30.17
N ASN E 258 -28.08 17.65 -28.83
CA ASN E 258 -29.37 17.53 -28.18
C ASN E 258 -29.78 18.93 -27.73
N PHE E 259 -31.05 19.25 -27.89
CA PHE E 259 -31.56 20.55 -27.49
C PHE E 259 -32.17 20.44 -26.11
N ASP E 260 -32.43 21.61 -25.52
CA ASP E 260 -32.87 21.70 -24.13
C ASP E 260 -34.01 20.73 -23.85
N LEU E 261 -33.94 20.10 -22.70
CA LEU E 261 -34.96 19.13 -22.31
C LEU E 261 -36.23 19.86 -21.86
N GLU E 262 -37.38 19.29 -22.23
CA GLU E 262 -38.68 19.81 -21.87
C GLU E 262 -39.32 18.84 -20.89
N ARG E 263 -39.62 19.31 -19.69
CA ARG E 263 -40.28 18.50 -18.67
C ARG E 263 -41.59 19.18 -18.31
N ASP E 264 -42.69 18.47 -18.52
CA ASP E 264 -44.04 18.98 -18.28
C ASP E 264 -44.26 20.33 -18.96
N GLY E 265 -43.77 20.43 -20.21
CA GLY E 265 -43.93 21.62 -21.03
C GLY E 265 -42.95 22.74 -20.79
N LYS E 266 -42.26 22.78 -19.64
CA LYS E 266 -41.28 23.82 -19.40
C LYS E 266 -39.93 23.32 -19.92
N THR E 267 -39.36 24.06 -20.87
CA THR E 267 -38.00 23.78 -21.31
C THR E 267 -37.03 24.21 -20.21
N LEU E 268 -36.11 23.32 -19.84
CA LEU E 268 -35.11 23.62 -18.82
C LEU E 268 -33.91 24.27 -19.48
N SER E 269 -33.56 25.47 -19.00
CA SER E 269 -32.51 26.26 -19.61
C SER E 269 -31.15 25.60 -19.40
N ASN E 270 -30.30 25.70 -20.42
CA ASN E 270 -28.92 25.24 -20.38
C ASN E 270 -28.82 23.73 -20.09
N THR E 271 -29.75 22.95 -20.66
CA THR E 271 -29.65 21.49 -20.67
C THR E 271 -29.39 20.96 -22.07
N SER E 272 -28.81 21.75 -22.95
CA SER E 272 -28.53 21.31 -24.31
C SER E 272 -27.06 20.94 -24.42
N ASP E 273 -26.76 19.96 -25.26
CA ASP E 273 -25.39 19.59 -25.56
C ASP E 273 -25.17 19.65 -27.06
N ASP E 274 -23.94 19.96 -27.47
CA ASP E 274 -23.57 19.77 -28.86
C ASP E 274 -22.06 19.59 -28.98
N VAL E 275 -21.68 18.99 -30.09
CA VAL E 275 -20.30 18.65 -30.39
C VAL E 275 -20.01 18.99 -31.84
N VAL E 276 -18.85 19.55 -32.10
CA VAL E 276 -18.34 19.73 -33.45
C VAL E 276 -17.07 18.93 -33.57
N SER E 277 -16.85 18.31 -34.74
CA SER E 277 -15.76 17.36 -34.86
C SER E 277 -15.17 17.39 -36.26
N ALA E 278 -13.84 17.31 -36.33
CA ALA E 278 -13.14 17.21 -37.60
C ALA E 278 -12.22 15.99 -37.58
N GLN E 279 -12.18 15.28 -38.71
CA GLN E 279 -11.43 14.03 -38.80
C GLN E 279 -10.78 13.92 -40.16
N ILE E 280 -9.49 13.61 -40.16
CA ILE E 280 -8.76 13.29 -41.36
C ILE E 280 -8.47 11.79 -41.32
N MET E 281 -8.88 11.07 -42.36
CA MET E 281 -8.67 9.64 -42.42
C MET E 281 -7.87 9.29 -43.67
N TYR E 282 -6.92 8.37 -43.50
CA TYR E 282 -6.02 7.94 -44.56
C TYR E 282 -6.22 6.44 -44.79
N PHE E 283 -6.56 6.03 -46.02
CA PHE E 283 -6.72 4.62 -46.33
C PHE E 283 -5.34 4.00 -46.54
N VAL E 284 -4.72 3.62 -45.42
CA VAL E 284 -3.36 3.14 -45.48
C VAL E 284 -3.26 1.77 -46.13
N ASP E 285 -4.37 1.05 -46.26
CA ASP E 285 -4.39 -0.29 -46.82
C ASP E 285 -5.86 -0.72 -46.99
N PRO E 286 -6.14 -1.65 -47.91
CA PRO E 286 -7.54 -2.12 -48.05
C PRO E 286 -8.12 -2.65 -46.75
N SER E 287 -7.28 -2.98 -45.77
CA SER E 287 -7.79 -3.53 -44.52
C SER E 287 -7.54 -2.63 -43.33
N ALA E 288 -7.06 -1.40 -43.53
CA ALA E 288 -6.72 -0.58 -42.40
C ALA E 288 -6.86 0.90 -42.73
N VAL E 289 -6.99 1.72 -41.68
CA VAL E 289 -7.08 3.16 -41.82
C VAL E 289 -6.22 3.81 -40.74
N LEU E 290 -5.63 4.96 -41.09
CA LEU E 290 -5.07 5.87 -40.11
C LEU E 290 -5.99 7.07 -40.00
N TYR E 291 -6.00 7.72 -38.85
CA TYR E 291 -6.82 8.93 -38.75
C TYR E 291 -6.32 9.85 -37.65
N ALA E 292 -6.56 11.14 -37.85
CA ALA E 292 -6.36 12.16 -36.82
C ALA E 292 -7.69 12.89 -36.68
N ARG E 293 -8.02 13.28 -35.46
CA ARG E 293 -9.37 13.79 -35.19
C ARG E 293 -9.31 14.85 -34.10
N ALA E 294 -10.10 15.90 -34.27
CA ALA E 294 -10.28 16.91 -33.24
C ALA E 294 -11.77 17.13 -33.05
N ARG E 295 -12.18 17.32 -31.80
CA ARG E 295 -13.59 17.54 -31.54
C ARG E 295 -13.73 18.40 -30.29
N MET E 296 -14.83 19.13 -30.24
CA MET E 296 -15.11 20.03 -29.13
C MET E 296 -16.47 19.64 -28.57
N ASN E 297 -16.50 19.23 -27.29
CA ASN E 297 -17.72 18.86 -26.62
C ASN E 297 -18.08 19.94 -25.62
N ASP E 298 -19.24 20.56 -25.82
CA ASP E 298 -19.83 21.55 -24.92
C ASP E 298 -21.14 20.94 -24.40
N PHE E 299 -21.13 20.52 -23.14
CA PHE E 299 -22.24 19.78 -22.58
C PHE E 299 -23.16 20.68 -21.77
N ASN E 300 -24.36 20.17 -21.51
CA ASN E 300 -25.36 20.77 -20.65
C ASN E 300 -24.82 21.11 -19.28
N GLU E 301 -25.52 21.99 -18.57
CA GLU E 301 -25.07 22.53 -17.29
C GLU E 301 -25.69 21.85 -16.08
N GLY E 302 -26.46 20.79 -16.25
CA GLY E 302 -26.93 20.05 -15.11
C GLY E 302 -28.45 19.99 -15.00
N LEU E 303 -28.95 18.95 -14.34
CA LEU E 303 -30.38 18.85 -14.07
C LEU E 303 -30.61 17.77 -13.04
N ASP E 304 -31.69 17.91 -12.28
CA ASP E 304 -32.10 16.94 -11.28
C ASP E 304 -33.12 15.98 -11.89
N GLY E 305 -33.11 14.74 -11.40
CA GLY E 305 -34.11 13.77 -11.78
C GLY E 305 -35.37 13.93 -10.95
N LEU E 306 -36.19 12.90 -10.95
CA LEU E 306 -37.46 12.93 -10.22
C LEU E 306 -37.31 12.48 -8.78
N ASP E 307 -36.10 12.17 -8.33
CA ASP E 307 -35.83 11.93 -6.91
C ASP E 307 -35.12 13.11 -6.28
N ASP E 308 -35.12 14.27 -6.96
CA ASP E 308 -34.49 15.51 -6.49
C ASP E 308 -32.98 15.35 -6.29
N ALA E 309 -32.39 14.35 -6.95
CA ALA E 309 -30.95 14.15 -7.02
C ALA E 309 -30.48 14.42 -8.45
N ALA E 310 -29.19 14.74 -8.57
CA ALA E 310 -28.63 14.99 -9.89
C ALA E 310 -28.81 13.79 -10.81
N ARG E 311 -29.20 14.04 -12.05
CA ARG E 311 -29.32 13.00 -13.04
C ARG E 311 -28.05 12.97 -13.90
N TRP E 312 -27.45 11.79 -14.01
CA TRP E 312 -26.21 11.65 -14.74
C TRP E 312 -26.45 11.85 -16.24
N THR E 313 -25.51 12.56 -16.87
CA THR E 313 -25.48 12.72 -18.32
C THR E 313 -24.04 12.55 -18.78
N SER E 314 -23.83 12.56 -20.09
CA SER E 314 -22.45 12.59 -20.55
C SER E 314 -21.76 13.90 -20.20
N GLY E 315 -22.50 14.89 -19.71
CA GLY E 315 -21.93 16.16 -19.32
C GLY E 315 -21.52 16.24 -17.88
N THR E 316 -21.95 15.27 -17.07
CA THR E 316 -21.65 15.26 -15.64
C THR E 316 -20.18 15.55 -15.37
N ASN E 317 -19.29 14.97 -16.18
CA ASN E 317 -17.86 15.10 -15.97
C ASN E 317 -17.27 16.40 -16.50
N GLY E 318 -18.00 17.16 -17.29
CA GLY E 318 -17.49 18.44 -17.72
C GLY E 318 -17.21 18.50 -19.22
N ASP E 319 -17.16 19.74 -19.72
CA ASP E 319 -16.81 20.01 -21.11
C ASP E 319 -15.38 19.56 -21.38
N TYR E 320 -15.14 19.10 -22.61
CA TYR E 320 -13.77 18.77 -22.95
C TYR E 320 -13.61 18.77 -24.46
N ASN E 321 -12.38 19.01 -24.88
CA ASN E 321 -11.98 18.86 -26.28
C ASN E 321 -11.01 17.69 -26.40
N GLU E 322 -10.91 17.17 -27.63
CA GLU E 322 -10.12 15.98 -27.84
C GLU E 322 -9.31 16.08 -29.12
N TYR E 323 -8.03 15.76 -29.03
CA TYR E 323 -7.16 15.59 -30.18
C TYR E 323 -6.66 14.16 -30.16
N SER E 324 -6.71 13.48 -31.31
CA SER E 324 -6.40 12.06 -31.33
C SER E 324 -5.88 11.66 -32.70
N VAL E 325 -4.97 10.68 -32.70
CA VAL E 325 -4.58 9.94 -33.89
C VAL E 325 -4.90 8.48 -33.64
N GLY E 326 -5.05 7.71 -34.73
CA GLY E 326 -5.47 6.34 -34.54
C GLY E 326 -5.23 5.46 -35.75
N VAL E 327 -5.46 4.16 -35.55
CA VAL E 327 -5.36 3.15 -36.60
C VAL E 327 -6.44 2.11 -36.37
N GLU E 328 -7.05 1.61 -37.44
CA GLU E 328 -7.94 0.45 -37.34
C GLU E 328 -7.66 -0.52 -38.47
N TYR E 329 -7.55 -1.80 -38.12
CA TYR E 329 -7.20 -2.86 -39.06
C TYR E 329 -8.16 -4.03 -38.87
N TYR E 330 -8.70 -4.56 -39.96
CA TYR E 330 -9.67 -5.64 -39.92
C TYR E 330 -9.07 -6.91 -40.51
N PHE E 331 -9.38 -8.04 -39.88
CA PHE E 331 -8.98 -9.34 -40.44
C PHE E 331 -10.07 -10.34 -40.10
N GLU F 1 -6.01 -27.41 -31.10
CA GLU F 1 -7.28 -27.19 -31.74
C GLU F 1 -8.17 -26.21 -30.99
N VAL F 2 -8.97 -25.46 -31.75
CA VAL F 2 -10.05 -24.65 -31.21
C VAL F 2 -11.29 -25.49 -31.34
N TYR F 3 -12.12 -25.49 -30.31
CA TYR F 3 -13.36 -26.24 -30.34
C TYR F 3 -14.39 -25.37 -29.65
N GLY F 4 -15.65 -25.67 -29.90
CA GLY F 4 -16.70 -24.88 -29.29
C GLY F 4 -17.97 -25.68 -29.15
N ILE F 5 -18.83 -25.20 -28.26
CA ILE F 5 -20.22 -25.62 -28.22
C ILE F 5 -21.04 -24.36 -28.35
N ILE F 6 -21.80 -24.24 -29.42
CA ILE F 6 -22.69 -23.09 -29.59
C ILE F 6 -24.04 -23.55 -29.06
N ALA F 7 -24.49 -22.97 -27.95
CA ALA F 7 -25.65 -23.49 -27.24
C ALA F 7 -26.51 -22.32 -26.77
N MET F 8 -27.74 -22.28 -27.28
CA MET F 8 -28.69 -21.23 -26.99
C MET F 8 -30.00 -21.85 -26.53
N GLN F 9 -30.58 -21.30 -25.49
CA GLN F 9 -31.86 -21.78 -24.98
C GLN F 9 -32.76 -20.58 -24.72
N ALA F 10 -33.93 -20.56 -25.35
CA ALA F 10 -34.96 -19.55 -25.04
C ALA F 10 -35.87 -20.18 -24.01
N ALA F 11 -35.88 -19.64 -22.80
CA ALA F 11 -36.61 -20.26 -21.71
C ALA F 11 -37.47 -19.22 -21.02
N TYR F 12 -38.78 -19.49 -20.96
CA TYR F 12 -39.73 -18.68 -20.20
C TYR F 12 -40.09 -19.42 -18.90
N ARG F 13 -39.93 -18.73 -17.76
CA ARG F 13 -40.29 -19.27 -16.43
C ARG F 13 -41.42 -18.46 -15.81
N ASP F 14 -42.45 -19.15 -15.34
CA ASP F 14 -43.52 -18.57 -14.54
C ASP F 14 -43.32 -19.06 -13.12
N TYR F 15 -43.04 -18.12 -12.21
CA TYR F 15 -42.76 -18.41 -10.81
C TYR F 15 -44.05 -18.35 -9.98
N ASP F 16 -43.94 -18.93 -8.77
CA ASP F 16 -44.99 -18.89 -7.75
C ASP F 16 -44.27 -18.79 -6.41
N SER F 17 -43.80 -17.59 -6.10
CA SER F 17 -42.95 -17.40 -4.93
C SER F 17 -43.66 -16.80 -3.72
N GLY F 18 -44.90 -16.36 -3.87
CA GLY F 18 -45.55 -15.68 -2.77
C GLY F 18 -45.40 -14.17 -2.76
N ASP F 19 -44.67 -13.60 -3.72
CA ASP F 19 -44.56 -12.15 -3.89
C ASP F 19 -44.81 -11.88 -5.36
N ALA F 20 -45.82 -11.06 -5.67
CA ALA F 20 -46.11 -10.69 -7.05
C ALA F 20 -44.90 -10.04 -7.72
N LYS F 21 -44.28 -9.06 -7.05
CA LYS F 21 -43.10 -8.43 -7.64
C LYS F 21 -41.96 -9.43 -7.81
N GLN F 22 -41.69 -10.25 -6.78
CA GLN F 22 -40.63 -11.25 -6.90
C GLN F 22 -40.93 -12.20 -8.07
N ASP F 23 -42.18 -12.67 -8.16
CA ASP F 23 -42.60 -13.46 -9.31
C ASP F 23 -42.40 -12.72 -10.63
N ASP F 24 -42.63 -11.40 -10.62
CA ASP F 24 -42.49 -10.61 -11.84
C ASP F 24 -41.03 -10.49 -12.27
N ASN F 25 -40.13 -10.31 -11.29
CA ASN F 25 -38.72 -10.08 -11.60
C ASN F 25 -38.05 -11.35 -12.13
N LEU F 26 -38.14 -12.42 -11.35
CA LEU F 26 -37.51 -13.70 -11.68
C LEU F 26 -38.11 -14.34 -12.93
N GLY F 27 -39.39 -14.14 -13.18
CA GLY F 27 -40.05 -14.75 -14.31
C GLY F 27 -39.94 -13.92 -15.57
N GLY F 28 -40.44 -14.51 -16.64
CA GLY F 28 -40.38 -13.92 -17.96
C GLY F 28 -39.54 -14.76 -18.92
N MET F 29 -39.44 -14.25 -20.14
CA MET F 29 -38.63 -14.87 -21.17
C MET F 29 -37.17 -14.43 -20.99
N GLN F 30 -36.24 -15.38 -21.07
CA GLN F 30 -34.82 -15.07 -21.08
C GLN F 30 -34.13 -15.98 -22.09
N LEU F 31 -32.96 -15.54 -22.54
CA LEU F 31 -32.08 -16.40 -23.34
C LEU F 31 -30.93 -16.89 -22.48
N ASN F 32 -30.74 -18.20 -22.45
CA ASN F 32 -29.67 -18.85 -21.72
C ASN F 32 -28.63 -19.22 -22.77
N ASN F 33 -27.64 -18.35 -22.97
CA ASN F 33 -26.64 -18.52 -24.01
C ASN F 33 -25.44 -19.19 -23.37
N GLU F 34 -25.37 -20.51 -23.48
CA GLU F 34 -24.27 -21.27 -22.89
C GLU F 34 -23.16 -21.57 -23.88
N SER F 35 -23.05 -20.80 -24.97
CA SER F 35 -21.98 -21.01 -25.92
C SER F 35 -20.62 -20.83 -25.24
N ARG F 36 -19.64 -21.65 -25.66
CA ARG F 36 -18.31 -21.51 -25.09
C ARG F 36 -17.27 -21.97 -26.09
N ILE F 37 -16.11 -21.33 -26.02
CA ILE F 37 -14.98 -21.63 -26.89
C ILE F 37 -13.88 -22.22 -26.02
N GLY F 38 -13.14 -23.16 -26.58
CA GLY F 38 -12.06 -23.79 -25.87
C GLY F 38 -10.86 -24.04 -26.78
N PHE F 39 -9.72 -24.24 -26.13
CA PHE F 39 -8.48 -24.61 -26.79
C PHE F 39 -7.96 -25.88 -26.12
N ARG F 40 -7.36 -26.75 -26.91
CA ARG F 40 -7.00 -28.10 -26.49
C ARG F 40 -5.77 -28.57 -27.28
N GLY F 41 -4.97 -29.44 -26.66
CA GLY F 41 -3.82 -29.98 -27.36
C GLY F 41 -3.16 -31.13 -26.61
N LYS F 42 -2.45 -31.95 -27.38
CA LYS F 42 -1.55 -32.98 -26.89
C LYS F 42 -0.15 -32.68 -27.37
N LYS F 43 0.84 -33.36 -26.77
CA LYS F 43 2.22 -33.22 -27.21
C LYS F 43 3.05 -34.37 -26.68
N GLN F 44 3.82 -34.99 -27.57
CA GLN F 44 4.71 -36.06 -27.18
C GLN F 44 6.04 -35.47 -26.78
N PHE F 45 6.30 -35.43 -25.49
CA PHE F 45 7.57 -34.93 -25.01
C PHE F 45 8.67 -35.90 -25.40
N ALA F 46 9.84 -35.36 -25.73
CA ALA F 46 10.97 -36.19 -26.14
C ALA F 46 11.45 -37.10 -25.02
N ASN F 47 11.37 -36.63 -23.78
CA ASN F 47 11.97 -37.33 -22.66
C ASN F 47 10.93 -37.77 -21.63
N PHE F 48 9.75 -38.17 -22.10
CA PHE F 48 8.71 -38.67 -21.21
C PHE F 48 7.68 -39.42 -22.04
N GLU F 49 7.50 -40.72 -21.78
CA GLU F 49 6.63 -41.54 -22.62
C GLU F 49 5.17 -41.09 -22.63
N PRO F 50 4.48 -40.88 -21.49
CA PRO F 50 3.05 -40.53 -21.57
C PRO F 50 2.80 -39.19 -22.26
N THR F 51 1.76 -39.16 -23.09
CA THR F 51 1.46 -37.97 -23.87
C THR F 51 0.95 -36.86 -22.95
N PHE F 52 1.51 -35.67 -23.11
CA PHE F 52 1.07 -34.50 -22.36
C PHE F 52 -0.22 -33.95 -22.97
N ILE F 53 -1.17 -33.60 -22.12
CA ILE F 53 -2.45 -33.04 -22.57
C ILE F 53 -2.73 -31.74 -21.82
N TRP F 54 -3.51 -30.88 -22.46
CA TRP F 54 -3.90 -29.63 -21.83
C TRP F 54 -5.17 -29.12 -22.51
N GLN F 55 -5.93 -28.34 -21.77
CA GLN F 55 -7.14 -27.76 -22.33
C GLN F 55 -7.43 -26.49 -21.56
N ILE F 56 -7.99 -25.51 -22.27
CA ILE F 56 -8.43 -24.24 -21.69
C ILE F 56 -9.80 -23.95 -22.28
N GLU F 57 -10.84 -24.04 -21.47
CA GLU F 57 -12.21 -23.81 -21.94
C GLU F 57 -12.78 -22.54 -21.35
N GLY F 58 -13.43 -21.76 -22.16
CA GLY F 58 -14.05 -20.54 -21.69
C GLY F 58 -15.35 -20.84 -21.01
N GLY F 59 -15.88 -19.84 -20.31
CA GLY F 59 -17.15 -19.98 -19.65
C GLY F 59 -18.33 -19.72 -20.58
N TYR F 60 -19.54 -19.86 -20.02
CA TYR F 60 -20.75 -19.51 -20.74
C TYR F 60 -20.71 -18.04 -21.13
N VAL F 61 -20.93 -17.74 -22.42
CA VAL F 61 -20.74 -16.36 -22.89
C VAL F 61 -21.89 -15.43 -22.50
N ASP F 62 -23.10 -15.95 -22.23
CA ASP F 62 -24.22 -15.14 -21.76
C ASP F 62 -25.36 -15.96 -21.18
N PRO F 63 -25.21 -16.54 -19.99
CA PRO F 63 -26.30 -17.33 -19.42
C PRO F 63 -27.42 -16.42 -18.94
N SER F 64 -28.60 -17.02 -18.81
CA SER F 64 -29.69 -16.31 -18.18
C SER F 64 -29.31 -15.90 -16.77
N PHE F 65 -29.91 -14.83 -16.27
CA PHE F 65 -29.66 -14.30 -14.93
C PHE F 65 -28.25 -13.82 -14.74
N GLY F 66 -27.47 -13.65 -15.81
CA GLY F 66 -26.13 -13.15 -15.70
C GLY F 66 -25.84 -12.15 -16.78
N GLY F 67 -24.82 -11.34 -16.53
CA GLY F 67 -24.35 -10.38 -17.51
C GLY F 67 -23.54 -11.09 -18.58
N GLU F 68 -23.21 -10.32 -19.61
CA GLU F 68 -22.54 -10.88 -20.78
C GLU F 68 -21.02 -11.04 -20.55
N GLY F 69 -20.45 -12.02 -21.24
CA GLY F 69 -19.01 -12.16 -21.22
C GLY F 69 -18.47 -13.20 -20.27
N ALA F 70 -17.51 -13.98 -20.76
CA ALA F 70 -16.86 -15.04 -20.01
C ALA F 70 -15.38 -15.04 -20.33
N GLY F 71 -14.58 -15.44 -19.35
CA GLY F 71 -13.14 -15.51 -19.53
C GLY F 71 -12.69 -16.88 -19.96
N LEU F 72 -11.47 -16.94 -20.45
CA LEU F 72 -10.83 -18.22 -20.70
C LEU F 72 -10.39 -18.82 -19.37
N GLY F 73 -10.73 -20.08 -19.14
CA GLY F 73 -10.35 -20.75 -17.92
C GLY F 73 -11.48 -21.08 -16.98
N GLU F 74 -12.71 -20.66 -17.27
CA GLU F 74 -13.81 -20.86 -16.32
C GLU F 74 -14.33 -22.29 -16.31
N ARG F 75 -14.20 -23.05 -17.40
CA ARG F 75 -14.66 -24.44 -17.40
C ARG F 75 -13.43 -25.35 -17.34
N ASP F 76 -13.57 -26.61 -17.79
CA ASP F 76 -12.47 -27.56 -17.65
C ASP F 76 -11.18 -27.04 -18.28
N THR F 77 -10.20 -26.65 -17.46
CA THR F 77 -8.93 -26.11 -17.92
C THR F 77 -7.86 -26.72 -17.04
N PHE F 78 -6.91 -27.40 -17.68
CA PHE F 78 -6.01 -28.30 -16.96
C PHE F 78 -4.79 -28.61 -17.80
N VAL F 79 -3.78 -29.17 -17.15
CA VAL F 79 -2.73 -29.91 -17.82
C VAL F 79 -2.77 -31.34 -17.28
N GLY F 80 -2.06 -32.24 -17.95
CA GLY F 80 -2.10 -33.63 -17.53
C GLY F 80 -1.25 -34.50 -18.42
N PHE F 81 -1.26 -35.80 -18.10
CA PHE F 81 -0.55 -36.80 -18.88
C PHE F 81 -1.47 -37.99 -19.09
N GLU F 82 -1.31 -38.69 -20.20
CA GLU F 82 -2.08 -39.89 -20.45
C GLU F 82 -1.19 -40.98 -21.01
N SER F 83 -1.51 -42.21 -20.64
CA SER F 83 -0.85 -43.40 -21.14
C SER F 83 -1.95 -44.40 -21.42
N ALA F 84 -1.78 -45.20 -22.46
CA ALA F 84 -2.79 -46.22 -22.75
C ALA F 84 -2.85 -47.23 -21.62
N SER F 85 -1.73 -47.42 -20.91
CA SER F 85 -1.64 -48.46 -19.90
C SER F 85 -2.37 -48.06 -18.63
N TRP F 86 -2.11 -46.87 -18.09
CA TRP F 86 -2.68 -46.51 -16.80
C TRP F 86 -3.67 -45.35 -16.87
N GLY F 87 -4.11 -44.95 -18.06
CA GLY F 87 -5.13 -43.94 -18.09
C GLY F 87 -4.65 -42.51 -18.18
N GLN F 88 -5.25 -41.61 -17.41
CA GLN F 88 -5.03 -40.19 -17.55
C GLN F 88 -4.94 -39.50 -16.19
N VAL F 89 -3.96 -38.61 -16.03
CA VAL F 89 -3.84 -37.74 -14.86
C VAL F 89 -4.08 -36.32 -15.34
N ARG F 90 -4.85 -35.56 -14.57
CA ARG F 90 -5.17 -34.19 -14.93
C ARG F 90 -5.01 -33.31 -13.70
N LEU F 91 -4.33 -32.18 -13.88
CA LEU F 91 -4.16 -31.17 -12.83
C LEU F 91 -4.84 -29.88 -13.25
N GLY F 92 -5.64 -29.32 -12.36
CA GLY F 92 -6.24 -28.04 -12.65
C GLY F 92 -7.67 -27.92 -12.18
N ARG F 93 -8.57 -27.60 -13.11
CA ARG F 93 -9.97 -27.37 -12.80
C ARG F 93 -10.79 -28.39 -13.58
N VAL F 94 -11.38 -29.37 -12.89
CA VAL F 94 -12.04 -30.49 -13.53
C VAL F 94 -13.32 -30.82 -12.75
N LEU F 95 -14.12 -31.73 -13.30
CA LEU F 95 -15.26 -32.24 -12.56
C LEU F 95 -14.80 -33.25 -11.52
N THR F 96 -15.45 -33.24 -10.35
CA THR F 96 -15.21 -34.27 -9.37
C THR F 96 -15.86 -35.58 -9.81
N PRO F 97 -15.26 -36.71 -9.47
CA PRO F 97 -15.85 -38.00 -9.89
C PRO F 97 -17.31 -38.16 -9.50
N MET F 98 -17.72 -37.60 -8.36
CA MET F 98 -19.12 -37.67 -7.97
C MET F 98 -19.97 -36.79 -8.86
N TYR F 99 -19.56 -35.53 -8.98
CA TYR F 99 -20.36 -34.56 -9.72
C TYR F 99 -20.60 -35.02 -11.14
N GLU F 100 -19.61 -35.68 -11.75
CA GLU F 100 -19.77 -36.09 -13.13
C GLU F 100 -20.99 -36.99 -13.32
N LEU F 101 -21.29 -37.86 -12.34
CA LEU F 101 -22.49 -38.68 -12.44
C LEU F 101 -23.73 -37.90 -12.03
N VAL F 102 -23.58 -36.98 -11.08
CA VAL F 102 -24.68 -36.10 -10.74
C VAL F 102 -25.11 -35.28 -11.95
N ASP F 103 -24.15 -34.76 -12.72
CA ASP F 103 -24.50 -33.91 -13.86
C ASP F 103 -25.02 -34.72 -15.03
N TRP F 104 -24.23 -35.70 -15.48
CA TRP F 104 -24.67 -36.58 -16.55
C TRP F 104 -24.59 -38.03 -16.07
N PRO F 105 -25.67 -38.81 -16.18
CA PRO F 105 -26.94 -38.47 -16.83
C PRO F 105 -28.02 -37.83 -15.95
N ALA F 106 -27.76 -37.71 -14.65
CA ALA F 106 -28.82 -37.54 -13.67
C ALA F 106 -29.38 -36.12 -13.58
N SER F 107 -28.74 -35.12 -14.17
CA SER F 107 -29.27 -33.76 -14.08
C SER F 107 -30.03 -33.33 -15.33
N ASN F 108 -30.08 -34.19 -16.36
CA ASN F 108 -30.75 -33.89 -17.61
C ASN F 108 -32.09 -34.62 -17.70
N PRO F 109 -33.20 -33.95 -18.05
CA PRO F 109 -33.38 -32.58 -18.56
C PRO F 109 -33.89 -31.56 -17.56
N GLY F 110 -33.06 -30.56 -17.24
CA GLY F 110 -33.51 -29.53 -16.33
C GLY F 110 -33.81 -30.02 -14.93
N LEU F 111 -33.19 -31.13 -14.53
CA LEU F 111 -33.31 -31.65 -13.18
C LEU F 111 -32.28 -31.04 -12.25
N GLY F 112 -31.48 -30.10 -12.76
CA GLY F 112 -30.35 -29.62 -11.99
C GLY F 112 -30.75 -28.78 -10.80
N ASP F 113 -31.81 -27.97 -10.95
CA ASP F 113 -32.27 -27.14 -9.85
C ASP F 113 -32.53 -27.95 -8.59
N VAL F 114 -32.94 -29.20 -8.75
CA VAL F 114 -33.21 -30.09 -7.63
C VAL F 114 -31.98 -30.95 -7.30
N TYR F 115 -31.47 -31.69 -8.29
CA TYR F 115 -30.54 -32.78 -8.04
C TYR F 115 -29.07 -32.36 -8.12
N ASP F 116 -28.77 -31.22 -8.74
CA ASP F 116 -27.38 -30.78 -8.85
C ASP F 116 -26.98 -29.94 -7.64
N TRP F 117 -27.39 -28.66 -7.64
CA TRP F 117 -27.08 -27.72 -6.57
C TRP F 117 -28.25 -27.50 -5.63
N GLY F 118 -29.34 -28.26 -5.80
CA GLY F 118 -30.42 -28.29 -4.83
C GLY F 118 -30.08 -29.16 -3.63
N GLY F 119 -30.95 -29.12 -2.63
CA GLY F 119 -30.70 -29.85 -1.40
C GLY F 119 -30.57 -28.88 -0.24
N ALA F 120 -30.80 -29.36 0.98
CA ALA F 120 -30.80 -28.50 2.15
C ALA F 120 -29.69 -28.80 3.13
N ILE F 121 -28.85 -29.81 2.89
CA ILE F 121 -27.86 -30.19 3.89
C ILE F 121 -26.88 -29.06 4.11
N GLY F 122 -26.28 -29.02 5.28
CA GLY F 122 -25.28 -28.02 5.57
C GLY F 122 -23.93 -28.45 5.06
N GLY F 123 -22.98 -27.54 5.12
CA GLY F 123 -21.68 -27.82 4.56
C GLY F 123 -21.71 -27.78 3.05
N ALA F 124 -21.10 -28.79 2.41
CA ALA F 124 -20.95 -28.89 0.96
C ALA F 124 -21.19 -30.33 0.52
N LYS F 125 -22.37 -30.62 -0.06
CA LYS F 125 -22.71 -31.99 -0.47
C LYS F 125 -21.60 -32.61 -1.30
N TYR F 126 -21.11 -31.88 -2.30
CA TYR F 126 -19.97 -32.27 -3.13
C TYR F 126 -19.54 -31.00 -3.85
N GLN F 127 -18.34 -31.03 -4.41
CA GLN F 127 -17.99 -29.95 -5.33
C GLN F 127 -18.46 -30.29 -6.74
N ASP F 128 -18.65 -29.26 -7.56
CA ASP F 128 -19.00 -29.38 -8.98
C ASP F 128 -17.91 -28.64 -9.74
N ARG F 129 -17.00 -29.36 -10.39
CA ARG F 129 -15.97 -28.64 -11.16
C ARG F 129 -15.16 -27.72 -10.26
N GLN F 130 -13.99 -28.18 -9.83
CA GLN F 130 -13.26 -27.48 -8.80
C GLN F 130 -11.86 -27.18 -9.30
N SER F 131 -11.38 -25.97 -9.01
CA SER F 131 -9.98 -25.66 -9.25
C SER F 131 -9.12 -26.46 -8.27
N ASN F 132 -7.81 -26.37 -8.45
CA ASN F 132 -6.83 -26.98 -7.53
C ASN F 132 -7.12 -28.46 -7.31
N THR F 133 -7.33 -29.20 -8.40
CA THR F 133 -7.75 -30.60 -8.31
C THR F 133 -6.77 -31.44 -9.09
N ILE F 134 -6.46 -32.62 -8.56
CA ILE F 134 -5.76 -33.64 -9.31
C ILE F 134 -6.71 -34.80 -9.45
N ARG F 135 -6.85 -35.30 -10.68
CA ARG F 135 -7.84 -36.34 -10.98
C ARG F 135 -7.27 -37.43 -11.86
N TRP F 136 -7.48 -38.68 -11.48
CA TRP F 136 -7.08 -39.83 -12.28
C TRP F 136 -8.33 -40.46 -12.88
N ASP F 137 -8.33 -40.63 -14.20
CA ASP F 137 -9.39 -41.38 -14.87
C ASP F 137 -8.71 -42.57 -15.54
N SER F 138 -8.92 -43.76 -14.97
CA SER F 138 -8.34 -45.00 -15.46
C SER F 138 -8.92 -45.38 -16.83
N PRO F 139 -8.23 -46.24 -17.58
CA PRO F 139 -8.80 -46.74 -18.83
C PRO F 139 -9.96 -47.68 -18.54
N MET F 140 -10.71 -48.00 -19.60
CA MET F 140 -11.85 -48.92 -19.47
C MET F 140 -11.35 -50.36 -19.52
N TYR F 141 -10.97 -50.89 -18.35
CA TYR F 141 -10.45 -52.25 -18.24
C TYR F 141 -11.41 -53.27 -18.83
N ALA F 142 -10.89 -54.13 -19.71
CA ALA F 142 -11.70 -55.18 -20.35
C ALA F 142 -12.88 -54.58 -21.09
N ASP F 143 -12.73 -53.34 -21.57
CA ASP F 143 -13.80 -52.61 -22.23
C ASP F 143 -15.09 -52.65 -21.40
N LYS F 144 -14.95 -52.71 -20.08
CA LYS F 144 -16.10 -52.91 -19.21
C LYS F 144 -16.12 -52.05 -17.97
N PHE F 145 -14.99 -51.72 -17.35
CA PHE F 145 -15.00 -51.19 -15.99
C PHE F 145 -13.94 -50.12 -15.84
N SER F 146 -14.32 -48.99 -15.25
CA SER F 146 -13.44 -47.83 -15.12
C SER F 146 -13.60 -47.22 -13.73
N ILE F 147 -12.54 -46.52 -13.30
CA ILE F 147 -12.44 -45.85 -12.00
C ILE F 147 -12.12 -44.38 -12.21
N ASP F 148 -12.78 -43.50 -11.42
CA ASP F 148 -12.43 -42.08 -11.37
C ASP F 148 -12.06 -41.77 -9.93
N ALA F 149 -10.89 -41.14 -9.73
CA ALA F 149 -10.40 -40.83 -8.39
C ALA F 149 -9.70 -39.48 -8.39
N ALA F 150 -10.04 -38.62 -7.41
CA ALA F 150 -9.53 -37.26 -7.37
C ALA F 150 -9.47 -36.73 -5.94
N VAL F 151 -8.48 -35.85 -5.68
CA VAL F 151 -8.43 -35.07 -4.45
C VAL F 151 -8.16 -33.62 -4.82
N GLY F 152 -8.62 -32.71 -3.98
CA GLY F 152 -8.38 -31.33 -4.30
C GLY F 152 -8.61 -30.44 -3.10
N ALA F 153 -8.17 -29.19 -3.26
CA ALA F 153 -8.40 -28.15 -2.28
C ALA F 153 -9.84 -27.64 -2.38
N GLY F 154 -10.31 -27.01 -1.30
CA GLY F 154 -11.67 -26.53 -1.24
C GLY F 154 -11.78 -25.12 -1.79
N ASP F 155 -13.03 -24.64 -1.82
CA ASP F 155 -13.29 -23.31 -2.38
C ASP F 155 -12.49 -22.25 -1.65
N LYS F 156 -12.54 -22.26 -0.31
CA LYS F 156 -11.85 -21.22 0.44
C LYS F 156 -10.35 -21.40 0.38
N ALA F 157 -9.85 -22.63 0.39
CA ALA F 157 -8.42 -22.82 0.28
C ALA F 157 -7.88 -22.29 -1.03
N GLY F 158 -8.69 -22.37 -2.10
CA GLY F 158 -8.26 -21.84 -3.38
C GLY F 158 -8.17 -20.33 -3.44
N LEU F 159 -8.62 -19.64 -2.41
CA LEU F 159 -8.42 -18.20 -2.30
C LEU F 159 -7.41 -17.83 -1.21
N GLY F 160 -6.75 -18.81 -0.61
CA GLY F 160 -5.92 -18.50 0.54
C GLY F 160 -6.74 -18.04 1.73
N ALA F 161 -8.01 -18.43 1.77
CA ALA F 161 -8.95 -17.98 2.79
C ALA F 161 -9.53 -19.15 3.58
N GLY F 162 -8.86 -20.29 3.57
CA GLY F 162 -9.37 -21.46 4.26
C GLY F 162 -8.40 -22.62 4.15
N ASP F 163 -8.83 -23.76 4.69
CA ASP F 163 -8.10 -25.02 4.57
C ASP F 163 -9.07 -26.13 4.16
N ASP F 164 -10.11 -25.77 3.42
CA ASP F 164 -11.05 -26.76 2.92
C ASP F 164 -10.34 -27.67 1.91
N TYR F 165 -10.78 -28.93 1.87
CA TYR F 165 -10.23 -29.92 0.96
C TYR F 165 -11.26 -31.04 0.82
N TRP F 166 -11.01 -31.95 -0.13
CA TRP F 166 -12.01 -32.94 -0.51
C TRP F 166 -11.33 -34.08 -1.23
N GLY F 167 -11.96 -35.25 -1.18
CA GLY F 167 -11.54 -36.38 -1.98
C GLY F 167 -12.79 -37.10 -2.45
N GLY F 168 -12.63 -37.83 -3.54
CA GLY F 168 -13.77 -38.46 -4.15
C GLY F 168 -13.35 -39.59 -5.05
N ILE F 169 -14.31 -40.49 -5.30
CA ILE F 169 -14.05 -41.64 -6.12
C ILE F 169 -15.37 -42.08 -6.72
N ALA F 170 -15.30 -42.63 -7.94
CA ALA F 170 -16.48 -43.14 -8.62
C ALA F 170 -16.06 -44.31 -9.49
N ALA F 171 -16.99 -45.21 -9.74
CA ALA F 171 -16.72 -46.41 -10.52
C ALA F 171 -17.92 -46.73 -11.38
N HIS F 172 -17.64 -47.32 -12.54
CA HIS F 172 -18.66 -47.73 -13.49
C HIS F 172 -18.34 -49.12 -14.02
N TYR F 173 -19.37 -49.95 -14.17
CA TYR F 173 -19.21 -51.29 -14.73
C TYR F 173 -20.27 -51.46 -15.80
N LYS F 174 -19.82 -51.77 -17.03
CA LYS F 174 -20.68 -52.07 -18.17
C LYS F 174 -21.04 -53.55 -18.16
N LEU F 175 -22.34 -53.84 -18.21
CA LEU F 175 -22.85 -55.20 -18.19
C LEU F 175 -23.88 -55.29 -19.32
N GLY F 176 -23.41 -55.66 -20.51
CA GLY F 176 -24.27 -55.66 -21.67
C GLY F 176 -24.85 -54.31 -21.97
N PRO F 177 -26.19 -54.20 -21.90
CA PRO F 177 -26.87 -52.92 -22.16
C PRO F 177 -27.01 -52.02 -20.95
N LEU F 178 -26.62 -52.47 -19.78
CA LEU F 178 -26.74 -51.71 -18.56
C LEU F 178 -25.34 -51.31 -18.10
N GLN F 179 -25.23 -50.18 -17.42
CA GLN F 179 -24.00 -49.80 -16.74
C GLN F 179 -24.31 -49.46 -15.28
N LEU F 180 -23.63 -50.12 -14.34
CA LEU F 180 -23.79 -49.85 -12.91
C LEU F 180 -22.77 -48.82 -12.44
N ASP F 181 -23.23 -47.87 -11.64
CA ASP F 181 -22.44 -46.73 -11.21
C ASP F 181 -22.43 -46.55 -9.71
N ALA F 182 -21.25 -46.28 -9.15
CA ALA F 182 -21.14 -45.94 -7.73
C ALA F 182 -20.17 -44.78 -7.59
N ALA F 183 -20.48 -43.84 -6.69
CA ALA F 183 -19.64 -42.68 -6.48
C ALA F 183 -19.66 -42.30 -5.00
N TYR F 184 -18.58 -41.64 -4.58
CA TYR F 184 -18.41 -41.17 -3.21
C TYR F 184 -17.68 -39.83 -3.21
N GLU F 185 -18.02 -38.98 -2.26
CA GLU F 185 -17.27 -37.75 -2.04
C GLU F 185 -17.25 -37.38 -0.56
N GLY F 186 -16.07 -37.00 -0.09
CA GLY F 186 -15.95 -36.48 1.26
C GLY F 186 -15.31 -35.11 1.28
N ASN F 187 -16.01 -34.12 1.83
CA ASN F 187 -15.49 -32.76 1.98
C ASN F 187 -15.13 -32.54 3.46
N ARG F 188 -14.02 -31.84 3.70
CA ARG F 188 -13.49 -31.66 5.04
C ARG F 188 -13.14 -30.20 5.30
N ASN F 189 -13.17 -29.82 6.58
CA ASN F 189 -12.74 -28.49 7.03
C ASN F 189 -13.57 -27.39 6.38
N ILE F 190 -14.84 -27.66 6.15
CA ILE F 190 -15.72 -26.71 5.48
C ILE F 190 -16.19 -25.69 6.50
N GLU F 191 -15.78 -24.43 6.34
CA GLU F 191 -16.21 -23.38 7.26
C GLU F 191 -17.49 -22.76 6.69
N ALA F 192 -18.61 -22.92 7.41
CA ALA F 192 -19.88 -22.33 7.01
C ALA F 192 -20.82 -22.25 8.20
N GLU F 193 -21.70 -21.24 8.19
CA GLU F 193 -22.74 -21.05 9.20
C GLU F 193 -22.15 -20.95 10.62
N GLY F 194 -20.95 -20.39 10.74
CA GLY F 194 -20.27 -20.27 12.01
C GLY F 194 -19.72 -21.55 12.56
N GLN F 195 -19.83 -22.64 11.82
CA GLN F 195 -19.30 -23.94 12.24
C GLN F 195 -18.30 -24.45 11.21
N THR F 196 -17.79 -25.66 11.46
CA THR F 196 -16.91 -26.35 10.54
C THR F 196 -17.41 -27.77 10.32
N TRP F 197 -17.67 -28.12 9.07
CA TRP F 197 -18.37 -29.36 8.74
C TRP F 197 -17.46 -30.39 8.08
N GLU F 198 -17.89 -31.65 8.19
CA GLU F 198 -17.40 -32.73 7.36
C GLU F 198 -18.61 -33.30 6.62
N ASN F 199 -18.50 -33.45 5.31
CA ASN F 199 -19.58 -33.98 4.49
C ASN F 199 -19.20 -35.33 3.92
N ASN F 200 -20.19 -36.20 3.76
CA ASN F 200 -19.96 -37.50 3.14
C ASN F 200 -21.16 -37.86 2.27
N THR F 201 -20.94 -38.00 0.96
CA THR F 201 -22.00 -38.33 0.01
C THR F 201 -21.66 -39.60 -0.76
N TYR F 202 -22.69 -40.41 -1.00
CA TYR F 202 -22.58 -41.69 -1.67
C TYR F 202 -23.62 -41.74 -2.78
N LEU F 203 -23.29 -42.40 -3.89
CA LEU F 203 -24.20 -42.46 -5.02
C LEU F 203 -24.13 -43.82 -5.68
N VAL F 204 -25.29 -44.40 -5.97
CA VAL F 204 -25.37 -45.59 -6.81
C VAL F 204 -26.39 -45.31 -7.89
N GLY F 205 -26.19 -45.90 -9.05
CA GLY F 205 -27.11 -45.64 -10.15
C GLY F 205 -26.92 -46.64 -11.26
N VAL F 206 -27.90 -46.67 -12.15
CA VAL F 206 -27.87 -47.57 -13.29
C VAL F 206 -28.29 -46.78 -14.54
N GLN F 207 -27.66 -47.11 -15.67
CA GLN F 207 -28.03 -46.60 -16.98
C GLN F 207 -28.28 -47.78 -17.92
N GLY F 208 -29.27 -47.64 -18.79
CA GLY F 208 -29.54 -48.68 -19.77
C GLY F 208 -29.83 -48.11 -21.15
N TRP F 209 -29.29 -48.75 -22.18
CA TRP F 209 -29.59 -48.47 -23.59
C TRP F 209 -29.94 -49.77 -24.28
N PHE F 210 -31.08 -49.81 -24.94
CA PHE F 210 -31.59 -51.02 -25.54
C PHE F 210 -31.70 -50.88 -27.06
N GLU F 211 -31.52 -52.00 -27.77
CA GLU F 211 -31.54 -51.96 -29.24
C GLU F 211 -32.90 -51.53 -29.78
N ASN F 212 -33.98 -51.72 -29.01
CA ASN F 212 -35.31 -51.33 -29.44
C ASN F 212 -35.60 -49.84 -29.26
N GLY F 213 -34.66 -49.06 -28.74
CA GLY F 213 -34.82 -47.61 -28.64
C GLY F 213 -35.15 -47.06 -27.27
N ILE F 214 -35.42 -47.90 -26.27
CA ILE F 214 -35.62 -47.40 -24.92
C ILE F 214 -34.26 -47.20 -24.27
N SER F 215 -34.09 -46.07 -23.58
CA SER F 215 -32.93 -45.83 -22.74
C SER F 215 -33.40 -45.17 -21.47
N PHE F 216 -32.66 -45.39 -20.39
CA PHE F 216 -33.06 -44.86 -19.10
C PHE F 216 -31.85 -44.72 -18.19
N PHE F 217 -32.02 -43.91 -17.13
CA PHE F 217 -31.07 -43.87 -16.04
C PHE F 217 -31.85 -43.78 -14.74
N ALA F 218 -31.21 -44.21 -13.64
CA ALA F 218 -31.83 -44.07 -12.33
C ALA F 218 -30.73 -44.00 -11.27
N GLN F 219 -30.84 -43.04 -10.37
CA GLN F 219 -29.78 -42.78 -9.41
C GLN F 219 -30.35 -42.58 -8.02
N TYR F 220 -29.59 -43.01 -7.02
CA TYR F 220 -29.94 -42.77 -5.64
C TYR F 220 -28.78 -42.09 -4.94
N LYS F 221 -29.06 -41.00 -4.23
CA LYS F 221 -28.03 -40.18 -3.60
C LYS F 221 -28.29 -40.02 -2.11
N TYR F 222 -27.26 -40.26 -1.30
CA TYR F 222 -27.33 -40.13 0.16
C TYR F 222 -26.20 -39.22 0.64
N MET F 223 -26.58 -38.10 1.28
CA MET F 223 -25.62 -37.11 1.78
C MET F 223 -25.71 -36.98 3.30
N GLU F 224 -24.58 -37.17 3.99
CA GLU F 224 -24.48 -37.00 5.43
C GLU F 224 -23.60 -35.80 5.74
N ALA F 225 -23.86 -35.17 6.89
CA ALA F 225 -23.08 -34.00 7.29
C ALA F 225 -23.02 -33.90 8.80
N ASP F 226 -21.85 -33.49 9.30
CA ASP F 226 -21.55 -33.45 10.72
C ASP F 226 -20.88 -32.12 11.05
N ALA F 227 -21.50 -31.33 11.92
CA ALA F 227 -20.90 -30.07 12.36
C ALA F 227 -19.99 -30.32 13.56
N SER F 228 -19.08 -29.37 13.82
CA SER F 228 -18.09 -29.57 14.88
C SER F 228 -18.68 -29.44 16.28
N ASN F 229 -19.88 -28.90 16.43
CA ASN F 229 -20.58 -28.90 17.70
C ASN F 229 -21.50 -30.10 17.87
N GLY F 230 -21.38 -31.12 17.02
CA GLY F 230 -22.11 -32.37 17.21
C GLY F 230 -23.40 -32.53 16.42
N VAL F 231 -23.91 -31.49 15.79
CA VAL F 231 -25.11 -31.62 14.98
C VAL F 231 -24.83 -32.53 13.79
N ASN F 232 -25.82 -33.36 13.46
CA ASN F 232 -25.72 -34.25 12.30
C ASN F 232 -26.90 -34.03 11.39
N GLU F 233 -26.63 -34.00 10.08
CA GLU F 233 -27.69 -33.87 9.08
C GLU F 233 -27.57 -35.02 8.07
N LYS F 234 -28.71 -35.46 7.56
CA LYS F 234 -28.79 -36.57 6.62
C LYS F 234 -29.91 -36.26 5.63
N GLN F 235 -29.66 -36.50 4.35
CA GLN F 235 -30.70 -36.23 3.37
C GLN F 235 -30.63 -37.22 2.23
N ASP F 236 -31.80 -37.61 1.73
CA ASP F 236 -31.91 -38.58 0.66
C ASP F 236 -32.35 -37.88 -0.62
N ALA F 237 -31.89 -38.40 -1.74
CA ALA F 237 -32.31 -37.87 -3.03
C ALA F 237 -32.29 -38.99 -4.06
N MET F 238 -33.02 -38.77 -5.14
CA MET F 238 -33.05 -39.73 -6.22
C MET F 238 -33.24 -38.99 -7.54
N SER F 239 -32.94 -39.69 -8.62
CA SER F 239 -33.08 -39.15 -9.95
C SER F 239 -33.29 -40.29 -10.93
N ALA F 240 -34.21 -40.08 -11.87
CA ALA F 240 -34.45 -41.09 -12.89
C ALA F 240 -34.94 -40.38 -14.14
N GLY F 241 -34.64 -40.99 -15.27
CA GLY F 241 -35.10 -40.48 -16.55
C GLY F 241 -35.32 -41.65 -17.48
N LEU F 242 -36.32 -41.52 -18.33
CA LEU F 242 -36.70 -42.57 -19.26
C LEU F 242 -36.80 -41.98 -20.65
N MET F 243 -36.17 -42.63 -21.63
CA MET F 243 -36.10 -42.10 -22.99
C MET F 243 -36.38 -43.18 -24.03
N TYR F 244 -37.13 -42.79 -25.05
CA TYR F 244 -37.36 -43.58 -26.25
C TYR F 244 -36.85 -42.77 -27.43
N THR F 245 -35.84 -43.28 -28.12
CA THR F 245 -35.25 -42.61 -29.27
C THR F 245 -35.58 -43.39 -30.54
N THR F 246 -36.36 -42.76 -31.44
CA THR F 246 -36.75 -43.36 -32.71
C THR F 246 -36.41 -42.39 -33.84
N GLY F 247 -35.64 -42.88 -34.80
CA GLY F 247 -35.29 -42.08 -35.96
C GLY F 247 -34.48 -40.87 -35.53
N ASP F 248 -34.99 -39.71 -35.89
CA ASP F 248 -34.35 -38.44 -35.57
C ASP F 248 -34.90 -37.84 -34.28
N TRP F 249 -35.52 -38.66 -33.42
CA TRP F 249 -36.27 -38.16 -32.28
C TRP F 249 -35.85 -38.83 -30.98
N GLN F 250 -35.83 -38.04 -29.90
CA GLN F 250 -35.64 -38.57 -28.57
C GLN F 250 -36.69 -37.96 -27.65
N TYR F 251 -37.55 -38.81 -27.11
CA TYR F 251 -38.54 -38.44 -26.11
C TYR F 251 -37.97 -38.73 -24.73
N LYS F 252 -38.07 -37.75 -23.83
CA LYS F 252 -37.45 -37.91 -22.51
C LYS F 252 -38.41 -37.49 -21.41
N LEU F 253 -38.49 -38.32 -20.39
CA LEU F 253 -39.20 -38.02 -19.14
C LEU F 253 -38.17 -38.06 -18.02
N GLY F 254 -38.13 -37.02 -17.21
CA GLY F 254 -37.14 -36.93 -16.15
C GLY F 254 -37.76 -36.64 -14.80
N TYR F 255 -37.19 -37.27 -13.77
CA TYR F 255 -37.66 -37.05 -12.40
C TYR F 255 -36.50 -37.08 -11.43
N ALA F 256 -36.50 -36.13 -10.52
CA ALA F 256 -35.51 -36.15 -9.45
C ALA F 256 -36.15 -35.55 -8.21
N ALA F 257 -35.71 -36.00 -7.05
CA ALA F 257 -36.29 -35.53 -5.81
C ALA F 257 -35.25 -35.55 -4.70
N ASN F 258 -35.35 -34.57 -3.81
CA ASN F 258 -34.77 -34.63 -2.48
C ASN F 258 -35.84 -34.88 -1.43
N PHE F 259 -35.52 -35.70 -0.44
CA PHE F 259 -36.44 -35.98 0.65
C PHE F 259 -36.09 -35.14 1.87
N ASP F 260 -37.01 -35.14 2.84
CA ASP F 260 -36.88 -34.33 4.05
C ASP F 260 -35.51 -34.49 4.70
N LEU F 261 -34.93 -33.38 5.15
CA LEU F 261 -33.65 -33.42 5.87
C LEU F 261 -33.87 -33.85 7.31
N GLU F 262 -32.96 -34.68 7.82
CA GLU F 262 -33.02 -35.16 9.20
C GLU F 262 -31.85 -34.57 9.98
N ARG F 263 -32.17 -33.77 10.99
CA ARG F 263 -31.18 -33.11 11.84
C ARG F 263 -31.33 -33.63 13.26
N ASP F 264 -30.24 -34.22 13.79
CA ASP F 264 -30.17 -34.79 15.14
C ASP F 264 -31.31 -35.77 15.38
N GLY F 265 -31.60 -36.61 14.38
CA GLY F 265 -32.69 -37.56 14.45
C GLY F 265 -34.05 -37.00 14.13
N LYS F 266 -34.23 -35.68 14.16
CA LYS F 266 -35.53 -35.05 13.90
C LYS F 266 -35.70 -34.78 12.40
N THR F 267 -36.79 -35.30 11.83
CA THR F 267 -37.15 -34.97 10.44
C THR F 267 -37.70 -33.55 10.38
N LEU F 268 -37.18 -32.75 9.44
CA LEU F 268 -37.63 -31.37 9.27
C LEU F 268 -38.79 -31.29 8.29
N SER F 269 -39.88 -30.67 8.72
CA SER F 269 -41.05 -30.62 7.89
C SER F 269 -40.79 -29.76 6.65
N ASN F 270 -41.23 -30.25 5.49
CA ASN F 270 -41.16 -29.53 4.22
C ASN F 270 -39.73 -29.15 3.81
N THR F 271 -38.78 -30.08 3.93
CA THR F 271 -37.44 -29.86 3.38
C THR F 271 -37.19 -30.71 2.13
N SER F 272 -38.24 -31.11 1.42
CA SER F 272 -38.14 -31.88 0.19
C SER F 272 -38.41 -30.99 -1.01
N ASP F 273 -37.73 -31.29 -2.13
CA ASP F 273 -38.01 -30.67 -3.41
C ASP F 273 -38.16 -31.78 -4.46
N ASP F 274 -38.91 -31.48 -5.52
CA ASP F 274 -38.88 -32.43 -6.63
C ASP F 274 -39.17 -31.71 -7.94
N VAL F 275 -38.75 -32.34 -9.03
CA VAL F 275 -38.95 -31.79 -10.36
C VAL F 275 -39.39 -32.92 -11.28
N VAL F 276 -40.40 -32.64 -12.09
CA VAL F 276 -40.83 -33.53 -13.17
C VAL F 276 -40.58 -32.78 -14.47
N SER F 277 -40.02 -33.48 -15.45
CA SER F 277 -39.59 -32.80 -16.66
C SER F 277 -39.77 -33.70 -17.85
N ALA F 278 -40.30 -33.12 -18.94
CA ALA F 278 -40.45 -33.83 -20.19
C ALA F 278 -39.78 -33.02 -21.29
N GLN F 279 -39.12 -33.73 -22.19
CA GLN F 279 -38.32 -33.06 -23.21
C GLN F 279 -38.42 -33.82 -24.52
N ILE F 280 -38.59 -33.06 -25.61
CA ILE F 280 -38.55 -33.59 -26.97
C ILE F 280 -37.27 -33.09 -27.65
N MET F 281 -36.50 -34.02 -28.19
CA MET F 281 -35.24 -33.68 -28.86
C MET F 281 -35.25 -34.17 -30.30
N TYR F 282 -34.73 -33.33 -31.20
CA TYR F 282 -34.60 -33.60 -32.64
C TYR F 282 -33.13 -33.58 -33.05
N PHE F 283 -32.64 -34.69 -33.61
CA PHE F 283 -31.28 -34.75 -34.16
C PHE F 283 -31.26 -34.10 -35.53
N VAL F 284 -31.14 -32.77 -35.54
CA VAL F 284 -31.22 -32.01 -36.76
C VAL F 284 -29.97 -32.15 -37.62
N ASP F 285 -28.89 -32.72 -37.08
CA ASP F 285 -27.61 -32.84 -37.77
C ASP F 285 -26.70 -33.72 -36.92
N PRO F 286 -25.70 -34.37 -37.52
CA PRO F 286 -24.75 -35.14 -36.69
C PRO F 286 -24.06 -34.29 -35.63
N SER F 287 -24.05 -32.97 -35.76
CA SER F 287 -23.33 -32.11 -34.84
C SER F 287 -24.24 -31.18 -34.03
N ALA F 288 -25.55 -31.33 -34.11
CA ALA F 288 -26.45 -30.42 -33.42
C ALA F 288 -27.74 -31.14 -33.08
N VAL F 289 -28.45 -30.59 -32.09
CA VAL F 289 -29.75 -31.07 -31.67
C VAL F 289 -30.63 -29.85 -31.47
N LEU F 290 -31.91 -30.00 -31.76
CA LEU F 290 -32.94 -29.04 -31.35
C LEU F 290 -33.74 -29.70 -30.24
N TYR F 291 -34.30 -28.88 -29.35
CA TYR F 291 -35.08 -29.47 -28.29
C TYR F 291 -36.13 -28.50 -27.77
N ALA F 292 -37.20 -29.08 -27.26
CA ALA F 292 -38.24 -28.38 -26.56
C ALA F 292 -38.37 -29.05 -25.21
N ARG F 293 -38.58 -28.27 -24.17
CA ARG F 293 -38.51 -28.81 -22.83
C ARG F 293 -39.49 -28.07 -21.95
N ALA F 294 -40.20 -28.82 -21.12
CA ALA F 294 -41.05 -28.26 -20.07
C ALA F 294 -40.78 -28.99 -18.76
N ARG F 295 -40.73 -28.23 -17.67
CA ARG F 295 -40.47 -28.83 -16.37
C ARG F 295 -41.14 -27.99 -15.29
N MET F 296 -41.49 -28.66 -14.18
CA MET F 296 -42.16 -28.08 -13.03
C MET F 296 -41.30 -28.36 -11.79
N ASN F 297 -40.88 -27.29 -11.12
CA ASN F 297 -40.08 -27.40 -9.90
C ASN F 297 -40.96 -27.09 -8.69
N ASP F 298 -41.05 -28.05 -7.77
CA ASP F 298 -41.71 -27.86 -6.47
C ASP F 298 -40.60 -27.90 -5.43
N PHE F 299 -40.27 -26.73 -4.87
CA PHE F 299 -39.14 -26.60 -3.96
C PHE F 299 -39.56 -26.67 -2.50
N ASN F 300 -38.56 -26.90 -1.64
CA ASN F 300 -38.75 -26.82 -0.20
C ASN F 300 -39.30 -25.45 0.20
N GLU F 301 -39.93 -25.42 1.37
CA GLU F 301 -40.60 -24.21 1.84
C GLU F 301 -39.73 -23.41 2.82
N GLY F 302 -38.49 -23.85 3.05
CA GLY F 302 -37.54 -23.14 3.89
C GLY F 302 -36.99 -23.91 5.06
N LEU F 303 -35.83 -23.50 5.55
CA LEU F 303 -35.26 -24.05 6.77
C LEU F 303 -34.17 -23.10 7.26
N ASP F 304 -33.95 -23.11 8.57
CA ASP F 304 -32.87 -22.35 9.19
C ASP F 304 -31.65 -23.24 9.34
N GLY F 305 -30.47 -22.62 9.24
CA GLY F 305 -29.21 -23.29 9.50
C GLY F 305 -28.85 -23.28 10.97
N LEU F 306 -27.57 -23.55 11.23
CA LEU F 306 -27.05 -23.65 12.59
C LEU F 306 -26.63 -22.31 13.18
N ASP F 307 -26.81 -21.20 12.47
CA ASP F 307 -26.64 -19.87 13.03
C ASP F 307 -27.98 -19.18 13.26
N ASP F 308 -29.08 -19.93 13.25
CA ASP F 308 -30.44 -19.42 13.45
C ASP F 308 -30.83 -18.38 12.38
N ALA F 309 -30.12 -18.39 11.26
CA ALA F 309 -30.47 -17.61 10.08
C ALA F 309 -30.87 -18.56 8.95
N ALA F 310 -31.62 -18.02 7.99
CA ALA F 310 -32.07 -18.81 6.85
C ALA F 310 -30.89 -19.39 6.10
N ARG F 311 -30.98 -20.67 5.74
CA ARG F 311 -29.99 -21.36 4.93
C ARG F 311 -30.43 -21.32 3.47
N TRP F 312 -29.55 -20.84 2.60
CA TRP F 312 -29.90 -20.68 1.19
C TRP F 312 -30.04 -22.04 0.52
N THR F 313 -31.05 -22.17 -0.33
CA THR F 313 -31.21 -23.35 -1.17
C THR F 313 -31.64 -22.93 -2.57
N SER F 314 -31.66 -23.90 -3.48
CA SER F 314 -32.23 -23.62 -4.79
C SER F 314 -33.72 -23.32 -4.72
N GLY F 315 -34.35 -23.52 -3.54
CA GLY F 315 -35.74 -23.19 -3.32
C GLY F 315 -35.99 -21.81 -2.76
N THR F 316 -34.94 -21.16 -2.24
CA THR F 316 -35.10 -19.83 -1.67
C THR F 316 -35.81 -18.86 -2.63
N ASN F 317 -35.47 -18.91 -3.91
CA ASN F 317 -36.00 -17.92 -4.83
C ASN F 317 -37.45 -18.20 -5.22
N GLY F 318 -37.97 -19.37 -4.87
CA GLY F 318 -39.35 -19.68 -5.12
C GLY F 318 -39.51 -20.85 -6.06
N ASP F 319 -40.66 -21.51 -5.99
CA ASP F 319 -41.00 -22.54 -6.96
C ASP F 319 -41.23 -21.89 -8.34
N TYR F 320 -40.95 -22.65 -9.40
CA TYR F 320 -41.26 -22.15 -10.73
C TYR F 320 -41.36 -23.31 -11.71
N ASN F 321 -42.13 -23.06 -12.77
CA ASN F 321 -42.22 -23.92 -13.92
C ASN F 321 -41.54 -23.23 -15.10
N GLU F 322 -41.05 -24.02 -16.06
CA GLU F 322 -40.27 -23.47 -17.16
C GLU F 322 -40.59 -24.17 -18.47
N TYR F 323 -40.81 -23.37 -19.51
CA TYR F 323 -40.99 -23.88 -20.87
C TYR F 323 -39.87 -23.32 -21.73
N SER F 324 -39.24 -24.20 -22.51
CA SER F 324 -38.03 -23.80 -23.24
C SER F 324 -37.89 -24.62 -24.52
N VAL F 325 -37.37 -23.96 -25.58
CA VAL F 325 -36.83 -24.58 -26.77
C VAL F 325 -35.37 -24.14 -26.94
N GLY F 326 -34.59 -24.96 -27.63
CA GLY F 326 -33.16 -24.65 -27.72
C GLY F 326 -32.43 -25.39 -28.81
N VAL F 327 -31.15 -25.00 -28.97
CA VAL F 327 -30.26 -25.59 -29.95
C VAL F 327 -28.88 -25.75 -29.33
N GLU F 328 -28.19 -26.85 -29.64
CA GLU F 328 -26.79 -27.04 -29.29
C GLU F 328 -26.03 -27.59 -30.49
N TYR F 329 -24.89 -26.96 -30.82
CA TYR F 329 -24.06 -27.32 -31.96
C TYR F 329 -22.61 -27.40 -31.51
N TYR F 330 -21.93 -28.48 -31.90
CA TYR F 330 -20.56 -28.76 -31.49
C TYR F 330 -19.62 -28.64 -32.67
N PHE F 331 -18.43 -28.09 -32.44
CA PHE F 331 -17.41 -28.06 -33.48
C PHE F 331 -16.01 -28.21 -32.90
N ASP G 1 4.60 -12.95 -16.16
CA ASP G 1 5.12 -11.65 -15.75
C ASP G 1 4.00 -10.82 -15.07
N GLY G 2 4.34 -9.65 -14.51
CA GLY G 2 3.40 -8.86 -13.72
C GLY G 2 3.59 -8.99 -12.21
N ALA G 3 2.62 -8.45 -11.47
CA ALA G 3 2.80 -8.30 -10.03
C ALA G 3 1.65 -8.89 -9.20
N ASN G 4 1.45 -8.34 -7.99
CA ASN G 4 0.45 -8.83 -7.05
C ASN G 4 0.14 -7.74 -6.01
N SER G 5 0.38 -6.48 -6.39
CA SER G 5 0.37 -5.35 -5.47
C SER G 5 -0.98 -5.22 -4.74
N ASP G 6 -0.98 -4.41 -3.68
CA ASP G 6 -2.18 -4.11 -2.88
C ASP G 6 -1.91 -2.89 -2.00
C1 C8E H . -14.08 13.06 28.88
C2 C8E H . -13.08 12.09 28.24
C3 C8E H . -13.01 12.22 26.71
C4 C8E H . -11.88 11.38 26.10
C5 C8E H . -12.34 10.42 25.00
C6 C8E H . -11.17 9.94 24.15
C7 C8E H . -11.51 9.79 22.67
C8 C8E H . -11.84 8.35 22.22
O9 C8E H . -11.53 8.16 20.84
C10 C8E H . -10.30 7.49 20.56
C11 C8E H . -10.25 6.76 19.20
O12 C8E H . -11.31 5.83 19.00
C1 C8E I . -12.76 19.27 31.42
C2 C8E I . -11.45 18.58 31.03
C3 C8E I . -11.54 17.78 29.72
C4 C8E I . -10.50 16.65 29.62
C5 C8E I . -9.80 16.57 28.27
C6 C8E I . -10.52 15.62 27.32
C7 C8E I . -9.56 14.71 26.54
C8 C8E I . -9.77 14.83 25.01
O9 C8E I . -8.68 14.31 24.30
C10 C8E I . -8.98 13.10 23.63
C11 C8E I . -7.70 12.47 23.09
O12 C8E I . -7.82 12.20 21.71
C1 C8E J . -14.72 17.48 26.12
C2 C8E J . -13.79 16.35 25.66
C3 C8E J . -14.04 15.97 24.21
C4 C8E J . -13.15 14.80 23.81
C5 C8E J . -12.51 14.97 22.42
C6 C8E J . -12.82 13.78 21.51
C7 C8E J . -11.69 13.51 20.53
C8 C8E J . -12.03 12.45 19.48
O9 C8E J . -11.05 12.51 18.46
C10 C8E J . -10.73 11.30 17.77
C11 C8E J . -9.83 11.65 16.57
O12 C8E J . -9.65 10.57 15.66
NA NA K . 7.74 -4.55 40.14
NA NA L . -0.81 11.29 48.75
NA NA M . -8.54 -18.70 40.38
C1 C8E N . 27.79 -12.60 -7.60
C2 C8E N . 27.18 -12.16 -6.26
C3 C8E N . 26.09 -13.10 -5.80
C4 C8E N . 25.84 -13.00 -4.30
C5 C8E N . 25.35 -14.33 -3.70
C6 C8E N . 24.86 -14.18 -2.25
C7 C8E N . 24.20 -15.47 -1.74
C8 C8E N . 24.43 -15.72 -0.25
O9 C8E N . 23.30 -15.33 0.53
C10 C8E N . 22.98 -16.18 1.62
C11 C8E N . 22.23 -15.38 2.70
O12 C8E N . 21.77 -16.24 3.72
C1 C8E O . 15.27 -40.25 -15.35
C2 C8E O . 14.94 -39.88 -16.80
C3 C8E O . 13.65 -40.55 -17.24
C4 C8E O . 12.53 -39.54 -17.51
C5 C8E O . 11.80 -39.12 -16.23
C6 C8E O . 12.41 -37.83 -15.69
C7 C8E O . 11.47 -36.91 -14.93
C8 C8E O . 12.30 -35.91 -14.12
O9 C8E O . 11.65 -34.66 -13.96
C10 C8E O . 11.06 -34.50 -12.67
C11 C8E O . 10.85 -33.03 -12.35
O12 C8E O . 12.09 -32.37 -12.17
NA NA P . 0.77 -0.41 -12.88
NA NA Q . 15.08 -4.70 -26.73
NA NA R . -7.07 -20.49 -8.10
NA NA S . -5.27 -23.29 2.97
C1 C8E T . 37.63 -12.83 -26.88
C2 C8E T . 36.29 -12.72 -26.15
C3 C8E T . 36.50 -12.67 -24.64
C4 C8E T . 35.49 -11.72 -23.96
C5 C8E T . 35.58 -11.78 -22.44
C6 C8E T . 35.41 -10.40 -21.80
C7 C8E T . 34.57 -10.42 -20.52
C8 C8E T . 35.10 -9.39 -19.52
O9 C8E T . 34.08 -8.67 -18.84
C10 C8E T . 34.20 -8.69 -17.42
C11 C8E T . 33.46 -7.48 -16.82
O12 C8E T . 33.09 -7.69 -15.46
NA NA U . 49.83 -18.96 -1.70
C1 C8E V . -12.07 50.91 -8.01
C2 C8E V . -12.63 51.15 -6.61
C3 C8E V . -12.20 52.49 -6.02
C4 C8E V . -11.11 52.36 -4.96
C5 C8E V . -11.64 52.72 -3.57
C6 C8E V . -10.52 53.15 -2.62
C7 C8E V . -11.05 53.91 -1.40
C8 C8E V . -9.95 54.03 -0.33
O9 C8E V . -10.05 55.24 0.39
C10 C8E V . -11.28 55.35 1.10
C11 C8E V . -11.30 56.62 1.96
O12 C8E V . -9.99 56.87 2.41
C1 C8E W . -14.28 15.24 10.07
C2 C8E W . -14.18 15.54 11.57
C3 C8E W . -15.36 16.37 12.06
C4 C8E W . -15.21 16.75 13.54
C5 C8E W . -16.55 17.14 14.15
C6 C8E W . -16.55 18.59 14.63
C7 C8E W . -16.05 18.74 16.05
C8 C8E W . -17.14 18.37 17.07
O9 C8E W . -17.74 19.53 17.63
C10 C8E W . -17.08 19.96 18.80
C11 C8E W . -17.99 20.93 19.58
O12 C8E W . -17.49 21.12 20.90
C1 C8E X . -13.48 20.90 26.44
C2 C8E X . -11.97 20.65 26.57
C3 C8E X . -11.25 20.62 25.22
C4 C8E X . -11.20 19.21 24.64
C5 C8E X . -9.90 18.89 23.88
C6 C8E X . -10.25 18.33 22.49
C7 C8E X . -9.05 17.73 21.76
C8 C8E X . -9.49 16.88 20.56
O9 C8E X . -8.65 17.08 19.44
C10 C8E X . -7.99 15.93 18.94
C11 C8E X . -7.80 16.13 17.43
O12 C8E X . -7.27 14.98 16.79
NA NA Y . -1.17 46.72 5.56
NA NA Z . -17.95 47.92 16.76
NA NA AA . -28.72 -2.04 -22.03
NA NA BA . -5.43 12.38 -16.40
NA NA CA . -30.70 -4.23 -42.40
NA NA DA . -28.04 -13.08 -19.88
NA NA EA . -14.21 -41.82 -16.50
NA NA FA . -16.89 -25.30 -5.50
#